data_3GR5
# 
_entry.id   3GR5 
# 
_audit_conform.dict_name       mmcif_pdbx.dic 
_audit_conform.dict_version    5.399 
_audit_conform.dict_location   http://mmcif.pdb.org/dictionaries/ascii/mmcif_pdbx.dic 
# 
loop_
_database_2.database_id 
_database_2.database_code 
_database_2.pdbx_database_accession 
_database_2.pdbx_DOI 
PDB   3GR5         pdb_00003gr5 10.2210/pdb3gr5/pdb 
RCSB  RCSB052210   ?            ?                   
WWPDB D_1000052210 ?            ?                   
# 
loop_
_pdbx_audit_revision_history.ordinal 
_pdbx_audit_revision_history.data_content_type 
_pdbx_audit_revision_history.major_revision 
_pdbx_audit_revision_history.minor_revision 
_pdbx_audit_revision_history.revision_date 
1 'Structure model' 1 0 2009-05-19 
2 'Structure model' 1 1 2011-07-13 
3 'Structure model' 1 2 2024-11-27 
# 
_pdbx_audit_revision_details.ordinal             1 
_pdbx_audit_revision_details.revision_ordinal    1 
_pdbx_audit_revision_details.data_content_type   'Structure model' 
_pdbx_audit_revision_details.provider            repository 
_pdbx_audit_revision_details.type                'Initial release' 
_pdbx_audit_revision_details.description         ? 
_pdbx_audit_revision_details.details             ? 
# 
loop_
_pdbx_audit_revision_group.ordinal 
_pdbx_audit_revision_group.revision_ordinal 
_pdbx_audit_revision_group.data_content_type 
_pdbx_audit_revision_group.group 
1 2 'Structure model' 'Version format compliance' 
2 3 'Structure model' 'Data collection'           
3 3 'Structure model' 'Database references'       
4 3 'Structure model' 'Derived calculations'      
5 3 'Structure model' 'Structure summary'         
# 
loop_
_pdbx_audit_revision_category.ordinal 
_pdbx_audit_revision_category.revision_ordinal 
_pdbx_audit_revision_category.data_content_type 
_pdbx_audit_revision_category.category 
1 3 'Structure model' chem_comp_atom            
2 3 'Structure model' chem_comp_bond            
3 3 'Structure model' database_2                
4 3 'Structure model' pdbx_entry_details        
5 3 'Structure model' pdbx_modification_feature 
6 3 'Structure model' struct_ref_seq_dif        
7 3 'Structure model' struct_site               
# 
loop_
_pdbx_audit_revision_item.ordinal 
_pdbx_audit_revision_item.revision_ordinal 
_pdbx_audit_revision_item.data_content_type 
_pdbx_audit_revision_item.item 
1 3 'Structure model' '_database_2.pdbx_DOI'                
2 3 'Structure model' '_database_2.pdbx_database_accession' 
3 3 'Structure model' '_struct_ref_seq_dif.details'         
4 3 'Structure model' '_struct_site.pdbx_auth_asym_id'      
5 3 'Structure model' '_struct_site.pdbx_auth_comp_id'      
6 3 'Structure model' '_struct_site.pdbx_auth_seq_id'       
# 
_pdbx_database_status.entry_id                        3GR5 
_pdbx_database_status.deposit_site                    RCSB 
_pdbx_database_status.process_site                    RCSB 
_pdbx_database_status.recvd_initial_deposition_date   2009-03-24 
_pdbx_database_status.status_code                     REL 
_pdbx_database_status.status_code_sf                  REL 
_pdbx_database_status.status_code_mr                  ? 
_pdbx_database_status.SG_entry                        ? 
_pdbx_database_status.pdb_format_compatible           Y 
_pdbx_database_status.status_code_cs                  ? 
_pdbx_database_status.status_code_nmr_data            ? 
_pdbx_database_status.methods_development_category    ? 
# 
loop_
_pdbx_database_related.db_name 
_pdbx_database_related.db_id 
_pdbx_database_related.details 
_pdbx_database_related.content_type 
PDB 3GR0 'Periplasmic domain of the T3SS inner membrane protein PrgH from S.typhimurium (fragment 170-362)' unspecified 
PDB 3GR1 'Periplasmic domain of the T3SS inner membrane protein PrgH from S.typhimurium (fragment 170-392)' unspecified 
# 
loop_
_audit_author.name 
_audit_author.pdbx_ordinal 
'Yip, C.K.'         1 
'Vockovic, M.'      2 
'Strynadka, N.C.J.' 3 
# 
_citation.id                        primary 
_citation.title                     
'A conserved structural motif mediates formation of the periplasmic rings in the type III secretion system.' 
_citation.journal_abbrev            Nat.Struct.Mol.Biol. 
_citation.journal_volume            16 
_citation.page_first                468 
_citation.page_last                 476 
_citation.year                      2009 
_citation.journal_id_ASTM           ? 
_citation.country                   US 
_citation.journal_id_ISSN           1545-9993 
_citation.journal_id_CSD            ? 
_citation.book_publisher            ? 
_citation.pdbx_database_id_PubMed   19396170 
_citation.pdbx_database_id_DOI      10.1038/nsmb.1603 
# 
loop_
_citation_author.citation_id 
_citation_author.name 
_citation_author.ordinal 
_citation_author.identifier_ORCID 
primary 'Spreter, T.'     1  ? 
primary 'Yip, C.K.'       2  ? 
primary 'Sanowar, S.'     3  ? 
primary 'Andre, I.'       4  ? 
primary 'Kimbrough, T.G.' 5  ? 
primary 'Vuckovic, M.'    6  ? 
primary 'Pfuetzner, R.A.' 7  ? 
primary 'Deng, W.'        8  ? 
primary 'Yu, A.C.'        9  ? 
primary 'Finlay, B.B.'    10 ? 
primary 'Baker, D.'       11 ? 
primary 'Miller, S.I.'    12 ? 
primary 'Strynadka, N.C.' 13 ? 
# 
loop_
_entity.id 
_entity.type 
_entity.src_method 
_entity.pdbx_description 
_entity.formula_weight 
_entity.pdbx_number_of_molecules 
_entity.pdbx_ec 
_entity.pdbx_mutation 
_entity.pdbx_fragment 
_entity.details 
1 polymer     man EscC          17857.307 1  ? ? 'EscC periplasmic domain, residues 21-174' ? 
2 non-polymer syn 'SULFATE ION' 96.063    3  ? ? ?                                          ? 
3 water       nat water         18.015    77 ? ? ?                                          ? 
# 
_entity_poly.entity_id                      1 
_entity_poly.type                           'polypeptide(L)' 
_entity_poly.nstd_linkage                   no 
_entity_poly.nstd_monomer                   no 
_entity_poly.pdbx_seq_one_letter_code       
;GSHMSSLEKRLGKNEYFIITKSSPVRAILNDFAANYSIPVFISSSVNDDFSGEIKNEKPVKVLEKLSKLYHLTWYYDENI
LYIYKTNEISRSIITPTYLDIDSLLKYLSDTISVNKNSCNVRKITTFNSIEVRGVPECIKYITSLSESLDKEAQSK
;
_entity_poly.pdbx_seq_one_letter_code_can   
;GSHMSSLEKRLGKNEYFIITKSSPVRAILNDFAANYSIPVFISSSVNDDFSGEIKNEKPVKVLEKLSKLYHLTWYYDENI
LYIYKTNEISRSIITPTYLDIDSLLKYLSDTISVNKNSCNVRKITTFNSIEVRGVPECIKYITSLSESLDKEAQSK
;
_entity_poly.pdbx_strand_id                 A 
_entity_poly.pdbx_target_identifier         ? 
# 
loop_
_pdbx_entity_nonpoly.entity_id 
_pdbx_entity_nonpoly.name 
_pdbx_entity_nonpoly.comp_id 
2 'SULFATE ION' SO4 
3 water         HOH 
# 
loop_
_entity_poly_seq.entity_id 
_entity_poly_seq.num 
_entity_poly_seq.mon_id 
_entity_poly_seq.hetero 
1 1   GLY n 
1 2   SER n 
1 3   HIS n 
1 4   MET n 
1 5   SER n 
1 6   SER n 
1 7   LEU n 
1 8   GLU n 
1 9   LYS n 
1 10  ARG n 
1 11  LEU n 
1 12  GLY n 
1 13  LYS n 
1 14  ASN n 
1 15  GLU n 
1 16  TYR n 
1 17  PHE n 
1 18  ILE n 
1 19  ILE n 
1 20  THR n 
1 21  LYS n 
1 22  SER n 
1 23  SER n 
1 24  PRO n 
1 25  VAL n 
1 26  ARG n 
1 27  ALA n 
1 28  ILE n 
1 29  LEU n 
1 30  ASN n 
1 31  ASP n 
1 32  PHE n 
1 33  ALA n 
1 34  ALA n 
1 35  ASN n 
1 36  TYR n 
1 37  SER n 
1 38  ILE n 
1 39  PRO n 
1 40  VAL n 
1 41  PHE n 
1 42  ILE n 
1 43  SER n 
1 44  SER n 
1 45  SER n 
1 46  VAL n 
1 47  ASN n 
1 48  ASP n 
1 49  ASP n 
1 50  PHE n 
1 51  SER n 
1 52  GLY n 
1 53  GLU n 
1 54  ILE n 
1 55  LYS n 
1 56  ASN n 
1 57  GLU n 
1 58  LYS n 
1 59  PRO n 
1 60  VAL n 
1 61  LYS n 
1 62  VAL n 
1 63  LEU n 
1 64  GLU n 
1 65  LYS n 
1 66  LEU n 
1 67  SER n 
1 68  LYS n 
1 69  LEU n 
1 70  TYR n 
1 71  HIS n 
1 72  LEU n 
1 73  THR n 
1 74  TRP n 
1 75  TYR n 
1 76  TYR n 
1 77  ASP n 
1 78  GLU n 
1 79  ASN n 
1 80  ILE n 
1 81  LEU n 
1 82  TYR n 
1 83  ILE n 
1 84  TYR n 
1 85  LYS n 
1 86  THR n 
1 87  ASN n 
1 88  GLU n 
1 89  ILE n 
1 90  SER n 
1 91  ARG n 
1 92  SER n 
1 93  ILE n 
1 94  ILE n 
1 95  THR n 
1 96  PRO n 
1 97  THR n 
1 98  TYR n 
1 99  LEU n 
1 100 ASP n 
1 101 ILE n 
1 102 ASP n 
1 103 SER n 
1 104 LEU n 
1 105 LEU n 
1 106 LYS n 
1 107 TYR n 
1 108 LEU n 
1 109 SER n 
1 110 ASP n 
1 111 THR n 
1 112 ILE n 
1 113 SER n 
1 114 VAL n 
1 115 ASN n 
1 116 LYS n 
1 117 ASN n 
1 118 SER n 
1 119 CYS n 
1 120 ASN n 
1 121 VAL n 
1 122 ARG n 
1 123 LYS n 
1 124 ILE n 
1 125 THR n 
1 126 THR n 
1 127 PHE n 
1 128 ASN n 
1 129 SER n 
1 130 ILE n 
1 131 GLU n 
1 132 VAL n 
1 133 ARG n 
1 134 GLY n 
1 135 VAL n 
1 136 PRO n 
1 137 GLU n 
1 138 CYS n 
1 139 ILE n 
1 140 LYS n 
1 141 TYR n 
1 142 ILE n 
1 143 THR n 
1 144 SER n 
1 145 LEU n 
1 146 SER n 
1 147 GLU n 
1 148 SER n 
1 149 LEU n 
1 150 ASP n 
1 151 LYS n 
1 152 GLU n 
1 153 ALA n 
1 154 GLN n 
1 155 SER n 
1 156 LYS n 
# 
_entity_src_gen.entity_id                          1 
_entity_src_gen.pdbx_src_id                        1 
_entity_src_gen.pdbx_alt_source_flag               sample 
_entity_src_gen.pdbx_seq_type                      ? 
_entity_src_gen.pdbx_beg_seq_num                   ? 
_entity_src_gen.pdbx_end_seq_num                   ? 
_entity_src_gen.gene_src_common_name               ? 
_entity_src_gen.gene_src_genus                     ? 
_entity_src_gen.pdbx_gene_src_gene                 escC 
_entity_src_gen.gene_src_species                   ? 
_entity_src_gen.gene_src_strain                    ? 
_entity_src_gen.gene_src_tissue                    ? 
_entity_src_gen.gene_src_tissue_fraction           ? 
_entity_src_gen.gene_src_details                   ? 
_entity_src_gen.pdbx_gene_src_fragment             ? 
_entity_src_gen.pdbx_gene_src_scientific_name      'Escherichia coli' 
_entity_src_gen.pdbx_gene_src_ncbi_taxonomy_id     562 
_entity_src_gen.pdbx_gene_src_variant              ? 
_entity_src_gen.pdbx_gene_src_cell_line            ? 
_entity_src_gen.pdbx_gene_src_atcc                 ? 
_entity_src_gen.pdbx_gene_src_organ                ? 
_entity_src_gen.pdbx_gene_src_organelle            ? 
_entity_src_gen.pdbx_gene_src_cell                 ? 
_entity_src_gen.pdbx_gene_src_cellular_location    ? 
_entity_src_gen.host_org_common_name               ? 
_entity_src_gen.pdbx_host_org_scientific_name      'Escherichia coli' 
_entity_src_gen.pdbx_host_org_ncbi_taxonomy_id     562 
_entity_src_gen.host_org_genus                     ? 
_entity_src_gen.pdbx_host_org_gene                 ? 
_entity_src_gen.pdbx_host_org_organ                ? 
_entity_src_gen.host_org_species                   ? 
_entity_src_gen.pdbx_host_org_tissue               ? 
_entity_src_gen.pdbx_host_org_tissue_fraction      ? 
_entity_src_gen.pdbx_host_org_strain               ? 
_entity_src_gen.pdbx_host_org_variant              ? 
_entity_src_gen.pdbx_host_org_cell_line            ? 
_entity_src_gen.pdbx_host_org_atcc                 ? 
_entity_src_gen.pdbx_host_org_culture_collection   ? 
_entity_src_gen.pdbx_host_org_cell                 ? 
_entity_src_gen.pdbx_host_org_organelle            ? 
_entity_src_gen.pdbx_host_org_cellular_location    ? 
_entity_src_gen.pdbx_host_org_vector_type          ? 
_entity_src_gen.pdbx_host_org_vector               ? 
_entity_src_gen.host_org_details                   ? 
_entity_src_gen.expression_system_id               ? 
_entity_src_gen.plasmid_name                       ? 
_entity_src_gen.plasmid_details                    ? 
_entity_src_gen.pdbx_description                   ? 
# 
loop_
_chem_comp.id 
_chem_comp.type 
_chem_comp.mon_nstd_flag 
_chem_comp.name 
_chem_comp.pdbx_synonyms 
_chem_comp.formula 
_chem_comp.formula_weight 
ALA 'L-peptide linking' y ALANINE         ? 'C3 H7 N O2'     89.093  
ARG 'L-peptide linking' y ARGININE        ? 'C6 H15 N4 O2 1' 175.209 
ASN 'L-peptide linking' y ASPARAGINE      ? 'C4 H8 N2 O3'    132.118 
ASP 'L-peptide linking' y 'ASPARTIC ACID' ? 'C4 H7 N O4'     133.103 
CYS 'L-peptide linking' y CYSTEINE        ? 'C3 H7 N O2 S'   121.158 
GLN 'L-peptide linking' y GLUTAMINE       ? 'C5 H10 N2 O3'   146.144 
GLU 'L-peptide linking' y 'GLUTAMIC ACID' ? 'C5 H9 N O4'     147.129 
GLY 'peptide linking'   y GLYCINE         ? 'C2 H5 N O2'     75.067  
HIS 'L-peptide linking' y HISTIDINE       ? 'C6 H10 N3 O2 1' 156.162 
HOH non-polymer         . WATER           ? 'H2 O'           18.015  
ILE 'L-peptide linking' y ISOLEUCINE      ? 'C6 H13 N O2'    131.173 
LEU 'L-peptide linking' y LEUCINE         ? 'C6 H13 N O2'    131.173 
LYS 'L-peptide linking' y LYSINE          ? 'C6 H15 N2 O2 1' 147.195 
MET 'L-peptide linking' y METHIONINE      ? 'C5 H11 N O2 S'  149.211 
PHE 'L-peptide linking' y PHENYLALANINE   ? 'C9 H11 N O2'    165.189 
PRO 'L-peptide linking' y PROLINE         ? 'C5 H9 N O2'     115.130 
SER 'L-peptide linking' y SERINE          ? 'C3 H7 N O3'     105.093 
SO4 non-polymer         . 'SULFATE ION'   ? 'O4 S -2'        96.063  
THR 'L-peptide linking' y THREONINE       ? 'C4 H9 N O3'     119.119 
TRP 'L-peptide linking' y TRYPTOPHAN      ? 'C11 H12 N2 O2'  204.225 
TYR 'L-peptide linking' y TYROSINE        ? 'C9 H11 N O3'    181.189 
VAL 'L-peptide linking' y VALINE          ? 'C5 H11 N O2'    117.146 
# 
loop_
_pdbx_poly_seq_scheme.asym_id 
_pdbx_poly_seq_scheme.entity_id 
_pdbx_poly_seq_scheme.seq_id 
_pdbx_poly_seq_scheme.mon_id 
_pdbx_poly_seq_scheme.ndb_seq_num 
_pdbx_poly_seq_scheme.pdb_seq_num 
_pdbx_poly_seq_scheme.auth_seq_num 
_pdbx_poly_seq_scheme.pdb_mon_id 
_pdbx_poly_seq_scheme.auth_mon_id 
_pdbx_poly_seq_scheme.pdb_strand_id 
_pdbx_poly_seq_scheme.pdb_ins_code 
_pdbx_poly_seq_scheme.hetero 
A 1 1   GLY 1   18  ?   ?   ?   A . n 
A 1 2   SER 2   19  ?   ?   ?   A . n 
A 1 3   HIS 3   20  ?   ?   ?   A . n 
A 1 4   MET 4   21  21  MET MET A . n 
A 1 5   SER 5   22  22  SER SER A . n 
A 1 6   SER 6   23  23  SER SER A . n 
A 1 7   LEU 7   24  24  LEU LEU A . n 
A 1 8   GLU 8   25  25  GLU GLU A . n 
A 1 9   LYS 9   26  26  LYS LYS A . n 
A 1 10  ARG 10  27  27  ARG ARG A . n 
A 1 11  LEU 11  28  28  LEU LEU A . n 
A 1 12  GLY 12  29  29  GLY GLY A . n 
A 1 13  LYS 13  30  30  LYS LYS A . n 
A 1 14  ASN 14  31  31  ASN ASN A . n 
A 1 15  GLU 15  32  32  GLU GLU A . n 
A 1 16  TYR 16  33  33  TYR TYR A . n 
A 1 17  PHE 17  34  34  PHE PHE A . n 
A 1 18  ILE 18  35  35  ILE ILE A . n 
A 1 19  ILE 19  36  36  ILE ILE A . n 
A 1 20  THR 20  37  37  THR THR A . n 
A 1 21  LYS 21  38  38  LYS LYS A . n 
A 1 22  SER 22  39  39  SER SER A . n 
A 1 23  SER 23  40  40  SER SER A . n 
A 1 24  PRO 24  41  41  PRO PRO A . n 
A 1 25  VAL 25  42  42  VAL VAL A . n 
A 1 26  ARG 26  43  43  ARG ARG A . n 
A 1 27  ALA 27  44  44  ALA ALA A . n 
A 1 28  ILE 28  45  45  ILE ILE A . n 
A 1 29  LEU 29  46  46  LEU LEU A . n 
A 1 30  ASN 30  47  47  ASN ASN A . n 
A 1 31  ASP 31  48  48  ASP ASP A . n 
A 1 32  PHE 32  49  49  PHE PHE A . n 
A 1 33  ALA 33  50  50  ALA ALA A . n 
A 1 34  ALA 34  51  51  ALA ALA A . n 
A 1 35  ASN 35  52  52  ASN ASN A . n 
A 1 36  TYR 36  53  53  TYR TYR A . n 
A 1 37  SER 37  54  54  SER SER A . n 
A 1 38  ILE 38  55  55  ILE ILE A . n 
A 1 39  PRO 39  56  56  PRO PRO A . n 
A 1 40  VAL 40  57  57  VAL VAL A . n 
A 1 41  PHE 41  58  58  PHE PHE A . n 
A 1 42  ILE 42  59  59  ILE ILE A . n 
A 1 43  SER 43  60  60  SER SER A . n 
A 1 44  SER 44  61  61  SER SER A . n 
A 1 45  SER 45  62  62  SER SER A . n 
A 1 46  VAL 46  63  63  VAL VAL A . n 
A 1 47  ASN 47  64  64  ASN ASN A . n 
A 1 48  ASP 48  65  65  ASP ASP A . n 
A 1 49  ASP 49  66  66  ASP ASP A . n 
A 1 50  PHE 50  67  67  PHE PHE A . n 
A 1 51  SER 51  68  68  SER SER A . n 
A 1 52  GLY 52  69  69  GLY GLY A . n 
A 1 53  GLU 53  70  70  GLU GLU A . n 
A 1 54  ILE 54  71  71  ILE ILE A . n 
A 1 55  LYS 55  72  72  LYS LYS A . n 
A 1 56  ASN 56  73  73  ASN ASN A . n 
A 1 57  GLU 57  74  74  GLU GLU A . n 
A 1 58  LYS 58  75  75  LYS LYS A . n 
A 1 59  PRO 59  76  76  PRO PRO A . n 
A 1 60  VAL 60  77  77  VAL VAL A . n 
A 1 61  LYS 61  78  78  LYS LYS A . n 
A 1 62  VAL 62  79  79  VAL VAL A . n 
A 1 63  LEU 63  80  80  LEU LEU A . n 
A 1 64  GLU 64  81  81  GLU GLU A . n 
A 1 65  LYS 65  82  82  LYS LYS A . n 
A 1 66  LEU 66  83  83  LEU LEU A . n 
A 1 67  SER 67  84  84  SER SER A . n 
A 1 68  LYS 68  85  85  LYS LYS A . n 
A 1 69  LEU 69  86  86  LEU LEU A . n 
A 1 70  TYR 70  87  87  TYR TYR A . n 
A 1 71  HIS 71  88  88  HIS HIS A . n 
A 1 72  LEU 72  89  89  LEU LEU A . n 
A 1 73  THR 73  90  90  THR THR A . n 
A 1 74  TRP 74  91  91  TRP TRP A . n 
A 1 75  TYR 75  92  92  TYR TYR A . n 
A 1 76  TYR 76  93  93  TYR TYR A . n 
A 1 77  ASP 77  94  94  ASP ASP A . n 
A 1 78  GLU 78  95  95  GLU GLU A . n 
A 1 79  ASN 79  96  96  ASN ASN A . n 
A 1 80  ILE 80  97  97  ILE ILE A . n 
A 1 81  LEU 81  98  98  LEU LEU A . n 
A 1 82  TYR 82  99  99  TYR TYR A . n 
A 1 83  ILE 83  100 100 ILE ILE A . n 
A 1 84  TYR 84  101 101 TYR TYR A . n 
A 1 85  LYS 85  102 102 LYS LYS A . n 
A 1 86  THR 86  103 103 THR THR A . n 
A 1 87  ASN 87  104 104 ASN ASN A . n 
A 1 88  GLU 88  105 105 GLU GLU A . n 
A 1 89  ILE 89  106 106 ILE ILE A . n 
A 1 90  SER 90  107 107 SER SER A . n 
A 1 91  ARG 91  108 108 ARG ARG A . n 
A 1 92  SER 92  109 109 SER SER A . n 
A 1 93  ILE 93  110 110 ILE ILE A . n 
A 1 94  ILE 94  111 111 ILE ILE A . n 
A 1 95  THR 95  112 112 THR THR A . n 
A 1 96  PRO 96  113 113 PRO PRO A . n 
A 1 97  THR 97  114 114 THR THR A . n 
A 1 98  TYR 98  115 115 TYR TYR A . n 
A 1 99  LEU 99  116 116 LEU LEU A . n 
A 1 100 ASP 100 117 117 ASP ASP A . n 
A 1 101 ILE 101 118 118 ILE ILE A . n 
A 1 102 ASP 102 119 119 ASP ASP A . n 
A 1 103 SER 103 120 120 SER SER A . n 
A 1 104 LEU 104 121 121 LEU LEU A . n 
A 1 105 LEU 105 122 122 LEU LEU A . n 
A 1 106 LYS 106 123 123 LYS LYS A . n 
A 1 107 TYR 107 124 124 TYR TYR A . n 
A 1 108 LEU 108 125 125 LEU LEU A . n 
A 1 109 SER 109 126 126 SER SER A . n 
A 1 110 ASP 110 127 127 ASP ASP A . n 
A 1 111 THR 111 128 128 THR THR A . n 
A 1 112 ILE 112 129 129 ILE ILE A . n 
A 1 113 SER 113 130 130 SER SER A . n 
A 1 114 VAL 114 131 131 VAL VAL A . n 
A 1 115 ASN 115 132 132 ASN ASN A . n 
A 1 116 LYS 116 133 133 LYS LYS A . n 
A 1 117 ASN 117 134 134 ASN ASN A . n 
A 1 118 SER 118 135 135 SER SER A . n 
A 1 119 CYS 119 136 136 CYS CYS A . n 
A 1 120 ASN 120 137 137 ASN ASN A . n 
A 1 121 VAL 121 138 138 VAL VAL A . n 
A 1 122 ARG 122 139 139 ARG ARG A . n 
A 1 123 LYS 123 140 140 LYS LYS A . n 
A 1 124 ILE 124 141 141 ILE ILE A . n 
A 1 125 THR 125 142 142 THR THR A . n 
A 1 126 THR 126 143 143 THR THR A . n 
A 1 127 PHE 127 144 144 PHE PHE A . n 
A 1 128 ASN 128 145 145 ASN ASN A . n 
A 1 129 SER 129 146 146 SER SER A . n 
A 1 130 ILE 130 147 147 ILE ILE A . n 
A 1 131 GLU 131 148 148 GLU GLU A . n 
A 1 132 VAL 132 149 149 VAL VAL A . n 
A 1 133 ARG 133 150 150 ARG ARG A . n 
A 1 134 GLY 134 151 151 GLY GLY A . n 
A 1 135 VAL 135 152 152 VAL VAL A . n 
A 1 136 PRO 136 153 153 PRO PRO A . n 
A 1 137 GLU 137 154 154 GLU GLU A . n 
A 1 138 CYS 138 155 155 CYS CYS A . n 
A 1 139 ILE 139 156 156 ILE ILE A . n 
A 1 140 LYS 140 157 157 LYS LYS A . n 
A 1 141 TYR 141 158 158 TYR TYR A . n 
A 1 142 ILE 142 159 159 ILE ILE A . n 
A 1 143 THR 143 160 160 THR THR A . n 
A 1 144 SER 144 161 161 SER SER A . n 
A 1 145 LEU 145 162 162 LEU LEU A . n 
A 1 146 SER 146 163 163 SER SER A . n 
A 1 147 GLU 147 164 164 GLU GLU A . n 
A 1 148 SER 148 165 165 SER SER A . n 
A 1 149 LEU 149 166 166 LEU LEU A . n 
A 1 150 ASP 150 167 167 ASP ASP A . n 
A 1 151 LYS 151 168 168 LYS LYS A . n 
A 1 152 GLU 152 169 169 GLU GLU A . n 
A 1 153 ALA 153 170 170 ALA ALA A . n 
A 1 154 GLN 154 171 171 GLN GLN A . n 
A 1 155 SER 155 172 172 SER SER A . n 
A 1 156 LYS 156 173 173 LYS LYS A . n 
# 
loop_
_pdbx_nonpoly_scheme.asym_id 
_pdbx_nonpoly_scheme.entity_id 
_pdbx_nonpoly_scheme.mon_id 
_pdbx_nonpoly_scheme.ndb_seq_num 
_pdbx_nonpoly_scheme.pdb_seq_num 
_pdbx_nonpoly_scheme.auth_seq_num 
_pdbx_nonpoly_scheme.pdb_mon_id 
_pdbx_nonpoly_scheme.auth_mon_id 
_pdbx_nonpoly_scheme.pdb_strand_id 
_pdbx_nonpoly_scheme.pdb_ins_code 
B 2 SO4 1  1   1  SO4 SO4 A . 
C 2 SO4 1  2   2  SO4 SO4 A . 
D 2 SO4 1  3   3  SO4 SO4 A . 
E 3 HOH 1  4   4  HOH HOH A . 
E 3 HOH 2  5   5  HOH HOH A . 
E 3 HOH 3  6   6  HOH HOH A . 
E 3 HOH 4  7   7  HOH HOH A . 
E 3 HOH 5  8   8  HOH HOH A . 
E 3 HOH 6  9   9  HOH HOH A . 
E 3 HOH 7  10  10 HOH HOH A . 
E 3 HOH 8  11  11 HOH HOH A . 
E 3 HOH 9  12  12 HOH HOH A . 
E 3 HOH 10 13  13 HOH HOH A . 
E 3 HOH 11 14  14 HOH HOH A . 
E 3 HOH 12 16  16 HOH HOH A . 
E 3 HOH 13 17  17 HOH HOH A . 
E 3 HOH 14 174 1  HOH HOH A . 
E 3 HOH 15 175 2  HOH HOH A . 
E 3 HOH 16 176 3  HOH HOH A . 
E 3 HOH 17 177 18 HOH HOH A . 
E 3 HOH 18 178 19 HOH HOH A . 
E 3 HOH 19 179 20 HOH HOH A . 
E 3 HOH 20 180 21 HOH HOH A . 
E 3 HOH 21 181 22 HOH HOH A . 
E 3 HOH 22 182 23 HOH HOH A . 
E 3 HOH 23 183 24 HOH HOH A . 
E 3 HOH 24 184 25 HOH HOH A . 
E 3 HOH 25 185 26 HOH HOH A . 
E 3 HOH 26 186 27 HOH HOH A . 
E 3 HOH 27 187 28 HOH HOH A . 
E 3 HOH 28 188 29 HOH HOH A . 
E 3 HOH 29 189 30 HOH HOH A . 
E 3 HOH 30 190 31 HOH HOH A . 
E 3 HOH 31 191 32 HOH HOH A . 
E 3 HOH 32 192 33 HOH HOH A . 
E 3 HOH 33 193 34 HOH HOH A . 
E 3 HOH 34 194 35 HOH HOH A . 
E 3 HOH 35 195 36 HOH HOH A . 
E 3 HOH 36 196 37 HOH HOH A . 
E 3 HOH 37 197 38 HOH HOH A . 
E 3 HOH 38 198 39 HOH HOH A . 
E 3 HOH 39 199 40 HOH HOH A . 
E 3 HOH 40 200 41 HOH HOH A . 
E 3 HOH 41 201 42 HOH HOH A . 
E 3 HOH 42 202 43 HOH HOH A . 
E 3 HOH 43 203 44 HOH HOH A . 
E 3 HOH 44 204 45 HOH HOH A . 
E 3 HOH 45 205 46 HOH HOH A . 
E 3 HOH 46 206 47 HOH HOH A . 
E 3 HOH 47 207 48 HOH HOH A . 
E 3 HOH 48 208 49 HOH HOH A . 
E 3 HOH 49 209 50 HOH HOH A . 
E 3 HOH 50 210 51 HOH HOH A . 
E 3 HOH 51 211 52 HOH HOH A . 
E 3 HOH 52 212 53 HOH HOH A . 
E 3 HOH 53 213 54 HOH HOH A . 
E 3 HOH 54 214 55 HOH HOH A . 
E 3 HOH 55 215 56 HOH HOH A . 
E 3 HOH 56 216 57 HOH HOH A . 
E 3 HOH 57 217 58 HOH HOH A . 
E 3 HOH 58 218 59 HOH HOH A . 
E 3 HOH 59 219 60 HOH HOH A . 
E 3 HOH 60 220 61 HOH HOH A . 
E 3 HOH 61 221 62 HOH HOH A . 
E 3 HOH 62 222 63 HOH HOH A . 
E 3 HOH 63 223 64 HOH HOH A . 
E 3 HOH 64 224 65 HOH HOH A . 
E 3 HOH 65 225 66 HOH HOH A . 
E 3 HOH 66 226 67 HOH HOH A . 
E 3 HOH 67 227 68 HOH HOH A . 
E 3 HOH 68 228 69 HOH HOH A . 
E 3 HOH 69 229 70 HOH HOH A . 
E 3 HOH 70 230 71 HOH HOH A . 
E 3 HOH 71 231 72 HOH HOH A . 
E 3 HOH 72 232 73 HOH HOH A . 
E 3 HOH 73 233 74 HOH HOH A . 
E 3 HOH 74 234 75 HOH HOH A . 
E 3 HOH 75 235 76 HOH HOH A . 
E 3 HOH 76 236 77 HOH HOH A . 
E 3 HOH 77 237 78 HOH HOH A . 
# 
loop_
_software.name 
_software.version 
_software.date 
_software.type 
_software.contact_author 
_software.contact_author_email 
_software.classification 
_software.location 
_software.language 
_software.citation_id 
_software.pdbx_ordinal 
REFMAC      5.1.24 ?               program 'Garib N. Murshudov' garib@ysbl.york.ac.uk refinement        
http://www.ccp4.ac.uk/dist/html/refmac5.html Fortran_77 ? 1 
PDB_EXTRACT 3.006  'June 11, 2008' package PDB                  help@deposit.rcsb.org 'data extraction' 
http://sw-tools.pdb.org/apps/PDB_EXTRACT/    C++        ? 2 
# 
_cell.length_a           90.645 
_cell.length_b           90.645 
_cell.length_c           133.422 
_cell.angle_alpha        90.000 
_cell.angle_beta         90.000 
_cell.angle_gamma        120.000 
_cell.entry_id           3GR5 
_cell.pdbx_unique_axis   ? 
_cell.Z_PDB              12 
_cell.length_a_esd       ? 
_cell.length_b_esd       ? 
_cell.length_c_esd       ? 
_cell.angle_alpha_esd    ? 
_cell.angle_beta_esd     ? 
_cell.angle_gamma_esd    ? 
# 
_symmetry.space_group_name_H-M             'P 65 2 2' 
_symmetry.entry_id                         3GR5 
_symmetry.pdbx_full_space_group_name_H-M   ? 
_symmetry.Int_Tables_number                179 
_symmetry.cell_setting                     ? 
_symmetry.space_group_name_Hall            ? 
# 
_exptl.crystals_number   1 
_exptl.entry_id          3GR5 
_exptl.method            'X-RAY DIFFRACTION' 
# 
_exptl_crystal.id                    1 
_exptl_crystal.density_Matthews      4.43 
_exptl_crystal.density_meas          ? 
_exptl_crystal.density_percent_sol   72.24 
_exptl_crystal.description           ? 
_exptl_crystal.F_000                 ? 
_exptl_crystal.preparation           ? 
# 
_exptl_crystal_grow.crystal_id      1 
_exptl_crystal_grow.method          ? 
_exptl_crystal_grow.pH              ? 
_exptl_crystal_grow.temp            ? 
_exptl_crystal_grow.pdbx_details    'microbatch, 2.0 M Ammonium sulfate + 0.1 M sodium acetate pH 4.5 or Bis-Tris pH 6.5' 
_exptl_crystal_grow.temp_details    ? 
_exptl_crystal_grow.pdbx_pH_range   ? 
# 
_diffrn.id                     1 
_diffrn.ambient_temp           ? 
_diffrn.ambient_temp_details   ? 
_diffrn.crystal_id             1 
# 
_diffrn_detector.diffrn_id              1 
_diffrn_detector.detector               CCD 
_diffrn_detector.type                   'ADSC QUANTUM 315' 
_diffrn_detector.pdbx_collection_date   ? 
_diffrn_detector.details                ? 
# 
_diffrn_radiation.diffrn_id                        1 
_diffrn_radiation.pdbx_diffrn_protocol             'SINGLE WAVELENGTH' 
_diffrn_radiation.monochromator                    ? 
_diffrn_radiation.wavelength_id                    1 
_diffrn_radiation.pdbx_monochromatic_or_laue_m_l   M 
_diffrn_radiation.pdbx_scattering_type             x-ray 
# 
_diffrn_radiation_wavelength.id           1 
_diffrn_radiation_wavelength.wavelength   . 
_diffrn_radiation_wavelength.wt           1.0 
# 
_diffrn_source.diffrn_id                   1 
_diffrn_source.source                      SYNCHROTRON 
_diffrn_source.type                        'ALS BEAMLINE 8.3.1' 
_diffrn_source.pdbx_wavelength_list        ? 
_diffrn_source.pdbx_wavelength             ? 
_diffrn_source.pdbx_synchrotron_site       ALS 
_diffrn_source.pdbx_synchrotron_beamline   8.3.1 
# 
_reflns.entry_id                     3GR5 
_reflns.observed_criterion_sigma_F   ? 
_reflns.observed_criterion_sigma_I   ? 
_reflns.d_resolution_high            2.05 
_reflns.d_resolution_low             18.7 
_reflns.number_all                   ? 
_reflns.number_obs                   20942 
_reflns.percent_possible_obs         100 
_reflns.pdbx_Rmerge_I_obs            ? 
_reflns.pdbx_Rsym_value              ? 
_reflns.pdbx_netI_over_sigmaI        ? 
_reflns.B_iso_Wilson_estimate        ? 
_reflns.pdbx_redundancy              ? 
_reflns.R_free_details               ? 
_reflns.limit_h_max                  ? 
_reflns.limit_h_min                  ? 
_reflns.limit_k_max                  ? 
_reflns.limit_k_min                  ? 
_reflns.limit_l_max                  ? 
_reflns.limit_l_min                  ? 
_reflns.observed_criterion_F_max     ? 
_reflns.observed_criterion_F_min     ? 
_reflns.pdbx_chi_squared             ? 
_reflns.pdbx_scaling_rejects         ? 
_reflns.pdbx_diffrn_id               1 
_reflns.pdbx_ordinal                 1 
# 
_refine.entry_id                                 3GR5 
_refine.ls_d_res_high                            2.050 
_refine.ls_d_res_low                             18.7 
_refine.pdbx_ls_sigma_F                          0.00 
_refine.ls_percent_reflns_obs                    99.790 
_refine.ls_number_reflns_obs                     20941 
_refine.pdbx_ls_cross_valid_method               THROUGHOUT 
_refine.pdbx_R_Free_selection_details            RANDOM 
_refine.details                                  'HYDROGENS HAVE BEEN ADDED IN THE RIDING POSITIONS' 
_refine.ls_R_factor_obs                          0.215 
_refine.ls_R_factor_R_work                       0.213 
_refine.ls_R_factor_R_free                       0.251 
_refine.ls_percent_reflns_R_free                 5.100 
_refine.ls_number_reflns_R_free                  1072 
_refine.B_iso_mean                               42.164 
_refine.aniso_B[1][1]                            -0.230 
_refine.aniso_B[2][2]                            -0.230 
_refine.aniso_B[3][3]                            0.340 
_refine.aniso_B[1][2]                            -0.110 
_refine.aniso_B[1][3]                            0.000 
_refine.aniso_B[2][3]                            0.000 
_refine.correlation_coeff_Fo_to_Fc               0.941 
_refine.correlation_coeff_Fo_to_Fc_free          0.924 
_refine.pdbx_overall_ESU_R                       0.134 
_refine.pdbx_overall_ESU_R_Free                  0.136 
_refine.overall_SU_ML                            0.096 
_refine.overall_SU_B                             3.570 
_refine.solvent_model_details                    'BABINET MODEL WITH MASK' 
_refine.pdbx_solvent_vdw_probe_radii             1.400 
_refine.pdbx_solvent_ion_probe_radii             0.800 
_refine.pdbx_solvent_shrinkage_radii             0.800 
_refine.pdbx_method_to_determine_struct          SAD 
_refine.pdbx_stereochemistry_target_values       'MAXIMUM LIKELIHOOD' 
_refine.B_iso_max                                104.46 
_refine.B_iso_min                                19.94 
_refine.occupancy_max                            1.00 
_refine.occupancy_min                            0.50 
_refine.pdbx_ls_sigma_I                          ? 
_refine.ls_number_reflns_all                     ? 
_refine.ls_R_factor_all                          ? 
_refine.ls_redundancy_reflns_obs                 ? 
_refine.pdbx_data_cutoff_high_absF               ? 
_refine.pdbx_data_cutoff_low_absF                ? 
_refine.ls_number_parameters                     ? 
_refine.ls_number_restraints                     ? 
_refine.ls_R_factor_R_free_error                 ? 
_refine.ls_R_factor_R_free_error_details         ? 
_refine.pdbx_starting_model                      ? 
_refine.pdbx_stereochem_target_val_spec_case     ? 
_refine.solvent_model_param_bsol                 ? 
_refine.solvent_model_param_ksol                 ? 
_refine.pdbx_isotropic_thermal_model             ? 
_refine.overall_SU_R_Cruickshank_DPI             ? 
_refine.overall_SU_R_free                        ? 
_refine.pdbx_data_cutoff_high_rms_absF           ? 
_refine.ls_wR_factor_R_free                      ? 
_refine.ls_wR_factor_R_work                      ? 
_refine.overall_FOM_free_R_set                   ? 
_refine.overall_FOM_work_R_set                   ? 
_refine.pdbx_overall_phase_error                 ? 
_refine.pdbx_refine_id                           'X-RAY DIFFRACTION' 
_refine.pdbx_diffrn_id                           1 
_refine.pdbx_TLS_residual_ADP_flag               ? 
_refine.pdbx_overall_SU_R_free_Cruickshank_DPI   ? 
_refine.pdbx_overall_SU_R_Blow_DPI               ? 
_refine.pdbx_overall_SU_R_free_Blow_DPI          ? 
# 
_refine_hist.pdbx_refine_id                   'X-RAY DIFFRACTION' 
_refine_hist.cycle_id                         LAST 
_refine_hist.pdbx_number_atoms_protein        1237 
_refine_hist.pdbx_number_atoms_nucleic_acid   0 
_refine_hist.pdbx_number_atoms_ligand         15 
_refine_hist.number_atoms_solvent             77 
_refine_hist.number_atoms_total               1329 
_refine_hist.d_res_high                       2.050 
_refine_hist.d_res_low                        18.7 
# 
loop_
_refine_ls_restr.type 
_refine_ls_restr.number 
_refine_ls_restr.dev_ideal 
_refine_ls_restr.dev_ideal_target 
_refine_ls_restr.weight 
_refine_ls_restr.pdbx_refine_id 
_refine_ls_restr.pdbx_restraint_function 
r_bond_refined_d         1272 0.032 0.022 ? 'X-RAY DIFFRACTION' ? 
r_bond_other_d           1144 0.002 0.020 ? 'X-RAY DIFFRACTION' ? 
r_angle_refined_deg      1722 2.102 1.984 ? 'X-RAY DIFFRACTION' ? 
r_angle_other_deg        2686 0.983 3.000 ? 'X-RAY DIFFRACTION' ? 
r_dihedral_angle_1_deg   152  6.576 5.000 ? 'X-RAY DIFFRACTION' ? 
r_chiral_restr           199  0.142 0.200 ? 'X-RAY DIFFRACTION' ? 
r_gen_planes_refined     1353 0.012 0.020 ? 'X-RAY DIFFRACTION' ? 
r_gen_planes_other       239  0.002 0.020 ? 'X-RAY DIFFRACTION' ? 
r_nbd_refined            279  0.231 0.200 ? 'X-RAY DIFFRACTION' ? 
r_nbd_other              1310 0.251 0.200 ? 'X-RAY DIFFRACTION' ? 
r_nbtor_other            722  0.092 0.200 ? 'X-RAY DIFFRACTION' ? 
r_xyhbond_nbd_refined    72   0.171 0.200 ? 'X-RAY DIFFRACTION' ? 
r_symmetry_vdw_refined   22   0.314 0.200 ? 'X-RAY DIFFRACTION' ? 
r_symmetry_vdw_other     39   0.314 0.200 ? 'X-RAY DIFFRACTION' ? 
r_symmetry_hbond_refined 4    0.293 0.200 ? 'X-RAY DIFFRACTION' ? 
r_mcbond_it              767  1.763 1.500 ? 'X-RAY DIFFRACTION' ? 
r_mcangle_it             1259 3.242 2.000 ? 'X-RAY DIFFRACTION' ? 
r_scbond_it              505  4.355 3.000 ? 'X-RAY DIFFRACTION' ? 
r_scangle_it             463  7.198 4.500 ? 'X-RAY DIFFRACTION' ? 
# 
_refine_ls_shell.d_res_high                       2.050 
_refine_ls_shell.d_res_low                        2.103 
_refine_ls_shell.pdbx_total_number_of_bins_used   20 
_refine_ls_shell.percent_reflns_obs               ? 
_refine_ls_shell.number_reflns_R_work             1433 
_refine_ls_shell.R_factor_all                     ? 
_refine_ls_shell.R_factor_R_work                  0.248 
_refine_ls_shell.R_factor_R_free                  0.286 
_refine_ls_shell.percent_reflns_R_free            ? 
_refine_ls_shell.number_reflns_R_free             88 
_refine_ls_shell.R_factor_R_free_error            ? 
_refine_ls_shell.number_reflns_all                1521 
_refine_ls_shell.number_reflns_obs                ? 
_refine_ls_shell.redundancy_reflns_obs            ? 
_refine_ls_shell.pdbx_refine_id                   'X-RAY DIFFRACTION' 
# 
_struct.entry_id                  3GR5 
_struct.title                     'Periplasmic domain of the outer membrane secretin EscC from enteropathogenic E.coli (EPEC)' 
_struct.pdbx_model_details        ? 
_struct.pdbx_CASP_flag            ? 
_struct.pdbx_model_type_details   ? 
# 
_struct_keywords.entry_id        3GR5 
_struct_keywords.text            'secretin, Type III secretion system, outer membrane, Transport, MEMBRANE PROTEIN' 
_struct_keywords.pdbx_keywords   'MEMBRANE PROTEIN' 
# 
loop_
_struct_asym.id 
_struct_asym.pdbx_blank_PDB_chainid_flag 
_struct_asym.pdbx_modified 
_struct_asym.entity_id 
_struct_asym.details 
A N N 1 ? 
B N N 2 ? 
C N N 2 ? 
D N N 2 ? 
E N N 3 ? 
# 
_struct_ref.id                         1 
_struct_ref.db_name                    UNP 
_struct_ref.db_code                    O52135_ECOLX 
_struct_ref.pdbx_db_accession          O52135 
_struct_ref.entity_id                  1 
_struct_ref.pdbx_seq_one_letter_code   
;SSLEKRLGKNEYFIITKSSPVRAILNDFAANYSIPVFISSSVNDDFSGEIKNEKPVKVLEKLSKLYHLTWYYDENILYIY
KTNEISRSIITPTYLDIDSLLKYLSDTISVNKNSCNVRKITTFNSIEVRGVPECIKYITSLSESLDKEAQSK
;
_struct_ref.pdbx_align_begin           22 
_struct_ref.pdbx_db_isoform            ? 
# 
_struct_ref_seq.align_id                      1 
_struct_ref_seq.ref_id                        1 
_struct_ref_seq.pdbx_PDB_id_code              3GR5 
_struct_ref_seq.pdbx_strand_id                A 
_struct_ref_seq.seq_align_beg                 5 
_struct_ref_seq.pdbx_seq_align_beg_ins_code   ? 
_struct_ref_seq.seq_align_end                 156 
_struct_ref_seq.pdbx_seq_align_end_ins_code   ? 
_struct_ref_seq.pdbx_db_accession             O52135 
_struct_ref_seq.db_align_beg                  22 
_struct_ref_seq.pdbx_db_align_beg_ins_code    ? 
_struct_ref_seq.db_align_end                  173 
_struct_ref_seq.pdbx_db_align_end_ins_code    ? 
_struct_ref_seq.pdbx_auth_seq_align_beg       22 
_struct_ref_seq.pdbx_auth_seq_align_end       173 
# 
loop_
_struct_ref_seq_dif.align_id 
_struct_ref_seq_dif.pdbx_pdb_id_code 
_struct_ref_seq_dif.mon_id 
_struct_ref_seq_dif.pdbx_pdb_strand_id 
_struct_ref_seq_dif.seq_num 
_struct_ref_seq_dif.pdbx_pdb_ins_code 
_struct_ref_seq_dif.pdbx_seq_db_name 
_struct_ref_seq_dif.pdbx_seq_db_accession_code 
_struct_ref_seq_dif.db_mon_id 
_struct_ref_seq_dif.pdbx_seq_db_seq_num 
_struct_ref_seq_dif.details 
_struct_ref_seq_dif.pdbx_auth_seq_num 
_struct_ref_seq_dif.pdbx_ordinal 
1 3GR5 GLY A 1 ? UNP O52135 ? ? 'expression tag' 18 1 
1 3GR5 SER A 2 ? UNP O52135 ? ? 'expression tag' 19 2 
1 3GR5 HIS A 3 ? UNP O52135 ? ? 'expression tag' 20 3 
1 3GR5 MET A 4 ? UNP O52135 ? ? 'expression tag' 21 4 
# 
loop_
_pdbx_struct_assembly.id 
_pdbx_struct_assembly.details 
_pdbx_struct_assembly.method_details 
_pdbx_struct_assembly.oligomeric_details 
_pdbx_struct_assembly.oligomeric_count 
1 software_defined_assembly PISA dimeric   2 
2 author_defined_assembly   ?    monomeric 1 
# 
loop_
_pdbx_struct_assembly_prop.biol_id 
_pdbx_struct_assembly_prop.type 
_pdbx_struct_assembly_prop.value 
_pdbx_struct_assembly_prop.details 
1 'ABSA (A^2)' 3320  ? 
1 MORE         -73   ? 
1 'SSA (A^2)'  15520 ? 
# 
loop_
_pdbx_struct_assembly_gen.assembly_id 
_pdbx_struct_assembly_gen.oper_expression 
_pdbx_struct_assembly_gen.asym_id_list 
1 1,2 A,B,C,D,E 
2 1   A,B,C,D,E 
# 
loop_
_pdbx_struct_oper_list.id 
_pdbx_struct_oper_list.type 
_pdbx_struct_oper_list.name 
_pdbx_struct_oper_list.symmetry_operation 
_pdbx_struct_oper_list.matrix[1][1] 
_pdbx_struct_oper_list.matrix[1][2] 
_pdbx_struct_oper_list.matrix[1][3] 
_pdbx_struct_oper_list.vector[1] 
_pdbx_struct_oper_list.matrix[2][1] 
_pdbx_struct_oper_list.matrix[2][2] 
_pdbx_struct_oper_list.matrix[2][3] 
_pdbx_struct_oper_list.vector[2] 
_pdbx_struct_oper_list.matrix[3][1] 
_pdbx_struct_oper_list.matrix[3][2] 
_pdbx_struct_oper_list.matrix[3][3] 
_pdbx_struct_oper_list.vector[3] 
1 'identity operation'         1_555  x,y,z            1.0000000000  0.0000000000 0.0000000000 0.0000000000   0.0000000000 1.0000000000 0.0000000000 0.0000000000 0.0000000000 0.0000000000 1.0000000000  0.0000000000 
2 'crystal symmetry operation' 10_665 -y+1,-x+1,-z+1/6 -0.8337395800 0.5518913426 0.0171539712 -18.2430794259 0.5518913426 0.8319697136 0.0569415630 5.3497491337 0.0171539712 0.0569415630 -0.9982301336 4.6998922309 
# 
_struct_biol.id        1 
_struct_biol.details   ? 
# 
loop_
_struct_conf.conf_type_id 
_struct_conf.id 
_struct_conf.pdbx_PDB_helix_id 
_struct_conf.beg_label_comp_id 
_struct_conf.beg_label_asym_id 
_struct_conf.beg_label_seq_id 
_struct_conf.pdbx_beg_PDB_ins_code 
_struct_conf.end_label_comp_id 
_struct_conf.end_label_asym_id 
_struct_conf.end_label_seq_id 
_struct_conf.pdbx_end_PDB_ins_code 
_struct_conf.beg_auth_comp_id 
_struct_conf.beg_auth_asym_id 
_struct_conf.beg_auth_seq_id 
_struct_conf.end_auth_comp_id 
_struct_conf.end_auth_asym_id 
_struct_conf.end_auth_seq_id 
_struct_conf.pdbx_PDB_helix_class 
_struct_conf.details 
_struct_conf.pdbx_PDB_helix_length 
HELX_P HELX_P1 1 SER A 5   ? GLY A 12  ? SER A 22  GLY A 29  1 ? 8  
HELX_P HELX_P2 2 VAL A 25  ? TYR A 36  ? VAL A 42  TYR A 53  1 ? 12 
HELX_P HELX_P3 3 LYS A 58  ? HIS A 71  ? LYS A 75  HIS A 88  1 ? 14 
HELX_P HELX_P4 4 ASN A 87  ? ILE A 89  ? ASN A 104 ILE A 106 5 ? 3  
HELX_P HELX_P5 5 ASP A 100 ? SER A 109 ? ASP A 117 SER A 126 1 ? 10 
HELX_P HELX_P6 6 VAL A 135 ? LYS A 156 ? VAL A 152 LYS A 173 1 ? 22 
# 
_struct_conf_type.id          HELX_P 
_struct_conf_type.criteria    ? 
_struct_conf_type.reference   ? 
# 
_struct_conn.id                            disulf1 
_struct_conn.conn_type_id                  disulf 
_struct_conn.pdbx_leaving_atom_flag        ? 
_struct_conn.pdbx_PDB_id                   ? 
_struct_conn.ptnr1_label_asym_id           A 
_struct_conn.ptnr1_label_comp_id           CYS 
_struct_conn.ptnr1_label_seq_id            119 
_struct_conn.ptnr1_label_atom_id           SG 
_struct_conn.pdbx_ptnr1_label_alt_id       ? 
_struct_conn.pdbx_ptnr1_PDB_ins_code       ? 
_struct_conn.pdbx_ptnr1_standard_comp_id   ? 
_struct_conn.ptnr1_symmetry                1_555 
_struct_conn.ptnr2_label_asym_id           A 
_struct_conn.ptnr2_label_comp_id           CYS 
_struct_conn.ptnr2_label_seq_id            138 
_struct_conn.ptnr2_label_atom_id           SG 
_struct_conn.pdbx_ptnr2_label_alt_id       ? 
_struct_conn.pdbx_ptnr2_PDB_ins_code       ? 
_struct_conn.ptnr1_auth_asym_id            A 
_struct_conn.ptnr1_auth_comp_id            CYS 
_struct_conn.ptnr1_auth_seq_id             136 
_struct_conn.ptnr2_auth_asym_id            A 
_struct_conn.ptnr2_auth_comp_id            CYS 
_struct_conn.ptnr2_auth_seq_id             155 
_struct_conn.ptnr2_symmetry                1_555 
_struct_conn.pdbx_ptnr3_label_atom_id      ? 
_struct_conn.pdbx_ptnr3_label_seq_id       ? 
_struct_conn.pdbx_ptnr3_label_comp_id      ? 
_struct_conn.pdbx_ptnr3_label_asym_id      ? 
_struct_conn.pdbx_ptnr3_label_alt_id       ? 
_struct_conn.pdbx_ptnr3_PDB_ins_code       ? 
_struct_conn.details                       ? 
_struct_conn.pdbx_dist_value               2.062 
_struct_conn.pdbx_value_order              ? 
_struct_conn.pdbx_role                     ? 
# 
_struct_conn_type.id          disulf 
_struct_conn_type.criteria    ? 
_struct_conn_type.reference   ? 
# 
_pdbx_modification_feature.ordinal                            1 
_pdbx_modification_feature.label_comp_id                      CYS 
_pdbx_modification_feature.label_asym_id                      A 
_pdbx_modification_feature.label_seq_id                       119 
_pdbx_modification_feature.label_alt_id                       ? 
_pdbx_modification_feature.modified_residue_label_comp_id     CYS 
_pdbx_modification_feature.modified_residue_label_asym_id     A 
_pdbx_modification_feature.modified_residue_label_seq_id      138 
_pdbx_modification_feature.modified_residue_label_alt_id      ? 
_pdbx_modification_feature.auth_comp_id                       CYS 
_pdbx_modification_feature.auth_asym_id                       A 
_pdbx_modification_feature.auth_seq_id                        136 
_pdbx_modification_feature.PDB_ins_code                       ? 
_pdbx_modification_feature.symmetry                           1_555 
_pdbx_modification_feature.modified_residue_auth_comp_id      CYS 
_pdbx_modification_feature.modified_residue_auth_asym_id      A 
_pdbx_modification_feature.modified_residue_auth_seq_id       155 
_pdbx_modification_feature.modified_residue_PDB_ins_code      ? 
_pdbx_modification_feature.modified_residue_symmetry          1_555 
_pdbx_modification_feature.comp_id_linking_atom               SG 
_pdbx_modification_feature.modified_residue_id_linking_atom   SG 
_pdbx_modification_feature.modified_residue_id                . 
_pdbx_modification_feature.ref_pcm_id                         . 
_pdbx_modification_feature.ref_comp_id                        . 
_pdbx_modification_feature.type                               None 
_pdbx_modification_feature.category                           'Disulfide bridge' 
# 
loop_
_struct_sheet.id 
_struct_sheet.type 
_struct_sheet.number_strands 
_struct_sheet.details 
A ? 2 ? 
B ? 3 ? 
C ? 4 ? 
# 
loop_
_struct_sheet_order.sheet_id 
_struct_sheet_order.range_id_1 
_struct_sheet_order.range_id_2 
_struct_sheet_order.offset 
_struct_sheet_order.sense 
A 1 2 ? anti-parallel 
B 1 2 ? parallel      
B 2 3 ? anti-parallel 
C 1 2 ? anti-parallel 
C 2 3 ? anti-parallel 
C 3 4 ? anti-parallel 
# 
loop_
_struct_sheet_range.sheet_id 
_struct_sheet_range.id 
_struct_sheet_range.beg_label_comp_id 
_struct_sheet_range.beg_label_asym_id 
_struct_sheet_range.beg_label_seq_id 
_struct_sheet_range.pdbx_beg_PDB_ins_code 
_struct_sheet_range.end_label_comp_id 
_struct_sheet_range.end_label_asym_id 
_struct_sheet_range.end_label_seq_id 
_struct_sheet_range.pdbx_end_PDB_ins_code 
_struct_sheet_range.beg_auth_comp_id 
_struct_sheet_range.beg_auth_asym_id 
_struct_sheet_range.beg_auth_seq_id 
_struct_sheet_range.end_auth_comp_id 
_struct_sheet_range.end_auth_asym_id 
_struct_sheet_range.end_auth_seq_id 
A 1 TYR A 16  ? PRO A 24  ? TYR A 33  PRO A 41  
A 2 ASP A 49  ? GLU A 57  ? ASP A 66  GLU A 74  
B 1 VAL A 40  ? ILE A 42  ? VAL A 57  ILE A 59  
B 2 LEU A 81  ? LYS A 85  ? LEU A 98  LYS A 102 
B 3 LEU A 72  ? TYR A 76  ? LEU A 89  TYR A 93  
C 1 SER A 90  ? ILE A 94  ? SER A 107 ILE A 111 
C 2 ILE A 130 ? GLY A 134 ? ILE A 147 GLY A 151 
C 3 CYS A 119 ? LYS A 123 ? CYS A 136 LYS A 140 
C 4 ASN A 115 ? LYS A 116 ? ASN A 132 LYS A 133 
# 
loop_
_pdbx_struct_sheet_hbond.sheet_id 
_pdbx_struct_sheet_hbond.range_id_1 
_pdbx_struct_sheet_hbond.range_id_2 
_pdbx_struct_sheet_hbond.range_1_label_atom_id 
_pdbx_struct_sheet_hbond.range_1_label_comp_id 
_pdbx_struct_sheet_hbond.range_1_label_asym_id 
_pdbx_struct_sheet_hbond.range_1_label_seq_id 
_pdbx_struct_sheet_hbond.range_1_PDB_ins_code 
_pdbx_struct_sheet_hbond.range_1_auth_atom_id 
_pdbx_struct_sheet_hbond.range_1_auth_comp_id 
_pdbx_struct_sheet_hbond.range_1_auth_asym_id 
_pdbx_struct_sheet_hbond.range_1_auth_seq_id 
_pdbx_struct_sheet_hbond.range_2_label_atom_id 
_pdbx_struct_sheet_hbond.range_2_label_comp_id 
_pdbx_struct_sheet_hbond.range_2_label_asym_id 
_pdbx_struct_sheet_hbond.range_2_label_seq_id 
_pdbx_struct_sheet_hbond.range_2_PDB_ins_code 
_pdbx_struct_sheet_hbond.range_2_auth_atom_id 
_pdbx_struct_sheet_hbond.range_2_auth_comp_id 
_pdbx_struct_sheet_hbond.range_2_auth_asym_id 
_pdbx_struct_sheet_hbond.range_2_auth_seq_id 
A 1 2 N TYR A 16  ? N TYR A 33  O GLU A 57  ? O GLU A 74  
B 1 2 N PHE A 41  ? N PHE A 58  O ILE A 83  ? O ILE A 100 
B 2 3 O TYR A 82  ? O TYR A 99  N TYR A 75  ? N TYR A 92  
C 1 2 N SER A 92  ? N SER A 109 O VAL A 132 ? O VAL A 149 
C 2 3 O ARG A 133 ? O ARG A 150 N ASN A 120 ? N ASN A 137 
C 3 4 O CYS A 119 ? O CYS A 136 N LYS A 116 ? N LYS A 133 
# 
loop_
_struct_site.id 
_struct_site.pdbx_evidence_code 
_struct_site.pdbx_auth_asym_id 
_struct_site.pdbx_auth_comp_id 
_struct_site.pdbx_auth_seq_id 
_struct_site.pdbx_auth_ins_code 
_struct_site.pdbx_num_residues 
_struct_site.details 
AC1 Software A SO4 1 ? 2 'BINDING SITE FOR RESIDUE SO4 A 1' 
AC2 Software A SO4 2 ? 3 'BINDING SITE FOR RESIDUE SO4 A 2' 
AC3 Software A SO4 3 ? 4 'BINDING SITE FOR RESIDUE SO4 A 3' 
# 
loop_
_struct_site_gen.id 
_struct_site_gen.site_id 
_struct_site_gen.pdbx_num_res 
_struct_site_gen.label_comp_id 
_struct_site_gen.label_asym_id 
_struct_site_gen.label_seq_id 
_struct_site_gen.pdbx_auth_ins_code 
_struct_site_gen.auth_comp_id 
_struct_site_gen.auth_asym_id 
_struct_site_gen.auth_seq_id 
_struct_site_gen.label_atom_id 
_struct_site_gen.label_alt_id 
_struct_site_gen.symmetry 
_struct_site_gen.details 
1 AC1 2 SER A 90  ? SER A 107 . ? 1_555 ? 
2 AC1 2 ARG A 91  ? ARG A 108 . ? 1_555 ? 
3 AC2 3 ARG A 122 ? ARG A 139 . ? 1_555 ? 
4 AC2 3 ILE A 124 ? ILE A 141 . ? 1_555 ? 
5 AC2 3 THR A 125 ? THR A 142 . ? 1_555 ? 
6 AC3 4 ILE A 19  ? ILE A 36  . ? 1_555 ? 
7 AC3 4 THR A 20  ? THR A 37  . ? 1_555 ? 
8 AC3 4 LYS A 21  ? LYS A 38  . ? 1_555 ? 
9 AC3 4 HOH E .   ? HOH A 235 . ? 1_555 ? 
# 
_pdbx_entry_details.entry_id                   3GR5 
_pdbx_entry_details.compound_details           ? 
_pdbx_entry_details.source_details             ? 
_pdbx_entry_details.nonpolymer_details         ? 
_pdbx_entry_details.sequence_details           ? 
_pdbx_entry_details.has_ligand_of_interest     ? 
_pdbx_entry_details.has_protein_modification   Y 
# 
loop_
_pdbx_validate_rmsd_bond.id 
_pdbx_validate_rmsd_bond.PDB_model_num 
_pdbx_validate_rmsd_bond.auth_atom_id_1 
_pdbx_validate_rmsd_bond.auth_asym_id_1 
_pdbx_validate_rmsd_bond.auth_comp_id_1 
_pdbx_validate_rmsd_bond.auth_seq_id_1 
_pdbx_validate_rmsd_bond.PDB_ins_code_1 
_pdbx_validate_rmsd_bond.label_alt_id_1 
_pdbx_validate_rmsd_bond.auth_atom_id_2 
_pdbx_validate_rmsd_bond.auth_asym_id_2 
_pdbx_validate_rmsd_bond.auth_comp_id_2 
_pdbx_validate_rmsd_bond.auth_seq_id_2 
_pdbx_validate_rmsd_bond.PDB_ins_code_2 
_pdbx_validate_rmsd_bond.label_alt_id_2 
_pdbx_validate_rmsd_bond.bond_value 
_pdbx_validate_rmsd_bond.bond_target_value 
_pdbx_validate_rmsd_bond.bond_deviation 
_pdbx_validate_rmsd_bond.bond_standard_deviation 
_pdbx_validate_rmsd_bond.linker_flag 
1 1 CD  A GLU 32  ? ? OE1 A GLU 32  ? ? 1.184 1.252 -0.068 0.011 N 
2 1 CA  A ALA 50  ? ? CB  A ALA 50  ? ? 1.654 1.520 0.134  0.021 N 
3 1 CG  A TRP 91  ? ? CD1 A TRP 91  ? ? 1.474 1.363 0.111  0.014 N 
4 1 CE2 A TYR 124 ? ? CD2 A TYR 124 ? ? 1.485 1.389 0.096  0.015 N 
# 
loop_
_pdbx_validate_rmsd_angle.id 
_pdbx_validate_rmsd_angle.PDB_model_num 
_pdbx_validate_rmsd_angle.auth_atom_id_1 
_pdbx_validate_rmsd_angle.auth_asym_id_1 
_pdbx_validate_rmsd_angle.auth_comp_id_1 
_pdbx_validate_rmsd_angle.auth_seq_id_1 
_pdbx_validate_rmsd_angle.PDB_ins_code_1 
_pdbx_validate_rmsd_angle.label_alt_id_1 
_pdbx_validate_rmsd_angle.auth_atom_id_2 
_pdbx_validate_rmsd_angle.auth_asym_id_2 
_pdbx_validate_rmsd_angle.auth_comp_id_2 
_pdbx_validate_rmsd_angle.auth_seq_id_2 
_pdbx_validate_rmsd_angle.PDB_ins_code_2 
_pdbx_validate_rmsd_angle.label_alt_id_2 
_pdbx_validate_rmsd_angle.auth_atom_id_3 
_pdbx_validate_rmsd_angle.auth_asym_id_3 
_pdbx_validate_rmsd_angle.auth_comp_id_3 
_pdbx_validate_rmsd_angle.auth_seq_id_3 
_pdbx_validate_rmsd_angle.PDB_ins_code_3 
_pdbx_validate_rmsd_angle.label_alt_id_3 
_pdbx_validate_rmsd_angle.angle_value 
_pdbx_validate_rmsd_angle.angle_target_value 
_pdbx_validate_rmsd_angle.angle_deviation 
_pdbx_validate_rmsd_angle.angle_standard_deviation 
_pdbx_validate_rmsd_angle.linker_flag 
1 1 NE A ARG 43  ? ? CZ A ARG 43  ? ? NH1 A ARG 43  ? ? 124.44 120.30 4.14  0.50 N 
2 1 NE A ARG 43  ? ? CZ A ARG 43  ? ? NH2 A ARG 43  ? ? 114.76 120.30 -5.54 0.50 N 
3 1 CB A ASP 48  ? ? CG A ASP 48  ? ? OD2 A ASP 48  ? ? 124.94 118.30 6.64  0.90 N 
4 1 CB A ASP 65  ? ? CG A ASP 65  ? ? OD2 A ASP 65  ? ? 124.42 118.30 6.12  0.90 N 
5 1 CB A ASP 119 ? ? CG A ASP 119 ? ? OD2 A ASP 119 ? ? 124.28 118.30 5.98  0.90 N 
# 
loop_
_pdbx_validate_torsion.id 
_pdbx_validate_torsion.PDB_model_num 
_pdbx_validate_torsion.auth_comp_id 
_pdbx_validate_torsion.auth_asym_id 
_pdbx_validate_torsion.auth_seq_id 
_pdbx_validate_torsion.PDB_ins_code 
_pdbx_validate_torsion.label_alt_id 
_pdbx_validate_torsion.phi 
_pdbx_validate_torsion.psi 
1 1 SER A 39  ? ? -173.56 115.60 
2 1 GLU A 95  ? ? 75.69   -6.57  
3 1 THR A 128 ? ? -165.33 65.18  
4 1 ILE A 129 ? ? 141.68  152.99 
# 
_pdbx_struct_special_symmetry.id              1 
_pdbx_struct_special_symmetry.PDB_model_num   1 
_pdbx_struct_special_symmetry.auth_asym_id    A 
_pdbx_struct_special_symmetry.auth_comp_id    HOH 
_pdbx_struct_special_symmetry.auth_seq_id     224 
_pdbx_struct_special_symmetry.PDB_ins_code    ? 
_pdbx_struct_special_symmetry.label_asym_id   E 
_pdbx_struct_special_symmetry.label_comp_id   HOH 
_pdbx_struct_special_symmetry.label_seq_id    . 
# 
loop_
_pdbx_unobs_or_zero_occ_residues.id 
_pdbx_unobs_or_zero_occ_residues.PDB_model_num 
_pdbx_unobs_or_zero_occ_residues.polymer_flag 
_pdbx_unobs_or_zero_occ_residues.occupancy_flag 
_pdbx_unobs_or_zero_occ_residues.auth_asym_id 
_pdbx_unobs_or_zero_occ_residues.auth_comp_id 
_pdbx_unobs_or_zero_occ_residues.auth_seq_id 
_pdbx_unobs_or_zero_occ_residues.PDB_ins_code 
_pdbx_unobs_or_zero_occ_residues.label_asym_id 
_pdbx_unobs_or_zero_occ_residues.label_comp_id 
_pdbx_unobs_or_zero_occ_residues.label_seq_id 
1 1 Y 1 A GLY 18 ? A GLY 1 
2 1 Y 1 A SER 19 ? A SER 2 
3 1 Y 1 A HIS 20 ? A HIS 3 
# 
loop_
_chem_comp_atom.comp_id 
_chem_comp_atom.atom_id 
_chem_comp_atom.type_symbol 
_chem_comp_atom.pdbx_aromatic_flag 
_chem_comp_atom.pdbx_stereo_config 
_chem_comp_atom.pdbx_ordinal 
ALA N    N N N 1   
ALA CA   C N S 2   
ALA C    C N N 3   
ALA O    O N N 4   
ALA CB   C N N 5   
ALA OXT  O N N 6   
ALA H    H N N 7   
ALA H2   H N N 8   
ALA HA   H N N 9   
ALA HB1  H N N 10  
ALA HB2  H N N 11  
ALA HB3  H N N 12  
ALA HXT  H N N 13  
ARG N    N N N 14  
ARG CA   C N S 15  
ARG C    C N N 16  
ARG O    O N N 17  
ARG CB   C N N 18  
ARG CG   C N N 19  
ARG CD   C N N 20  
ARG NE   N N N 21  
ARG CZ   C N N 22  
ARG NH1  N N N 23  
ARG NH2  N N N 24  
ARG OXT  O N N 25  
ARG H    H N N 26  
ARG H2   H N N 27  
ARG HA   H N N 28  
ARG HB2  H N N 29  
ARG HB3  H N N 30  
ARG HG2  H N N 31  
ARG HG3  H N N 32  
ARG HD2  H N N 33  
ARG HD3  H N N 34  
ARG HE   H N N 35  
ARG HH11 H N N 36  
ARG HH12 H N N 37  
ARG HH21 H N N 38  
ARG HH22 H N N 39  
ARG HXT  H N N 40  
ASN N    N N N 41  
ASN CA   C N S 42  
ASN C    C N N 43  
ASN O    O N N 44  
ASN CB   C N N 45  
ASN CG   C N N 46  
ASN OD1  O N N 47  
ASN ND2  N N N 48  
ASN OXT  O N N 49  
ASN H    H N N 50  
ASN H2   H N N 51  
ASN HA   H N N 52  
ASN HB2  H N N 53  
ASN HB3  H N N 54  
ASN HD21 H N N 55  
ASN HD22 H N N 56  
ASN HXT  H N N 57  
ASP N    N N N 58  
ASP CA   C N S 59  
ASP C    C N N 60  
ASP O    O N N 61  
ASP CB   C N N 62  
ASP CG   C N N 63  
ASP OD1  O N N 64  
ASP OD2  O N N 65  
ASP OXT  O N N 66  
ASP H    H N N 67  
ASP H2   H N N 68  
ASP HA   H N N 69  
ASP HB2  H N N 70  
ASP HB3  H N N 71  
ASP HD2  H N N 72  
ASP HXT  H N N 73  
CYS N    N N N 74  
CYS CA   C N R 75  
CYS C    C N N 76  
CYS O    O N N 77  
CYS CB   C N N 78  
CYS SG   S N N 79  
CYS OXT  O N N 80  
CYS H    H N N 81  
CYS H2   H N N 82  
CYS HA   H N N 83  
CYS HB2  H N N 84  
CYS HB3  H N N 85  
CYS HG   H N N 86  
CYS HXT  H N N 87  
GLN N    N N N 88  
GLN CA   C N S 89  
GLN C    C N N 90  
GLN O    O N N 91  
GLN CB   C N N 92  
GLN CG   C N N 93  
GLN CD   C N N 94  
GLN OE1  O N N 95  
GLN NE2  N N N 96  
GLN OXT  O N N 97  
GLN H    H N N 98  
GLN H2   H N N 99  
GLN HA   H N N 100 
GLN HB2  H N N 101 
GLN HB3  H N N 102 
GLN HG2  H N N 103 
GLN HG3  H N N 104 
GLN HE21 H N N 105 
GLN HE22 H N N 106 
GLN HXT  H N N 107 
GLU N    N N N 108 
GLU CA   C N S 109 
GLU C    C N N 110 
GLU O    O N N 111 
GLU CB   C N N 112 
GLU CG   C N N 113 
GLU CD   C N N 114 
GLU OE1  O N N 115 
GLU OE2  O N N 116 
GLU OXT  O N N 117 
GLU H    H N N 118 
GLU H2   H N N 119 
GLU HA   H N N 120 
GLU HB2  H N N 121 
GLU HB3  H N N 122 
GLU HG2  H N N 123 
GLU HG3  H N N 124 
GLU HE2  H N N 125 
GLU HXT  H N N 126 
GLY N    N N N 127 
GLY CA   C N N 128 
GLY C    C N N 129 
GLY O    O N N 130 
GLY OXT  O N N 131 
GLY H    H N N 132 
GLY H2   H N N 133 
GLY HA2  H N N 134 
GLY HA3  H N N 135 
GLY HXT  H N N 136 
HIS N    N N N 137 
HIS CA   C N S 138 
HIS C    C N N 139 
HIS O    O N N 140 
HIS CB   C N N 141 
HIS CG   C Y N 142 
HIS ND1  N Y N 143 
HIS CD2  C Y N 144 
HIS CE1  C Y N 145 
HIS NE2  N Y N 146 
HIS OXT  O N N 147 
HIS H    H N N 148 
HIS H2   H N N 149 
HIS HA   H N N 150 
HIS HB2  H N N 151 
HIS HB3  H N N 152 
HIS HD1  H N N 153 
HIS HD2  H N N 154 
HIS HE1  H N N 155 
HIS HE2  H N N 156 
HIS HXT  H N N 157 
HOH O    O N N 158 
HOH H1   H N N 159 
HOH H2   H N N 160 
ILE N    N N N 161 
ILE CA   C N S 162 
ILE C    C N N 163 
ILE O    O N N 164 
ILE CB   C N S 165 
ILE CG1  C N N 166 
ILE CG2  C N N 167 
ILE CD1  C N N 168 
ILE OXT  O N N 169 
ILE H    H N N 170 
ILE H2   H N N 171 
ILE HA   H N N 172 
ILE HB   H N N 173 
ILE HG12 H N N 174 
ILE HG13 H N N 175 
ILE HG21 H N N 176 
ILE HG22 H N N 177 
ILE HG23 H N N 178 
ILE HD11 H N N 179 
ILE HD12 H N N 180 
ILE HD13 H N N 181 
ILE HXT  H N N 182 
LEU N    N N N 183 
LEU CA   C N S 184 
LEU C    C N N 185 
LEU O    O N N 186 
LEU CB   C N N 187 
LEU CG   C N N 188 
LEU CD1  C N N 189 
LEU CD2  C N N 190 
LEU OXT  O N N 191 
LEU H    H N N 192 
LEU H2   H N N 193 
LEU HA   H N N 194 
LEU HB2  H N N 195 
LEU HB3  H N N 196 
LEU HG   H N N 197 
LEU HD11 H N N 198 
LEU HD12 H N N 199 
LEU HD13 H N N 200 
LEU HD21 H N N 201 
LEU HD22 H N N 202 
LEU HD23 H N N 203 
LEU HXT  H N N 204 
LYS N    N N N 205 
LYS CA   C N S 206 
LYS C    C N N 207 
LYS O    O N N 208 
LYS CB   C N N 209 
LYS CG   C N N 210 
LYS CD   C N N 211 
LYS CE   C N N 212 
LYS NZ   N N N 213 
LYS OXT  O N N 214 
LYS H    H N N 215 
LYS H2   H N N 216 
LYS HA   H N N 217 
LYS HB2  H N N 218 
LYS HB3  H N N 219 
LYS HG2  H N N 220 
LYS HG3  H N N 221 
LYS HD2  H N N 222 
LYS HD3  H N N 223 
LYS HE2  H N N 224 
LYS HE3  H N N 225 
LYS HZ1  H N N 226 
LYS HZ2  H N N 227 
LYS HZ3  H N N 228 
LYS HXT  H N N 229 
MET N    N N N 230 
MET CA   C N S 231 
MET C    C N N 232 
MET O    O N N 233 
MET CB   C N N 234 
MET CG   C N N 235 
MET SD   S N N 236 
MET CE   C N N 237 
MET OXT  O N N 238 
MET H    H N N 239 
MET H2   H N N 240 
MET HA   H N N 241 
MET HB2  H N N 242 
MET HB3  H N N 243 
MET HG2  H N N 244 
MET HG3  H N N 245 
MET HE1  H N N 246 
MET HE2  H N N 247 
MET HE3  H N N 248 
MET HXT  H N N 249 
PHE N    N N N 250 
PHE CA   C N S 251 
PHE C    C N N 252 
PHE O    O N N 253 
PHE CB   C N N 254 
PHE CG   C Y N 255 
PHE CD1  C Y N 256 
PHE CD2  C Y N 257 
PHE CE1  C Y N 258 
PHE CE2  C Y N 259 
PHE CZ   C Y N 260 
PHE OXT  O N N 261 
PHE H    H N N 262 
PHE H2   H N N 263 
PHE HA   H N N 264 
PHE HB2  H N N 265 
PHE HB3  H N N 266 
PHE HD1  H N N 267 
PHE HD2  H N N 268 
PHE HE1  H N N 269 
PHE HE2  H N N 270 
PHE HZ   H N N 271 
PHE HXT  H N N 272 
PRO N    N N N 273 
PRO CA   C N S 274 
PRO C    C N N 275 
PRO O    O N N 276 
PRO CB   C N N 277 
PRO CG   C N N 278 
PRO CD   C N N 279 
PRO OXT  O N N 280 
PRO H    H N N 281 
PRO HA   H N N 282 
PRO HB2  H N N 283 
PRO HB3  H N N 284 
PRO HG2  H N N 285 
PRO HG3  H N N 286 
PRO HD2  H N N 287 
PRO HD3  H N N 288 
PRO HXT  H N N 289 
SER N    N N N 290 
SER CA   C N S 291 
SER C    C N N 292 
SER O    O N N 293 
SER CB   C N N 294 
SER OG   O N N 295 
SER OXT  O N N 296 
SER H    H N N 297 
SER H2   H N N 298 
SER HA   H N N 299 
SER HB2  H N N 300 
SER HB3  H N N 301 
SER HG   H N N 302 
SER HXT  H N N 303 
SO4 S    S N N 304 
SO4 O1   O N N 305 
SO4 O2   O N N 306 
SO4 O3   O N N 307 
SO4 O4   O N N 308 
THR N    N N N 309 
THR CA   C N S 310 
THR C    C N N 311 
THR O    O N N 312 
THR CB   C N R 313 
THR OG1  O N N 314 
THR CG2  C N N 315 
THR OXT  O N N 316 
THR H    H N N 317 
THR H2   H N N 318 
THR HA   H N N 319 
THR HB   H N N 320 
THR HG1  H N N 321 
THR HG21 H N N 322 
THR HG22 H N N 323 
THR HG23 H N N 324 
THR HXT  H N N 325 
TRP N    N N N 326 
TRP CA   C N S 327 
TRP C    C N N 328 
TRP O    O N N 329 
TRP CB   C N N 330 
TRP CG   C Y N 331 
TRP CD1  C Y N 332 
TRP CD2  C Y N 333 
TRP NE1  N Y N 334 
TRP CE2  C Y N 335 
TRP CE3  C Y N 336 
TRP CZ2  C Y N 337 
TRP CZ3  C Y N 338 
TRP CH2  C Y N 339 
TRP OXT  O N N 340 
TRP H    H N N 341 
TRP H2   H N N 342 
TRP HA   H N N 343 
TRP HB2  H N N 344 
TRP HB3  H N N 345 
TRP HD1  H N N 346 
TRP HE1  H N N 347 
TRP HE3  H N N 348 
TRP HZ2  H N N 349 
TRP HZ3  H N N 350 
TRP HH2  H N N 351 
TRP HXT  H N N 352 
TYR N    N N N 353 
TYR CA   C N S 354 
TYR C    C N N 355 
TYR O    O N N 356 
TYR CB   C N N 357 
TYR CG   C Y N 358 
TYR CD1  C Y N 359 
TYR CD2  C Y N 360 
TYR CE1  C Y N 361 
TYR CE2  C Y N 362 
TYR CZ   C Y N 363 
TYR OH   O N N 364 
TYR OXT  O N N 365 
TYR H    H N N 366 
TYR H2   H N N 367 
TYR HA   H N N 368 
TYR HB2  H N N 369 
TYR HB3  H N N 370 
TYR HD1  H N N 371 
TYR HD2  H N N 372 
TYR HE1  H N N 373 
TYR HE2  H N N 374 
TYR HH   H N N 375 
TYR HXT  H N N 376 
VAL N    N N N 377 
VAL CA   C N S 378 
VAL C    C N N 379 
VAL O    O N N 380 
VAL CB   C N N 381 
VAL CG1  C N N 382 
VAL CG2  C N N 383 
VAL OXT  O N N 384 
VAL H    H N N 385 
VAL H2   H N N 386 
VAL HA   H N N 387 
VAL HB   H N N 388 
VAL HG11 H N N 389 
VAL HG12 H N N 390 
VAL HG13 H N N 391 
VAL HG21 H N N 392 
VAL HG22 H N N 393 
VAL HG23 H N N 394 
VAL HXT  H N N 395 
# 
loop_
_chem_comp_bond.comp_id 
_chem_comp_bond.atom_id_1 
_chem_comp_bond.atom_id_2 
_chem_comp_bond.value_order 
_chem_comp_bond.pdbx_aromatic_flag 
_chem_comp_bond.pdbx_stereo_config 
_chem_comp_bond.pdbx_ordinal 
ALA N   CA   sing N N 1   
ALA N   H    sing N N 2   
ALA N   H2   sing N N 3   
ALA CA  C    sing N N 4   
ALA CA  CB   sing N N 5   
ALA CA  HA   sing N N 6   
ALA C   O    doub N N 7   
ALA C   OXT  sing N N 8   
ALA CB  HB1  sing N N 9   
ALA CB  HB2  sing N N 10  
ALA CB  HB3  sing N N 11  
ALA OXT HXT  sing N N 12  
ARG N   CA   sing N N 13  
ARG N   H    sing N N 14  
ARG N   H2   sing N N 15  
ARG CA  C    sing N N 16  
ARG CA  CB   sing N N 17  
ARG CA  HA   sing N N 18  
ARG C   O    doub N N 19  
ARG C   OXT  sing N N 20  
ARG CB  CG   sing N N 21  
ARG CB  HB2  sing N N 22  
ARG CB  HB3  sing N N 23  
ARG CG  CD   sing N N 24  
ARG CG  HG2  sing N N 25  
ARG CG  HG3  sing N N 26  
ARG CD  NE   sing N N 27  
ARG CD  HD2  sing N N 28  
ARG CD  HD3  sing N N 29  
ARG NE  CZ   sing N N 30  
ARG NE  HE   sing N N 31  
ARG CZ  NH1  sing N N 32  
ARG CZ  NH2  doub N N 33  
ARG NH1 HH11 sing N N 34  
ARG NH1 HH12 sing N N 35  
ARG NH2 HH21 sing N N 36  
ARG NH2 HH22 sing N N 37  
ARG OXT HXT  sing N N 38  
ASN N   CA   sing N N 39  
ASN N   H    sing N N 40  
ASN N   H2   sing N N 41  
ASN CA  C    sing N N 42  
ASN CA  CB   sing N N 43  
ASN CA  HA   sing N N 44  
ASN C   O    doub N N 45  
ASN C   OXT  sing N N 46  
ASN CB  CG   sing N N 47  
ASN CB  HB2  sing N N 48  
ASN CB  HB3  sing N N 49  
ASN CG  OD1  doub N N 50  
ASN CG  ND2  sing N N 51  
ASN ND2 HD21 sing N N 52  
ASN ND2 HD22 sing N N 53  
ASN OXT HXT  sing N N 54  
ASP N   CA   sing N N 55  
ASP N   H    sing N N 56  
ASP N   H2   sing N N 57  
ASP CA  C    sing N N 58  
ASP CA  CB   sing N N 59  
ASP CA  HA   sing N N 60  
ASP C   O    doub N N 61  
ASP C   OXT  sing N N 62  
ASP CB  CG   sing N N 63  
ASP CB  HB2  sing N N 64  
ASP CB  HB3  sing N N 65  
ASP CG  OD1  doub N N 66  
ASP CG  OD2  sing N N 67  
ASP OD2 HD2  sing N N 68  
ASP OXT HXT  sing N N 69  
CYS N   CA   sing N N 70  
CYS N   H    sing N N 71  
CYS N   H2   sing N N 72  
CYS CA  C    sing N N 73  
CYS CA  CB   sing N N 74  
CYS CA  HA   sing N N 75  
CYS C   O    doub N N 76  
CYS C   OXT  sing N N 77  
CYS CB  SG   sing N N 78  
CYS CB  HB2  sing N N 79  
CYS CB  HB3  sing N N 80  
CYS SG  HG   sing N N 81  
CYS OXT HXT  sing N N 82  
GLN N   CA   sing N N 83  
GLN N   H    sing N N 84  
GLN N   H2   sing N N 85  
GLN CA  C    sing N N 86  
GLN CA  CB   sing N N 87  
GLN CA  HA   sing N N 88  
GLN C   O    doub N N 89  
GLN C   OXT  sing N N 90  
GLN CB  CG   sing N N 91  
GLN CB  HB2  sing N N 92  
GLN CB  HB3  sing N N 93  
GLN CG  CD   sing N N 94  
GLN CG  HG2  sing N N 95  
GLN CG  HG3  sing N N 96  
GLN CD  OE1  doub N N 97  
GLN CD  NE2  sing N N 98  
GLN NE2 HE21 sing N N 99  
GLN NE2 HE22 sing N N 100 
GLN OXT HXT  sing N N 101 
GLU N   CA   sing N N 102 
GLU N   H    sing N N 103 
GLU N   H2   sing N N 104 
GLU CA  C    sing N N 105 
GLU CA  CB   sing N N 106 
GLU CA  HA   sing N N 107 
GLU C   O    doub N N 108 
GLU C   OXT  sing N N 109 
GLU CB  CG   sing N N 110 
GLU CB  HB2  sing N N 111 
GLU CB  HB3  sing N N 112 
GLU CG  CD   sing N N 113 
GLU CG  HG2  sing N N 114 
GLU CG  HG3  sing N N 115 
GLU CD  OE1  doub N N 116 
GLU CD  OE2  sing N N 117 
GLU OE2 HE2  sing N N 118 
GLU OXT HXT  sing N N 119 
GLY N   CA   sing N N 120 
GLY N   H    sing N N 121 
GLY N   H2   sing N N 122 
GLY CA  C    sing N N 123 
GLY CA  HA2  sing N N 124 
GLY CA  HA3  sing N N 125 
GLY C   O    doub N N 126 
GLY C   OXT  sing N N 127 
GLY OXT HXT  sing N N 128 
HIS N   CA   sing N N 129 
HIS N   H    sing N N 130 
HIS N   H2   sing N N 131 
HIS CA  C    sing N N 132 
HIS CA  CB   sing N N 133 
HIS CA  HA   sing N N 134 
HIS C   O    doub N N 135 
HIS C   OXT  sing N N 136 
HIS CB  CG   sing N N 137 
HIS CB  HB2  sing N N 138 
HIS CB  HB3  sing N N 139 
HIS CG  ND1  sing Y N 140 
HIS CG  CD2  doub Y N 141 
HIS ND1 CE1  doub Y N 142 
HIS ND1 HD1  sing N N 143 
HIS CD2 NE2  sing Y N 144 
HIS CD2 HD2  sing N N 145 
HIS CE1 NE2  sing Y N 146 
HIS CE1 HE1  sing N N 147 
HIS NE2 HE2  sing N N 148 
HIS OXT HXT  sing N N 149 
HOH O   H1   sing N N 150 
HOH O   H2   sing N N 151 
ILE N   CA   sing N N 152 
ILE N   H    sing N N 153 
ILE N   H2   sing N N 154 
ILE CA  C    sing N N 155 
ILE CA  CB   sing N N 156 
ILE CA  HA   sing N N 157 
ILE C   O    doub N N 158 
ILE C   OXT  sing N N 159 
ILE CB  CG1  sing N N 160 
ILE CB  CG2  sing N N 161 
ILE CB  HB   sing N N 162 
ILE CG1 CD1  sing N N 163 
ILE CG1 HG12 sing N N 164 
ILE CG1 HG13 sing N N 165 
ILE CG2 HG21 sing N N 166 
ILE CG2 HG22 sing N N 167 
ILE CG2 HG23 sing N N 168 
ILE CD1 HD11 sing N N 169 
ILE CD1 HD12 sing N N 170 
ILE CD1 HD13 sing N N 171 
ILE OXT HXT  sing N N 172 
LEU N   CA   sing N N 173 
LEU N   H    sing N N 174 
LEU N   H2   sing N N 175 
LEU CA  C    sing N N 176 
LEU CA  CB   sing N N 177 
LEU CA  HA   sing N N 178 
LEU C   O    doub N N 179 
LEU C   OXT  sing N N 180 
LEU CB  CG   sing N N 181 
LEU CB  HB2  sing N N 182 
LEU CB  HB3  sing N N 183 
LEU CG  CD1  sing N N 184 
LEU CG  CD2  sing N N 185 
LEU CG  HG   sing N N 186 
LEU CD1 HD11 sing N N 187 
LEU CD1 HD12 sing N N 188 
LEU CD1 HD13 sing N N 189 
LEU CD2 HD21 sing N N 190 
LEU CD2 HD22 sing N N 191 
LEU CD2 HD23 sing N N 192 
LEU OXT HXT  sing N N 193 
LYS N   CA   sing N N 194 
LYS N   H    sing N N 195 
LYS N   H2   sing N N 196 
LYS CA  C    sing N N 197 
LYS CA  CB   sing N N 198 
LYS CA  HA   sing N N 199 
LYS C   O    doub N N 200 
LYS C   OXT  sing N N 201 
LYS CB  CG   sing N N 202 
LYS CB  HB2  sing N N 203 
LYS CB  HB3  sing N N 204 
LYS CG  CD   sing N N 205 
LYS CG  HG2  sing N N 206 
LYS CG  HG3  sing N N 207 
LYS CD  CE   sing N N 208 
LYS CD  HD2  sing N N 209 
LYS CD  HD3  sing N N 210 
LYS CE  NZ   sing N N 211 
LYS CE  HE2  sing N N 212 
LYS CE  HE3  sing N N 213 
LYS NZ  HZ1  sing N N 214 
LYS NZ  HZ2  sing N N 215 
LYS NZ  HZ3  sing N N 216 
LYS OXT HXT  sing N N 217 
MET N   CA   sing N N 218 
MET N   H    sing N N 219 
MET N   H2   sing N N 220 
MET CA  C    sing N N 221 
MET CA  CB   sing N N 222 
MET CA  HA   sing N N 223 
MET C   O    doub N N 224 
MET C   OXT  sing N N 225 
MET CB  CG   sing N N 226 
MET CB  HB2  sing N N 227 
MET CB  HB3  sing N N 228 
MET CG  SD   sing N N 229 
MET CG  HG2  sing N N 230 
MET CG  HG3  sing N N 231 
MET SD  CE   sing N N 232 
MET CE  HE1  sing N N 233 
MET CE  HE2  sing N N 234 
MET CE  HE3  sing N N 235 
MET OXT HXT  sing N N 236 
PHE N   CA   sing N N 237 
PHE N   H    sing N N 238 
PHE N   H2   sing N N 239 
PHE CA  C    sing N N 240 
PHE CA  CB   sing N N 241 
PHE CA  HA   sing N N 242 
PHE C   O    doub N N 243 
PHE C   OXT  sing N N 244 
PHE CB  CG   sing N N 245 
PHE CB  HB2  sing N N 246 
PHE CB  HB3  sing N N 247 
PHE CG  CD1  doub Y N 248 
PHE CG  CD2  sing Y N 249 
PHE CD1 CE1  sing Y N 250 
PHE CD1 HD1  sing N N 251 
PHE CD2 CE2  doub Y N 252 
PHE CD2 HD2  sing N N 253 
PHE CE1 CZ   doub Y N 254 
PHE CE1 HE1  sing N N 255 
PHE CE2 CZ   sing Y N 256 
PHE CE2 HE2  sing N N 257 
PHE CZ  HZ   sing N N 258 
PHE OXT HXT  sing N N 259 
PRO N   CA   sing N N 260 
PRO N   CD   sing N N 261 
PRO N   H    sing N N 262 
PRO CA  C    sing N N 263 
PRO CA  CB   sing N N 264 
PRO CA  HA   sing N N 265 
PRO C   O    doub N N 266 
PRO C   OXT  sing N N 267 
PRO CB  CG   sing N N 268 
PRO CB  HB2  sing N N 269 
PRO CB  HB3  sing N N 270 
PRO CG  CD   sing N N 271 
PRO CG  HG2  sing N N 272 
PRO CG  HG3  sing N N 273 
PRO CD  HD2  sing N N 274 
PRO CD  HD3  sing N N 275 
PRO OXT HXT  sing N N 276 
SER N   CA   sing N N 277 
SER N   H    sing N N 278 
SER N   H2   sing N N 279 
SER CA  C    sing N N 280 
SER CA  CB   sing N N 281 
SER CA  HA   sing N N 282 
SER C   O    doub N N 283 
SER C   OXT  sing N N 284 
SER CB  OG   sing N N 285 
SER CB  HB2  sing N N 286 
SER CB  HB3  sing N N 287 
SER OG  HG   sing N N 288 
SER OXT HXT  sing N N 289 
SO4 S   O1   doub N N 290 
SO4 S   O2   doub N N 291 
SO4 S   O3   sing N N 292 
SO4 S   O4   sing N N 293 
THR N   CA   sing N N 294 
THR N   H    sing N N 295 
THR N   H2   sing N N 296 
THR CA  C    sing N N 297 
THR CA  CB   sing N N 298 
THR CA  HA   sing N N 299 
THR C   O    doub N N 300 
THR C   OXT  sing N N 301 
THR CB  OG1  sing N N 302 
THR CB  CG2  sing N N 303 
THR CB  HB   sing N N 304 
THR OG1 HG1  sing N N 305 
THR CG2 HG21 sing N N 306 
THR CG2 HG22 sing N N 307 
THR CG2 HG23 sing N N 308 
THR OXT HXT  sing N N 309 
TRP N   CA   sing N N 310 
TRP N   H    sing N N 311 
TRP N   H2   sing N N 312 
TRP CA  C    sing N N 313 
TRP CA  CB   sing N N 314 
TRP CA  HA   sing N N 315 
TRP C   O    doub N N 316 
TRP C   OXT  sing N N 317 
TRP CB  CG   sing N N 318 
TRP CB  HB2  sing N N 319 
TRP CB  HB3  sing N N 320 
TRP CG  CD1  doub Y N 321 
TRP CG  CD2  sing Y N 322 
TRP CD1 NE1  sing Y N 323 
TRP CD1 HD1  sing N N 324 
TRP CD2 CE2  doub Y N 325 
TRP CD2 CE3  sing Y N 326 
TRP NE1 CE2  sing Y N 327 
TRP NE1 HE1  sing N N 328 
TRP CE2 CZ2  sing Y N 329 
TRP CE3 CZ3  doub Y N 330 
TRP CE3 HE3  sing N N 331 
TRP CZ2 CH2  doub Y N 332 
TRP CZ2 HZ2  sing N N 333 
TRP CZ3 CH2  sing Y N 334 
TRP CZ3 HZ3  sing N N 335 
TRP CH2 HH2  sing N N 336 
TRP OXT HXT  sing N N 337 
TYR N   CA   sing N N 338 
TYR N   H    sing N N 339 
TYR N   H2   sing N N 340 
TYR CA  C    sing N N 341 
TYR CA  CB   sing N N 342 
TYR CA  HA   sing N N 343 
TYR C   O    doub N N 344 
TYR C   OXT  sing N N 345 
TYR CB  CG   sing N N 346 
TYR CB  HB2  sing N N 347 
TYR CB  HB3  sing N N 348 
TYR CG  CD1  doub Y N 349 
TYR CG  CD2  sing Y N 350 
TYR CD1 CE1  sing Y N 351 
TYR CD1 HD1  sing N N 352 
TYR CD2 CE2  doub Y N 353 
TYR CD2 HD2  sing N N 354 
TYR CE1 CZ   doub Y N 355 
TYR CE1 HE1  sing N N 356 
TYR CE2 CZ   sing Y N 357 
TYR CE2 HE2  sing N N 358 
TYR CZ  OH   sing N N 359 
TYR OH  HH   sing N N 360 
TYR OXT HXT  sing N N 361 
VAL N   CA   sing N N 362 
VAL N   H    sing N N 363 
VAL N   H2   sing N N 364 
VAL CA  C    sing N N 365 
VAL CA  CB   sing N N 366 
VAL CA  HA   sing N N 367 
VAL C   O    doub N N 368 
VAL C   OXT  sing N N 369 
VAL CB  CG1  sing N N 370 
VAL CB  CG2  sing N N 371 
VAL CB  HB   sing N N 372 
VAL CG1 HG11 sing N N 373 
VAL CG1 HG12 sing N N 374 
VAL CG1 HG13 sing N N 375 
VAL CG2 HG21 sing N N 376 
VAL CG2 HG22 sing N N 377 
VAL CG2 HG23 sing N N 378 
VAL OXT HXT  sing N N 379 
# 
_atom_sites.entry_id                    3GR5 
_atom_sites.fract_transf_matrix[1][1]   -0.01043097 
_atom_sites.fract_transf_matrix[1][2]   -0.00370867 
_atom_sites.fract_transf_matrix[1][3]   0.00630157 
_atom_sites.fract_transf_matrix[2][1]   -0.00675848 
_atom_sites.fract_transf_matrix[2][2]   0.00848357 
_atom_sites.fract_transf_matrix[2][3]   0.00668087 
_atom_sites.fract_transf_matrix[3][1]   -0.00417248 
_atom_sites.fract_transf_matrix[3][2]   0.00144522 
_atom_sites.fract_transf_matrix[3][3]   -0.00605613 
_atom_sites.fract_transf_vector[1]      0.254364 
_atom_sites.fract_transf_vector[2]      0.545557 
_atom_sites.fract_transf_vector[3]      0.055639 
# 
loop_
_atom_type.symbol 
C 
N 
O 
S 
# 
loop_
_atom_site.group_PDB 
_atom_site.id 
_atom_site.type_symbol 
_atom_site.label_atom_id 
_atom_site.label_alt_id 
_atom_site.label_comp_id 
_atom_site.label_asym_id 
_atom_site.label_entity_id 
_atom_site.label_seq_id 
_atom_site.pdbx_PDB_ins_code 
_atom_site.Cartn_x 
_atom_site.Cartn_y 
_atom_site.Cartn_z 
_atom_site.occupancy 
_atom_site.B_iso_or_equiv 
_atom_site.pdbx_formal_charge 
_atom_site.auth_seq_id 
_atom_site.auth_comp_id 
_atom_site.auth_asym_id 
_atom_site.auth_atom_id 
_atom_site.pdbx_PDB_model_num 
ATOM   1    N N   . MET A 1 4   ? 4.291   -2.495  -17.150 1.00 69.74  ? 21  MET A N   1 
ATOM   2    C CA  . MET A 1 4   ? 4.585   -1.885  -15.817 1.00 69.10  ? 21  MET A CA  1 
ATOM   3    C C   . MET A 1 4   ? 3.515   -2.271  -14.751 1.00 66.64  ? 21  MET A C   1 
ATOM   4    O O   . MET A 1 4   ? 2.533   -2.964  -15.071 1.00 67.34  ? 21  MET A O   1 
ATOM   5    C CB  . MET A 1 4   ? 4.666   -0.349  -15.922 1.00 69.88  ? 21  MET A CB  1 
ATOM   6    C CG  . MET A 1 4   ? 4.764   0.292   -17.330 1.00 72.84  ? 21  MET A CG  1 
ATOM   7    S SD  . MET A 1 4   ? 3.183   0.988   -17.861 1.00 77.46  ? 21  MET A SD  1 
ATOM   8    C CE  . MET A 1 4   ? 3.627   2.743   -18.328 1.00 74.50  ? 21  MET A CE  1 
ATOM   9    N N   . SER A 1 5   ? 3.717   -1.803  -13.506 1.00 63.00  ? 22  SER A N   1 
ATOM   10   C CA  . SER A 1 5   ? 2.649   -1.814  -12.446 1.00 59.78  ? 22  SER A CA  1 
ATOM   11   C C   . SER A 1 5   ? 1.293   -1.125  -12.828 1.00 56.00  ? 22  SER A C   1 
ATOM   12   O O   . SER A 1 5   ? 1.203   -0.228  -13.702 1.00 56.00  ? 22  SER A O   1 
ATOM   13   C CB  . SER A 1 5   ? 3.195   -1.279  -11.086 1.00 59.40  ? 22  SER A CB  1 
ATOM   14   O OG  . SER A 1 5   ? 3.132   0.127   -11.038 1.00 55.82  ? 22  SER A OG  1 
ATOM   15   N N   . SER A 1 6   ? 0.215   -1.575  -12.185 1.00 52.47  ? 23  SER A N   1 
ATOM   16   C CA  . SER A 1 6   ? -1.074  -0.939  -12.417 1.00 49.24  ? 23  SER A CA  1 
ATOM   17   C C   . SER A 1 6   ? -0.978  0.505   -12.013 1.00 44.76  ? 23  SER A C   1 
ATOM   18   O O   . SER A 1 6   ? -1.555  1.341   -12.615 1.00 43.17  ? 23  SER A O   1 
ATOM   19   C CB  . SER A 1 6   ? -2.216  -1.677  -11.715 1.00 49.80  ? 23  SER A CB  1 
ATOM   20   O OG  . SER A 1 6   ? -1.858  -1.963  -10.365 1.00 53.74  ? 23  SER A OG  1 
ATOM   21   N N   . LEU A 1 7   ? -0.252  0.814   -10.967 1.00 42.81  ? 24  LEU A N   1 
ATOM   22   C CA  . LEU A 1 7   ? -0.201  2.213   -10.499 1.00 43.03  ? 24  LEU A CA  1 
ATOM   23   C C   . LEU A 1 7   ? 0.515   3.057   -11.581 1.00 41.84  ? 24  LEU A C   1 
ATOM   24   O O   . LEU A 1 7   ? 0.107   4.123   -11.933 1.00 37.09  ? 24  LEU A O   1 
ATOM   25   C CB  . LEU A 1 7   ? 0.527   2.296   -9.182  1.00 41.05  ? 24  LEU A CB  1 
ATOM   26   C CG  . LEU A 1 7   ? 0.361   3.504   -8.289  1.00 43.46  ? 24  LEU A CG  1 
ATOM   27   C CD1 . LEU A 1 7   ? 1.608   4.195   -8.013  1.00 46.08  ? 24  LEU A CD1 1 
ATOM   28   C CD2 . LEU A 1 7   ? -0.664  4.490   -8.755  1.00 42.57  ? 24  LEU A CD2 1 
ATOM   29   N N   . GLU A 1 8   ? 1.585   2.513   -12.136 1.00 45.05  ? 25  GLU A N   1 
ATOM   30   C CA  . GLU A 1 8   ? 2.410   3.261   -13.126 1.00 47.35  ? 25  GLU A CA  1 
ATOM   31   C C   . GLU A 1 8   ? 1.598   3.406   -14.398 1.00 47.28  ? 25  GLU A C   1 
ATOM   32   O O   . GLU A 1 8   ? 1.492   4.477   -15.032 1.00 46.54  ? 25  GLU A O   1 
ATOM   33   C CB  . GLU A 1 8   ? 3.726   2.494   -13.378 1.00 49.60  ? 25  GLU A CB  1 
ATOM   34   C CG  . GLU A 1 8   ? 4.408   3.036   -14.644 1.00 55.99  ? 25  GLU A CG  1 
ATOM   35   C CD  . GLU A 1 8   ? 5.895   2.662   -14.837 1.00 63.51  ? 25  GLU A CD  1 
ATOM   36   O OE1 . GLU A 1 8   ? 6.556   3.496   -15.595 1.00 64.46  ? 25  GLU A OE1 1 
ATOM   37   O OE2 . GLU A 1 8   ? 6.343   1.599   -14.254 1.00 62.10  ? 25  GLU A OE2 1 
ATOM   38   N N   . LYS A 1 9   ? 0.921   2.330   -14.727 1.00 48.06  ? 26  LYS A N   1 
ATOM   39   C CA  . LYS A 1 9   ? 0.036   2.366   -15.896 1.00 50.97  ? 26  LYS A CA  1 
ATOM   40   C C   . LYS A 1 9   ? -1.055  3.440   -15.717 1.00 50.23  ? 26  LYS A C   1 
ATOM   41   O O   . LYS A 1 9   ? -1.403  4.142   -16.633 1.00 50.12  ? 26  LYS A O   1 
ATOM   42   C CB  . LYS A 1 9   ? -0.504  0.946   -16.107 1.00 52.41  ? 26  LYS A CB  1 
ATOM   43   C CG  . LYS A 1 9   ? -1.369  0.670   -17.319 1.00 58.26  ? 26  LYS A CG  1 
ATOM   44   C CD  . LYS A 1 9   ? -1.294  -0.860  -17.732 1.00 64.61  ? 26  LYS A CD  1 
ATOM   45   C CE  . LYS A 1 9   ? -2.084  -1.188  -19.055 1.00 68.14  ? 26  LYS A CE  1 
ATOM   46   N NZ  . LYS A 1 9   ? -3.200  -0.176  -19.299 1.00 71.63  ? 26  LYS A NZ  1 
ATOM   47   N N   . ARG A 1 10  ? -1.549  3.623   -14.490 1.00 47.98  ? 27  ARG A N   1 
ATOM   48   C CA  . ARG A 1 10  ? -2.541  4.642   -14.265 1.00 46.15  ? 27  ARG A CA  1 
ATOM   49   C C   . ARG A 1 10  ? -1.986  6.021   -14.200 1.00 44.04  ? 27  ARG A C   1 
ATOM   50   O O   . ARG A 1 10  ? -2.654  6.923   -14.542 1.00 43.72  ? 27  ARG A O   1 
ATOM   51   C CB  . ARG A 1 10  ? -3.278  4.381   -12.924 1.00 45.87  ? 27  ARG A CB  1 
ATOM   52   C CG  . ARG A 1 10  ? -4.479  5.295   -12.768 1.00 45.07  ? 27  ARG A CG  1 
ATOM   53   C CD  . ARG A 1 10  ? -5.384  4.794   -11.635 1.00 42.74  ? 27  ARG A CD  1 
ATOM   54   N NE  . ARG A 1 10  ? -6.522  5.686   -11.419 1.00 43.47  ? 27  ARG A NE  1 
ATOM   55   C CZ  . ARG A 1 10  ? -7.468  5.466   -10.504 1.00 42.69  ? 27  ARG A CZ  1 
ATOM   56   N NH1 . ARG A 1 10  ? -7.361  4.443   -9.638  1.00 37.74  ? 27  ARG A NH1 1 
ATOM   57   N NH2 . ARG A 1 10  ? -8.436  6.333   -10.375 1.00 43.86  ? 27  ARG A NH2 1 
ATOM   58   N N   . LEU A 1 11  ? -0.801  6.195   -13.649 1.00 43.78  ? 28  LEU A N   1 
ATOM   59   C CA  . LEU A 1 11  ? -0.221  7.506   -13.548 1.00 44.64  ? 28  LEU A CA  1 
ATOM   60   C C   . LEU A 1 11  ? 0.118   8.066   -14.982 1.00 45.71  ? 28  LEU A C   1 
ATOM   61   O O   . LEU A 1 11  ? 0.066   9.262   -15.221 1.00 47.01  ? 28  LEU A O   1 
ATOM   62   C CB  . LEU A 1 11  ? 1.046   7.438   -12.723 1.00 44.12  ? 28  LEU A CB  1 
ATOM   63   C CG  . LEU A 1 11  ? 0.985   7.271   -11.173 1.00 45.03  ? 28  LEU A CG  1 
ATOM   64   C CD1 . LEU A 1 11  ? 2.424   7.051   -10.593 1.00 47.57  ? 28  LEU A CD1 1 
ATOM   65   C CD2 . LEU A 1 11  ? 0.442   8.522   -10.578 1.00 41.83  ? 28  LEU A CD2 1 
ATOM   66   N N   . GLY A 1 12  ? 0.410   7.169   -15.905 1.00 48.26  ? 29  GLY A N   1 
ATOM   67   C CA  . GLY A 1 12  ? 0.782   7.519   -17.279 1.00 49.97  ? 29  GLY A CA  1 
ATOM   68   C C   . GLY A 1 12  ? 2.127   8.226   -17.343 1.00 51.68  ? 29  GLY A C   1 
ATOM   69   O O   . GLY A 1 12  ? 3.012   8.115   -16.461 1.00 50.62  ? 29  GLY A O   1 
ATOM   70   N N   . LYS A 1 13  ? 2.286   8.981   -18.421 1.00 55.60  ? 30  LYS A N   1 
ATOM   71   C CA  . LYS A 1 13  ? 3.621   9.431   -18.822 1.00 56.68  ? 30  LYS A CA  1 
ATOM   72   C C   . LYS A 1 13  ? 3.692   10.906  -18.780 1.00 54.82  ? 30  LYS A C   1 
ATOM   73   O O   . LYS A 1 13  ? 4.748   11.413  -19.011 1.00 56.50  ? 30  LYS A O   1 
ATOM   74   C CB  . LYS A 1 13  ? 4.025   8.846   -20.226 1.00 59.02  ? 30  LYS A CB  1 
ATOM   75   C CG  . LYS A 1 13  ? 4.214   7.234   -20.328 1.00 64.45  ? 30  LYS A CG  1 
ATOM   76   C CD  . LYS A 1 13  ? 4.810   6.634   -21.686 1.00 71.81  ? 30  LYS A CD  1 
ATOM   77   C CE  . LYS A 1 13  ? 6.162   7.373   -22.225 1.00 76.42  ? 30  LYS A CE  1 
ATOM   78   N NZ  . LYS A 1 13  ? 7.446   7.194   -21.385 1.00 78.51  ? 30  LYS A NZ  1 
ATOM   79   N N   . ASN A 1 14  ? 2.608   11.614  -18.467 1.00 52.75  ? 31  ASN A N   1 
ATOM   80   C CA  . ASN A 1 14  ? 2.672   13.053  -18.339 1.00 51.72  ? 31  ASN A CA  1 
ATOM   81   C C   . ASN A 1 14  ? 3.457   13.509  -17.100 1.00 51.56  ? 31  ASN A C   1 
ATOM   82   O O   . ASN A 1 14  ? 3.091   13.221  -15.959 1.00 48.01  ? 31  ASN A O   1 
ATOM   83   C CB  . ASN A 1 14  ? 1.324   13.705  -18.184 1.00 52.77  ? 31  ASN A CB  1 
ATOM   84   C CG  . ASN A 1 14  ? 0.459   13.735  -19.454 1.00 56.61  ? 31  ASN A CG  1 
ATOM   85   O OD1 . ASN A 1 14  ? 0.515   12.871  -20.322 1.00 60.50  ? 31  ASN A OD1 1 
ATOM   86   N ND2 . ASN A 1 14  ? -0.460  14.710  -19.458 1.00 58.27  ? 31  ASN A ND2 1 
ATOM   87   N N   . GLU A 1 15  ? 4.434   14.382  -17.290 1.00 49.17  ? 32  GLU A N   1 
ATOM   88   C CA  . GLU A 1 15  ? 5.309   14.682  -16.188 1.00 48.14  ? 32  GLU A CA  1 
ATOM   89   C C   . GLU A 1 15  ? 4.760   15.762  -15.277 1.00 46.03  ? 32  GLU A C   1 
ATOM   90   O O   . GLU A 1 15  ? 3.784   16.504  -15.596 1.00 45.03  ? 32  GLU A O   1 
ATOM   91   C CB  . GLU A 1 15  ? 6.821   14.866  -16.632 1.00 49.50  ? 32  GLU A CB  1 
ATOM   92   C CG  . GLU A 1 15  ? 6.958   15.420  -17.974 1.00 50.20  ? 32  GLU A CG  1 
ATOM   93   C CD  . GLU A 1 15  ? 8.386   15.699  -18.484 1.00 42.94  ? 32  GLU A CD  1 
ATOM   94   O OE1 . GLU A 1 15  ? 8.932   14.868  -19.126 1.00 34.07  ? 32  GLU A OE1 1 
ATOM   95   O OE2 . GLU A 1 15  ? 8.752   16.826  -18.385 1.00 41.94  ? 32  GLU A OE2 1 
ATOM   96   N N   . TYR A 1 16  ? 5.388   15.861  -14.106 1.00 43.49  ? 33  TYR A N   1 
ATOM   97   C CA  . TYR A 1 16  ? 4.822   16.597  -12.990 1.00 42.57  ? 33  TYR A CA  1 
ATOM   98   C C   . TYR A 1 16  ? 5.614   17.798  -12.726 1.00 42.48  ? 33  TYR A C   1 
ATOM   99   O O   . TYR A 1 16  ? 6.847   17.762  -12.792 1.00 45.23  ? 33  TYR A O   1 
ATOM   100  C CB  . TYR A 1 16  ? 4.776   15.679  -11.708 1.00 41.50  ? 33  TYR A CB  1 
ATOM   101  C CG  . TYR A 1 16  ? 4.029   16.309  -10.540 1.00 41.12  ? 33  TYR A CG  1 
ATOM   102  C CD1 . TYR A 1 16  ? 2.684   16.606  -10.637 1.00 37.38  ? 33  TYR A CD1 1 
ATOM   103  C CD2 . TYR A 1 16  ? 4.670   16.575  -9.324  1.00 40.98  ? 33  TYR A CD2 1 
ATOM   104  C CE1 . TYR A 1 16  ? 2.011   17.182  -9.567  1.00 42.15  ? 33  TYR A CE1 1 
ATOM   105  C CE2 . TYR A 1 16  ? 3.987   17.181  -8.237  1.00 40.99  ? 33  TYR A CE2 1 
ATOM   106  C CZ  . TYR A 1 16  ? 2.686   17.445  -8.372  1.00 40.13  ? 33  TYR A CZ  1 
ATOM   107  O OH  . TYR A 1 16  ? 2.013   18.000  -7.356  1.00 49.81  ? 33  TYR A OH  1 
ATOM   108  N N   . PHE A 1 17  ? 4.934   18.856  -12.384 1.00 41.61  ? 34  PHE A N   1 
ATOM   109  C CA  . PHE A 1 17  ? 5.507   20.145  -12.178 1.00 43.14  ? 34  PHE A CA  1 
ATOM   110  C C   . PHE A 1 17  ? 4.921   20.725  -10.928 1.00 42.64  ? 34  PHE A C   1 
ATOM   111  O O   . PHE A 1 17  ? 3.707   20.839  -10.839 1.00 45.19  ? 34  PHE A O   1 
ATOM   112  C CB  . PHE A 1 17  ? 5.161   21.058  -13.411 1.00 43.95  ? 34  PHE A CB  1 
ATOM   113  C CG  . PHE A 1 17  ? 5.856   20.615  -14.653 1.00 49.54  ? 34  PHE A CG  1 
ATOM   114  C CD1 . PHE A 1 17  ? 7.014   21.320  -15.103 1.00 55.06  ? 34  PHE A CD1 1 
ATOM   115  C CD2 . PHE A 1 17  ? 5.429   19.471  -15.356 1.00 55.02  ? 34  PHE A CD2 1 
ATOM   116  C CE1 . PHE A 1 17  ? 7.723   20.888  -16.221 1.00 52.11  ? 34  PHE A CE1 1 
ATOM   117  C CE2 . PHE A 1 17  ? 6.151   18.985  -16.462 1.00 57.05  ? 34  PHE A CE2 1 
ATOM   118  C CZ  . PHE A 1 17  ? 7.318   19.690  -16.884 1.00 59.38  ? 34  PHE A CZ  1 
ATOM   119  N N   . ILE A 1 18  ? 5.727   21.126  -9.950  1.00 41.26  ? 35  ILE A N   1 
ATOM   120  C CA  . ILE A 1 18  ? 5.261   21.944  -8.881  1.00 41.31  ? 35  ILE A CA  1 
ATOM   121  C C   . ILE A 1 18  ? 6.365   22.833  -8.286  1.00 41.98  ? 35  ILE A C   1 
ATOM   122  O O   . ILE A 1 18  ? 7.539   22.464  -8.278  1.00 43.20  ? 35  ILE A O   1 
ATOM   123  C CB  . ILE A 1 18  ? 4.662   21.023  -7.729  1.00 43.46  ? 35  ILE A CB  1 
ATOM   124  C CG1 . ILE A 1 18  ? 3.796   21.884  -6.831  1.00 46.03  ? 35  ILE A CG1 1 
ATOM   125  C CG2 . ILE A 1 18  ? 5.786   20.358  -6.912  1.00 40.98  ? 35  ILE A CG2 1 
ATOM   126  C CD1 . ILE A 1 18  ? 2.897   21.140  -5.923  1.00 52.28  ? 35  ILE A CD1 1 
ATOM   127  N N   . ILE A 1 19  ? 5.998   23.959  -7.722  1.00 41.23  ? 36  ILE A N   1 
ATOM   128  C CA  . ILE A 1 19  ? 6.948   24.751  -7.010  1.00 43.93  ? 36  ILE A CA  1 
ATOM   129  C C   . ILE A 1 19  ? 6.373   25.318  -5.786  1.00 41.03  ? 36  ILE A C   1 
ATOM   130  O O   . ILE A 1 19  ? 5.239   25.706  -5.771  1.00 43.69  ? 36  ILE A O   1 
ATOM   131  C CB  . ILE A 1 19  ? 7.513   25.924  -7.958  1.00 45.41  ? 36  ILE A CB  1 
ATOM   132  C CG1 . ILE A 1 19  ? 7.851   25.340  -9.345  1.00 51.69  ? 36  ILE A CG1 1 
ATOM   133  C CG2 . ILE A 1 19  ? 8.721   26.591  -7.269  1.00 48.65  ? 36  ILE A CG2 1 
ATOM   134  C CD1 . ILE A 1 19  ? 8.615   26.329  -10.452 1.00 58.25  ? 36  ILE A CD1 1 
ATOM   135  N N   . THR A 1 20  ? 7.119   25.385  -4.712  1.00 40.21  ? 37  THR A N   1 
ATOM   136  C CA  . THR A 1 20  ? 6.645   26.048  -3.482  1.00 40.04  ? 37  THR A CA  1 
ATOM   137  C C   . THR A 1 20  ? 7.821   26.427  -2.587  1.00 41.91  ? 37  THR A C   1 
ATOM   138  O O   . THR A 1 20  ? 8.835   25.756  -2.579  1.00 42.21  ? 37  THR A O   1 
ATOM   139  C CB  . THR A 1 20  ? 5.638   25.127  -2.666  1.00 39.16  ? 37  THR A CB  1 
ATOM   140  O OG1 . THR A 1 20  ? 5.209   25.771  -1.455  1.00 38.24  ? 37  THR A OG1 1 
ATOM   141  C CG2 . THR A 1 20  ? 6.317   23.831  -2.144  1.00 40.09  ? 37  THR A CG2 1 
ATOM   142  N N   . LYS A 1 21  ? 7.683   27.439  -1.769  1.00 44.31  ? 38  LYS A N   1 
ATOM   143  C CA  . LYS A 1 21  ? 8.758   27.791  -0.868  1.00 47.68  ? 38  LYS A CA  1 
ATOM   144  C C   . LYS A 1 21  ? 8.641   26.949  0.375   1.00 47.59  ? 38  LYS A C   1 
ATOM   145  O O   . LYS A 1 21  ? 9.640   26.755  1.060   1.00 45.95  ? 38  LYS A O   1 
ATOM   146  C CB  . LYS A 1 21  ? 8.833   29.296  -0.464  1.00 49.60  ? 38  LYS A CB  1 
ATOM   147  C CG  . LYS A 1 21  ? 7.524   29.981  -0.047  1.00 58.40  ? 38  LYS A CG  1 
ATOM   148  C CD  . LYS A 1 21  ? 7.513   31.610  -0.337  1.00 66.35  ? 38  LYS A CD  1 
ATOM   149  C CE  . LYS A 1 21  ? 6.007   32.272  -0.343  1.00 68.34  ? 38  LYS A CE  1 
ATOM   150  N NZ  . LYS A 1 21  ? 5.119   31.808  -1.522  1.00 68.84  ? 38  LYS A NZ  1 
ATOM   151  N N   . SER A 1 22  ? 7.419   26.487  0.687   1.00 46.96  ? 39  SER A N   1 
ATOM   152  C CA  . SER A 1 22  ? 7.157   25.585  1.806   1.00 45.46  ? 39  SER A CA  1 
ATOM   153  C C   . SER A 1 22  ? 5.679   25.082  1.840   1.00 44.71  ? 39  SER A C   1 
ATOM   154  O O   . SER A 1 22  ? 4.776   25.908  1.999   1.00 43.82  ? 39  SER A O   1 
ATOM   155  C CB  . SER A 1 22  ? 7.445   26.287  3.076   1.00 45.89  ? 39  SER A CB  1 
ATOM   156  O OG  . SER A 1 22  ? 7.443   25.361  4.152   1.00 46.50  ? 39  SER A OG  1 
ATOM   157  N N   . SER A 1 23  ? 5.446   23.761  1.663   1.00 41.14  ? 40  SER A N   1 
ATOM   158  C CA  . SER A 1 23  ? 4.132   23.149  1.906   1.00 38.49  ? 40  SER A CA  1 
ATOM   159  C C   . SER A 1 23  ? 4.349   21.798  2.623   1.00 36.77  ? 40  SER A C   1 
ATOM   160  O O   . SER A 1 23  ? 5.375   21.143  2.458   1.00 35.35  ? 40  SER A O   1 
ATOM   161  C CB  . SER A 1 23  ? 3.373   22.908  0.633   1.00 38.92  ? 40  SER A CB  1 
ATOM   162  O OG  . SER A 1 23  ? 3.458   23.961  -0.261  1.00 43.37  ? 40  SER A OG  1 
ATOM   163  N N   . PRO A 1 24  ? 3.424   21.403  3.461   1.00 34.46  ? 41  PRO A N   1 
ATOM   164  C CA  . PRO A 1 24  ? 3.450   20.046  4.006   1.00 33.77  ? 41  PRO A CA  1 
ATOM   165  C C   . PRO A 1 24  ? 3.584   19.046  2.866   1.00 30.36  ? 41  PRO A C   1 
ATOM   166  O O   . PRO A 1 24  ? 2.996   19.204  1.804   1.00 30.10  ? 41  PRO A O   1 
ATOM   167  C CB  . PRO A 1 24  ? 2.094   19.924  4.752   1.00 33.43  ? 41  PRO A CB  1 
ATOM   168  C CG  . PRO A 1 24  ? 1.725   21.275  5.071   1.00 34.30  ? 41  PRO A CG  1 
ATOM   169  C CD  . PRO A 1 24  ? 2.224   22.146  3.919   1.00 36.80  ? 41  PRO A CD  1 
ATOM   170  N N   . VAL A 1 25  ? 4.452   18.052  3.034   1.00 30.42  ? 42  VAL A N   1 
ATOM   171  C CA  . VAL A 1 25  ? 4.523   16.936  2.091   1.00 29.53  ? 42  VAL A CA  1 
ATOM   172  C C   . VAL A 1 25  ? 3.124   16.317  1.829   1.00 28.02  ? 42  VAL A C   1 
ATOM   173  O O   . VAL A 1 25  ? 2.828   15.897  0.709   1.00 28.34  ? 42  VAL A O   1 
ATOM   174  C CB  . VAL A 1 25  ? 5.481   15.846  2.606   1.00 31.53  ? 42  VAL A CB  1 
ATOM   175  C CG1 . VAL A 1 25  ? 5.523   14.648  1.693   1.00 35.47  ? 42  VAL A CG1 1 
ATOM   176  C CG2 . VAL A 1 25  ? 6.870   16.401  2.598   1.00 36.77  ? 42  VAL A CG2 1 
ATOM   177  N N   . ARG A 1 26  ? 2.274   16.298  2.841   1.00 30.47  ? 43  ARG A N   1 
ATOM   178  C CA  . ARG A 1 26  ? 0.884   15.794  2.672   1.00 31.35  ? 43  ARG A CA  1 
ATOM   179  C C   . ARG A 1 26  ? 0.191   16.524  1.517   1.00 31.06  ? 43  ARG A C   1 
ATOM   180  O O   . ARG A 1 26  ? -0.475  15.906  0.683   1.00 31.99  ? 43  ARG A O   1 
ATOM   181  C CB  . ARG A 1 26  ? 0.115   15.964  4.016   1.00 31.82  ? 43  ARG A CB  1 
ATOM   182  C CG  . ARG A 1 26  ? -1.414  15.803  3.890   1.00 35.33  ? 43  ARG A CG  1 
ATOM   183  C CD  . ARG A 1 26  ? -2.199  16.084  5.201   1.00 37.32  ? 43  ARG A CD  1 
ATOM   184  N NE  . ARG A 1 26  ? -1.423  15.503  6.228   1.00 35.82  ? 43  ARG A NE  1 
ATOM   185  C CZ  . ARG A 1 26  ? -1.390  14.216  6.589   1.00 37.49  ? 43  ARG A CZ  1 
ATOM   186  N NH1 . ARG A 1 26  ? -2.277  13.271  6.162   1.00 31.46  ? 43  ARG A NH1 1 
ATOM   187  N NH2 . ARG A 1 26  ? -0.465  13.917  7.495   1.00 35.65  ? 43  ARG A NH2 1 
ATOM   188  N N   . ALA A 1 27  ? 0.374   17.838  1.441   1.00 31.27  ? 44  ALA A N   1 
ATOM   189  C CA  . ALA A 1 27  ? -0.230  18.653  0.420   1.00 30.77  ? 44  ALA A CA  1 
ATOM   190  C C   . ALA A 1 27  ? 0.424   18.463  -0.914  1.00 30.85  ? 44  ALA A C   1 
ATOM   191  O O   . ALA A 1 27  ? -0.274  18.423  -1.966  1.00 29.40  ? 44  ALA A O   1 
ATOM   192  C CB  . ALA A 1 27  ? -0.216  20.186  0.860   1.00 32.74  ? 44  ALA A CB  1 
ATOM   193  N N   . ILE A 1 28  ? 1.755   18.261  -0.951  1.00 29.65  ? 45  ILE A N   1 
ATOM   194  C CA  . ILE A 1 28  ? 2.359   17.922  -2.229  1.00 27.71  ? 45  ILE A CA  1 
ATOM   195  C C   . ILE A 1 28  ? 1.769   16.562  -2.760  1.00 28.26  ? 45  ILE A C   1 
ATOM   196  O O   . ILE A 1 28  ? 1.420   16.438  -3.915  1.00 28.67  ? 45  ILE A O   1 
ATOM   197  C CB  . ILE A 1 28  ? 3.892   17.772  -2.048  1.00 30.35  ? 45  ILE A CB  1 
ATOM   198  C CG1 . ILE A 1 28  ? 4.584   19.124  -2.106  1.00 36.54  ? 45  ILE A CG1 1 
ATOM   199  C CG2 . ILE A 1 28  ? 4.447   17.117  -3.226  1.00 28.53  ? 45  ILE A CG2 1 
ATOM   200  C CD1 . ILE A 1 28  ? 4.230   19.962  -1.202  1.00 42.09  ? 45  ILE A CD1 1 
ATOM   201  N N   . LEU A 1 29  ? 1.716   15.547  -1.880  1.00 28.31  ? 46  LEU A N   1 
ATOM   202  C CA  . LEU A 1 29  ? 1.205   14.225  -2.278  1.00 29.43  ? 46  LEU A CA  1 
ATOM   203  C C   . LEU A 1 29  ? -0.210  14.289  -2.692  1.00 28.78  ? 46  LEU A C   1 
ATOM   204  O O   . LEU A 1 29  ? -0.605  13.712  -3.702  1.00 29.44  ? 46  LEU A O   1 
ATOM   205  C CB  . LEU A 1 29  ? 1.419   13.251  -1.127  1.00 30.58  ? 46  LEU A CB  1 
ATOM   206  C CG  . LEU A 1 29  ? 2.837   12.846  -0.763  1.00 27.34  ? 46  LEU A CG  1 
ATOM   207  C CD1 . LEU A 1 29  ? 2.837   12.200  0.577   1.00 31.13  ? 46  LEU A CD1 1 
ATOM   208  C CD2 . LEU A 1 29  ? 3.387   11.946  -1.818  1.00 32.92  ? 46  LEU A CD2 1 
ATOM   209  N N   . ASN A 1 30  ? -0.990  15.130  -2.001  1.00 32.46  ? 47  ASN A N   1 
ATOM   210  C CA  . ASN A 1 30  ? -2.389  15.260  -2.366  1.00 35.24  ? 47  ASN A CA  1 
ATOM   211  C C   . ASN A 1 30  ? -2.593  15.868  -3.748  1.00 37.17  ? 47  ASN A C   1 
ATOM   212  O O   . ASN A 1 30  ? -3.396  15.388  -4.555  1.00 38.36  ? 47  ASN A O   1 
ATOM   213  C CB  . ASN A 1 30  ? -3.198  16.033  -1.289  1.00 37.58  ? 47  ASN A CB  1 
ATOM   214  C CG  . ASN A 1 30  ? -4.613  15.970  -1.558  1.00 38.36  ? 47  ASN A CG  1 
ATOM   215  O OD1 . ASN A 1 30  ? -5.129  16.846  -2.248  1.00 46.26  ? 47  ASN A OD1 1 
ATOM   216  N ND2 . ASN A 1 30  ? -5.196  14.902  -1.267  1.00 29.85  ? 47  ASN A ND2 1 
ATOM   217  N N   . ASP A 1 31  ? -1.864  16.937  -4.007  1.00 37.03  ? 48  ASP A N   1 
ATOM   218  C CA  . ASP A 1 31  ? -1.919  17.638  -5.270  1.00 38.81  ? 48  ASP A CA  1 
ATOM   219  C C   . ASP A 1 31  ? -1.359  16.815  -6.429  1.00 35.32  ? 48  ASP A C   1 
ATOM   220  O O   . ASP A 1 31  ? -1.905  16.789  -7.486  1.00 33.42  ? 48  ASP A O   1 
ATOM   221  C CB  . ASP A 1 31  ? -1.252  18.975  -5.037  1.00 42.01  ? 48  ASP A CB  1 
ATOM   222  C CG  . ASP A 1 31  ? -2.058  19.795  -3.920  1.00 51.18  ? 48  ASP A CG  1 
ATOM   223  O OD1 . ASP A 1 31  ? -3.309  19.534  -3.778  1.00 60.27  ? 48  ASP A OD1 1 
ATOM   224  O OD2 . ASP A 1 31  ? -1.545  20.638  -3.130  1.00 54.34  ? 48  ASP A OD2 1 
ATOM   225  N N   . PHE A 1 32  ? -0.341  16.001  -6.158  1.00 34.48  ? 49  PHE A N   1 
ATOM   226  C CA  . PHE A 1 32  ? 0.152   15.021  -7.121  1.00 32.71  ? 49  PHE A CA  1 
ATOM   227  C C   . PHE A 1 32  ? -0.946  14.069  -7.492  1.00 33.33  ? 49  PHE A C   1 
ATOM   228  O O   . PHE A 1 32  ? -1.257  13.806  -8.662  1.00 31.12  ? 49  PHE A O   1 
ATOM   229  C CB  . PHE A 1 32  ? 1.332   14.253  -6.441  1.00 32.46  ? 49  PHE A CB  1 
ATOM   230  C CG  . PHE A 1 32  ? 1.895   13.165  -7.243  1.00 29.61  ? 49  PHE A CG  1 
ATOM   231  C CD1 . PHE A 1 32  ? 2.676   13.464  -8.316  1.00 33.01  ? 49  PHE A CD1 1 
ATOM   232  C CD2 . PHE A 1 32  ? 1.670   11.846  -6.944  1.00 33.25  ? 49  PHE A CD2 1 
ATOM   233  C CE1 . PHE A 1 32  ? 3.240   12.504  -9.095  1.00 33.89  ? 49  PHE A CE1 1 
ATOM   234  C CE2 . PHE A 1 32  ? 2.235   10.809  -7.743  1.00 39.85  ? 49  PHE A CE2 1 
ATOM   235  C CZ  . PHE A 1 32  ? 3.064   11.188  -8.859  1.00 34.21  ? 49  PHE A CZ  1 
ATOM   236  N N   . ALA A 1 33  ? -1.528  13.429  -6.473  1.00 33.02  ? 50  ALA A N   1 
ATOM   237  C CA  . ALA A 1 33  ? -2.392  12.286  -6.790  1.00 34.32  ? 50  ALA A CA  1 
ATOM   238  C C   . ALA A 1 33  ? -3.572  12.831  -7.539  1.00 33.27  ? 50  ALA A C   1 
ATOM   239  O O   . ALA A 1 33  ? -4.052  12.277  -8.530  1.00 34.29  ? 50  ALA A O   1 
ATOM   240  C CB  . ALA A 1 33  ? -2.827  11.465  -5.422  1.00 33.09  ? 50  ALA A CB  1 
ATOM   241  N N   . ALA A 1 34  ? -4.041  13.955  -7.076  1.00 34.26  ? 51  ALA A N   1 
ATOM   242  C CA  . ALA A 1 34  ? -5.176  14.572  -7.694  1.00 34.89  ? 51  ALA A CA  1 
ATOM   243  C C   . ALA A 1 34  ? -4.944  15.105  -9.124  1.00 36.48  ? 51  ALA A C   1 
ATOM   244  O O   . ALA A 1 34  ? -5.827  15.056  -9.957  1.00 33.15  ? 51  ALA A O   1 
ATOM   245  C CB  . ALA A 1 34  ? -5.598  15.690  -6.836  1.00 37.41  ? 51  ALA A CB  1 
ATOM   246  N N   . ASN A 1 35  ? -3.739  15.621  -9.409  1.00 35.28  ? 52  ASN A N   1 
ATOM   247  C CA  . ASN A 1 35  ? -3.351  15.930  -10.765 1.00 35.36  ? 52  ASN A CA  1 
ATOM   248  C C   . ASN A 1 35  ? -3.494  14.728  -11.655 1.00 35.20  ? 52  ASN A C   1 
ATOM   249  O O   . ASN A 1 35  ? -3.820  14.847  -12.848 1.00 35.22  ? 52  ASN A O   1 
ATOM   250  C CB  . ASN A 1 35  ? -1.882  16.382  -10.740 1.00 36.43  ? 52  ASN A CB  1 
ATOM   251  C CG  . ASN A 1 35  ? -1.387  16.791  -12.073 1.00 41.32  ? 52  ASN A CG  1 
ATOM   252  O OD1 . ASN A 1 35  ? -0.628  16.065  -12.746 1.00 42.07  ? 52  ASN A OD1 1 
ATOM   253  N ND2 . ASN A 1 35  ? -1.833  17.932  -12.484 1.00 39.67  ? 52  ASN A ND2 1 
ATOM   254  N N   . TYR A 1 36  ? -3.234  13.519  -11.134 1.00 32.25  ? 53  TYR A N   1 
ATOM   255  C CA  . TYR A 1 36  ? -3.305  12.344  -11.946 1.00 30.86  ? 53  TYR A CA  1 
ATOM   256  C C   . TYR A 1 36  ? -4.624  11.568  -11.829 1.00 31.50  ? 53  TYR A C   1 
ATOM   257  O O   . TYR A 1 36  ? -4.735  10.422  -12.231 1.00 30.57  ? 53  TYR A O   1 
ATOM   258  C CB  . TYR A 1 36  ? -2.085  11.432  -11.718 1.00 31.15  ? 53  TYR A CB  1 
ATOM   259  C CG  . TYR A 1 36  ? -0.788  12.024  -12.202 1.00 29.34  ? 53  TYR A CG  1 
ATOM   260  C CD1 . TYR A 1 36  ? -0.499  12.098  -13.596 1.00 37.17  ? 53  TYR A CD1 1 
ATOM   261  C CD2 . TYR A 1 36  ? 0.055   12.661  -11.341 1.00 31.60  ? 53  TYR A CD2 1 
ATOM   262  C CE1 . TYR A 1 36  ? 0.702   12.693  -14.016 1.00 37.22  ? 53  TYR A CE1 1 
ATOM   263  C CE2 . TYR A 1 36  ? 1.152   13.326  -11.751 1.00 37.63  ? 53  TYR A CE2 1 
ATOM   264  C CZ  . TYR A 1 36  ? 1.510   13.296  -13.109 1.00 39.22  ? 53  TYR A CZ  1 
ATOM   265  O OH  . TYR A 1 36  ? 2.661   13.917  -13.477 1.00 41.46  ? 53  TYR A OH  1 
ATOM   266  N N   . SER A 1 37  ? -5.576  12.182  -11.156 1.00 33.18  ? 54  SER A N   1 
ATOM   267  C CA  . SER A 1 37  ? -6.923  11.576  -10.889 1.00 32.85  ? 54  SER A CA  1 
ATOM   268  C C   . SER A 1 37  ? -6.850  10.297  -10.164 1.00 32.02  ? 54  SER A C   1 
ATOM   269  O O   . SER A 1 37  ? -7.498  9.347   -10.574 1.00 32.28  ? 54  SER A O   1 
ATOM   270  C CB  . SER A 1 37  ? -7.665  11.429  -12.253 1.00 34.03  ? 54  SER A CB  1 
ATOM   271  O OG  . SER A 1 37  ? -7.874  12.733  -12.708 1.00 36.24  ? 54  SER A OG  1 
ATOM   272  N N   . ILE A 1 38  ? -6.004  10.206  -9.129  1.00 30.58  ? 55  ILE A N   1 
ATOM   273  C CA  . ILE A 1 38  ? -5.866  8.939   -8.342  1.00 31.00  ? 55  ILE A CA  1 
ATOM   274  C C   . ILE A 1 38  ? -6.241  9.262   -6.875  1.00 28.54  ? 55  ILE A C   1 
ATOM   275  O O   . ILE A 1 38  ? -5.620  10.151  -6.253  1.00 28.64  ? 55  ILE A O   1 
ATOM   276  C CB  . ILE A 1 38  ? -4.473  8.411   -8.311  1.00 32.46  ? 55  ILE A CB  1 
ATOM   277  C CG1 . ILE A 1 38  ? -3.927  8.221   -9.746  1.00 37.12  ? 55  ILE A CG1 1 
ATOM   278  C CG2 . ILE A 1 38  ? -4.425  7.028   -7.583  1.00 34.56  ? 55  ILE A CG2 1 
ATOM   279  C CD1 . ILE A 1 38  ? -2.775  7.361   -9.808  1.00 42.78  ? 55  ILE A CD1 1 
ATOM   280  N N   . PRO A 1 39  ? -7.252  8.617   -6.374  1.00 27.52  ? 56  PRO A N   1 
ATOM   281  C CA  . PRO A 1 39  ? -7.683  8.829   -4.960  1.00 26.25  ? 56  PRO A CA  1 
ATOM   282  C C   . PRO A 1 39  ? -6.525  8.462   -4.089  1.00 23.68  ? 56  PRO A C   1 
ATOM   283  O O   . PRO A 1 39  ? -5.822  7.504   -4.342  1.00 23.18  ? 56  PRO A O   1 
ATOM   284  C CB  . PRO A 1 39  ? -8.864  7.802   -4.777  1.00 25.30  ? 56  PRO A CB  1 
ATOM   285  C CG  . PRO A 1 39  ? -9.439  7.700   -6.238  1.00 28.10  ? 56  PRO A CG  1 
ATOM   286  C CD  . PRO A 1 39  ? -8.135  7.652   -7.099  1.00 26.91  ? 56  PRO A CD  1 
ATOM   287  N N   . VAL A 1 40  ? -6.345  9.212   -3.053  1.00 24.33  ? 57  VAL A N   1 
ATOM   288  C CA  . VAL A 1 40  ? -5.186  9.121   -2.165  1.00 23.22  ? 57  VAL A CA  1 
ATOM   289  C C   . VAL A 1 40  ? -5.562  9.214   -0.695  1.00 22.21  ? 57  VAL A C   1 
ATOM   290  O O   . VAL A 1 40  ? -6.442  9.961   -0.278  1.00 24.13  ? 57  VAL A O   1 
ATOM   291  C CB  . VAL A 1 40  ? -4.120  10.172  -2.540  1.00 22.52  ? 57  VAL A CB  1 
ATOM   292  C CG1 . VAL A 1 40  ? -4.552  11.618  -2.217  1.00 23.87  ? 57  VAL A CG1 1 
ATOM   293  C CG2 . VAL A 1 40  ? -2.777  9.845   -1.952  1.00 22.74  ? 57  VAL A CG2 1 
ATOM   294  N N   . PHE A 1 41  ? -4.896  8.377   0.087   1.00 21.93  ? 58  PHE A N   1 
ATOM   295  C CA  . PHE A 1 41  ? -4.931  8.400   1.532   1.00 22.18  ? 58  PHE A CA  1 
ATOM   296  C C   . PHE A 1 41  ? -3.513  8.671   1.982   1.00 22.27  ? 58  PHE A C   1 
ATOM   297  O O   . PHE A 1 41  ? -2.586  8.015   1.538   1.00 21.15  ? 58  PHE A O   1 
ATOM   298  C CB  . PHE A 1 41  ? -5.405  7.029   2.131   1.00 19.94  ? 58  PHE A CB  1 
ATOM   299  C CG  . PHE A 1 41  ? -5.097  6.894   3.585   1.00 21.79  ? 58  PHE A CG  1 
ATOM   300  C CD1 . PHE A 1 41  ? -6.008  7.333   4.553   1.00 23.63  ? 58  PHE A CD1 1 
ATOM   301  C CD2 . PHE A 1 41  ? -3.934  6.331   4.007   1.00 23.68  ? 58  PHE A CD2 1 
ATOM   302  C CE1 . PHE A 1 41  ? -5.681  7.251   5.905   1.00 24.34  ? 58  PHE A CE1 1 
ATOM   303  C CE2 . PHE A 1 41  ? -3.557  6.231   5.371   1.00 23.01  ? 58  PHE A CE2 1 
ATOM   304  C CZ  . PHE A 1 41  ? -4.445  6.693   6.337   1.00 26.70  ? 58  PHE A CZ  1 
ATOM   305  N N   . ILE A 1 42  ? -3.373  9.568   2.968   1.00 23.51  ? 59  ILE A N   1 
ATOM   306  C CA  . ILE A 1 42  ? -2.081  9.922   3.541   1.00 23.65  ? 59  ILE A CA  1 
ATOM   307  C C   . ILE A 1 42  ? -2.155  9.814   5.078   1.00 25.23  ? 59  ILE A C   1 
ATOM   308  O O   . ILE A 1 42  ? -3.014  10.444  5.741   1.00 24.35  ? 59  ILE A O   1 
ATOM   309  C CB  . ILE A 1 42  ? -1.664  11.317  3.141   1.00 24.55  ? 59  ILE A CB  1 
ATOM   310  C CG1 . ILE A 1 42  ? -1.590  11.440  1.625   1.00 26.17  ? 59  ILE A CG1 1 
ATOM   311  C CG2 . ILE A 1 42  ? -0.291  11.702  3.735   1.00 27.91  ? 59  ILE A CG2 1 
ATOM   312  C CD1 . ILE A 1 42  ? -1.984  12.762  1.083   1.00 31.45  ? 59  ILE A CD1 1 
ATOM   313  N N   . SER A 1 43  ? -1.342  8.945   5.630   1.00 24.03  ? 60  SER A N   1 
ATOM   314  C CA  . SER A 1 43  ? -1.287  8.810   7.075   1.00 26.17  ? 60  SER A CA  1 
ATOM   315  C C   . SER A 1 43  ? -0.833  10.060  7.836   1.00 27.81  ? 60  SER A C   1 
ATOM   316  O O   . SER A 1 43  ? -0.127  10.890  7.274   1.00 25.22  ? 60  SER A O   1 
ATOM   317  C CB  . SER A 1 43  ? -0.502  7.616   7.556   1.00 27.55  ? 60  SER A CB  1 
ATOM   318  O OG  . SER A 1 43  ? 0.800   7.875   7.815   1.00 32.72  ? 60  SER A OG  1 
ATOM   319  N N   . SER A 1 44  ? -1.335  10.148  9.083   1.00 27.55  ? 61  SER A N   1 
ATOM   320  C CA  . SER A 1 44  ? -1.064  11.280  9.946   1.00 31.15  ? 61  SER A CA  1 
ATOM   321  C C   . SER A 1 44  ? 0.399   11.332  10.318  1.00 31.84  ? 61  SER A C   1 
ATOM   322  O O   . SER A 1 44  ? 0.897   12.392  10.614  1.00 32.55  ? 61  SER A O   1 
ATOM   323  C CB  . SER A 1 44  ? -1.852  11.213  11.262  1.00 30.62  ? 61  SER A CB  1 
ATOM   324  O OG  . SER A 1 44  ? -1.638  9.995   11.889  1.00 33.33  ? 61  SER A OG  1 
ATOM   325  N N   . SER A 1 45  ? 1.101   10.233  10.203  1.00 31.75  ? 62  SER A N   1 
ATOM   326  C CA  . SER A 1 45  ? 2.545   10.257  10.392  1.00 33.16  ? 62  SER A CA  1 
ATOM   327  C C   . SER A 1 45  ? 3.351   11.013  9.322   1.00 32.44  ? 62  SER A C   1 
ATOM   328  O O   . SER A 1 45  ? 4.509   11.275  9.560   1.00 32.71  ? 62  SER A O   1 
ATOM   329  C CB  . SER A 1 45  ? 3.075   8.854   10.410  1.00 33.48  ? 62  SER A CB  1 
ATOM   330  O OG  . SER A 1 45  ? 2.566   8.128   11.494  1.00 34.56  ? 62  SER A OG  1 
ATOM   331  N N   . VAL A 1 46  ? 2.792   11.285  8.144   1.00 31.76  ? 63  VAL A N   1 
ATOM   332  C CA  . VAL A 1 46  ? 3.545   11.940  7.036   1.00 31.96  ? 63  VAL A CA  1 
ATOM   333  C C   . VAL A 1 46  ? 3.422   13.403  7.335   1.00 32.84  ? 63  VAL A C   1 
ATOM   334  O O   . VAL A 1 46  ? 2.553   14.093  6.819   1.00 35.14  ? 63  VAL A O   1 
ATOM   335  C CB  . VAL A 1 46  ? 2.941   11.602  5.648   1.00 31.38  ? 63  VAL A CB  1 
ATOM   336  C CG1 . VAL A 1 46  ? 3.723   12.264  4.522   1.00 33.50  ? 63  VAL A CG1 1 
ATOM   337  C CG2 . VAL A 1 46  ? 2.956   10.078  5.463   1.00 31.10  ? 63  VAL A CG2 1 
ATOM   338  N N   . ASN A 1 47  ? 4.226   13.875  8.262   1.00 33.90  ? 64  ASN A N   1 
ATOM   339  C CA  . ASN A 1 47  ? 4.115   15.260  8.796   1.00 35.90  ? 64  ASN A CA  1 
ATOM   340  C C   . ASN A 1 47  ? 5.329   16.196  8.399   1.00 37.95  ? 64  ASN A C   1 
ATOM   341  O O   . ASN A 1 47  ? 5.454   17.267  8.951   1.00 39.31  ? 64  ASN A O   1 
ATOM   342  C CB  . ASN A 1 47  ? 4.071   15.253  10.306  1.00 36.94  ? 64  ASN A CB  1 
ATOM   343  C CG  . ASN A 1 47  ? 5.309   14.616  10.901  1.00 40.60  ? 64  ASN A CG  1 
ATOM   344  O OD1 . ASN A 1 47  ? 6.249   14.113  10.176  1.00 41.30  ? 64  ASN A OD1 1 
ATOM   345  N ND2 . ASN A 1 47  ? 5.300   14.516  12.229  1.00 48.53  ? 64  ASN A ND2 1 
ATOM   346  N N   . ASP A 1 48  ? 6.158   15.790  7.453   1.00 35.94  ? 65  ASP A N   1 
ATOM   347  C CA  . ASP A 1 48  ? 7.287   16.613  6.982   1.00 36.57  ? 65  ASP A CA  1 
ATOM   348  C C   . ASP A 1 48  ? 6.878   17.818  6.121   1.00 36.39  ? 65  ASP A C   1 
ATOM   349  O O   . ASP A 1 48  ? 5.739   17.937  5.651   1.00 32.76  ? 65  ASP A O   1 
ATOM   350  C CB  . ASP A 1 48  ? 8.232   15.768  6.130   1.00 35.84  ? 65  ASP A CB  1 
ATOM   351  C CG  . ASP A 1 48  ? 8.515   14.360  6.767   1.00 38.03  ? 65  ASP A CG  1 
ATOM   352  O OD1 . ASP A 1 48  ? 9.515   14.245  7.462   1.00 41.81  ? 65  ASP A OD1 1 
ATOM   353  O OD2 . ASP A 1 48  ? 7.762   13.367  6.652   1.00 36.24  ? 65  ASP A OD2 1 
ATOM   354  N N   . ASP A 1 49  ? 7.883   18.662  5.872   1.00 36.54  ? 66  ASP A N   1 
ATOM   355  C CA  . ASP A 1 49  ? 7.767   19.838  5.000   1.00 36.95  ? 66  ASP A CA  1 
ATOM   356  C C   . ASP A 1 49  ? 8.589   19.623  3.810   1.00 35.71  ? 66  ASP A C   1 
ATOM   357  O O   . ASP A 1 49  ? 9.536   18.791  3.788   1.00 36.31  ? 66  ASP A O   1 
ATOM   358  C CB  . ASP A 1 49  ? 8.108   21.112  5.786   1.00 39.29  ? 66  ASP A CB  1 
ATOM   359  C CG  . ASP A 1 49  ? 6.999   21.481  6.818   1.00 42.94  ? 66  ASP A CG  1 
ATOM   360  O OD1 . ASP A 1 49  ? 5.780   21.618  6.455   1.00 45.70  ? 66  ASP A OD1 1 
ATOM   361  O OD2 . ASP A 1 49  ? 7.233   21.646  8.039   1.00 53.24  ? 66  ASP A OD2 1 
ATOM   362  N N   . PHE A 1 50  ? 8.098   20.201  2.721   1.00 33.79  ? 67  PHE A N   1 
ATOM   363  C CA  . PHE A 1 50  ? 8.693   20.168  1.448   1.00 34.75  ? 67  PHE A CA  1 
ATOM   364  C C   . PHE A 1 50  ? 8.950   21.608  0.996   1.00 38.76  ? 67  PHE A C   1 
ATOM   365  O O   . PHE A 1 50  ? 8.047   22.519  1.152   1.00 37.90  ? 67  PHE A O   1 
ATOM   366  C CB  . PHE A 1 50  ? 7.759   19.518  0.482   1.00 34.46  ? 67  PHE A CB  1 
ATOM   367  C CG  . PHE A 1 50  ? 8.192   19.492  -0.920  1.00 35.13  ? 67  PHE A CG  1 
ATOM   368  C CD1 . PHE A 1 50  ? 8.655   18.323  -1.505  1.00 33.99  ? 67  PHE A CD1 1 
ATOM   369  C CD2 . PHE A 1 50  ? 8.040   20.636  -1.745  1.00 36.20  ? 67  PHE A CD2 1 
ATOM   370  C CE1 . PHE A 1 50  ? 9.007   18.290  -2.842  1.00 34.91  ? 67  PHE A CE1 1 
ATOM   371  C CE2 . PHE A 1 50  ? 8.430   20.617  -3.034  1.00 30.51  ? 67  PHE A CE2 1 
ATOM   372  C CZ  . PHE A 1 50  ? 8.884   19.456  -3.650  1.00 36.14  ? 67  PHE A CZ  1 
ATOM   373  N N   . SER A 1 51  ? 10.107  21.783  0.358   1.00 38.97  ? 68  SER A N   1 
ATOM   374  C CA  . SER A 1 51  ? 10.512  23.113  -0.156  1.00 42.19  ? 68  SER A CA  1 
ATOM   375  C C   . SER A 1 51  ? 11.184  22.943  -1.478  1.00 41.25  ? 68  SER A C   1 
ATOM   376  O O   . SER A 1 51  ? 11.933  21.990  -1.711  1.00 41.68  ? 68  SER A O   1 
ATOM   377  C CB  . SER A 1 51  ? 11.369  23.797  0.902   1.00 42.52  ? 68  SER A CB  1 
ATOM   378  O OG  . SER A 1 51  ? 11.910  24.926  0.307   1.00 52.60  ? 68  SER A OG  1 
ATOM   379  N N   . GLY A 1 52  ? 10.809  23.775  -2.425  1.00 40.04  ? 69  GLY A N   1 
ATOM   380  C CA  . GLY A 1 52  ? 11.427  23.799  -3.719  1.00 38.89  ? 69  GLY A CA  1 
ATOM   381  C C   . GLY A 1 52  ? 10.598  23.374  -4.906  1.00 38.35  ? 69  GLY A C   1 
ATOM   382  O O   . GLY A 1 52  ? 9.336   23.461  -4.942  1.00 39.06  ? 69  GLY A O   1 
ATOM   383  N N   . GLU A 1 53  ? 11.271  22.808  -5.854  1.00 36.03  ? 70  GLU A N   1 
ATOM   384  C CA  . GLU A 1 53  ? 10.686  22.608  -7.153  1.00 38.43  ? 70  GLU A CA  1 
ATOM   385  C C   . GLU A 1 53  ? 10.942  21.315  -7.747  1.00 38.09  ? 70  GLU A C   1 
ATOM   386  O O   . GLU A 1 53  ? 12.050  20.809  -7.710  1.00 39.24  ? 70  GLU A O   1 
ATOM   387  C CB  . GLU A 1 53  ? 11.155  23.734  -8.168  1.00 39.16  ? 70  GLU A CB  1 
ATOM   388  C CG  . GLU A 1 53  ? 10.992  23.339  -9.625  1.00 42.47  ? 70  GLU A CG  1 
ATOM   389  C CD  . GLU A 1 53  ? 11.485  24.476  -10.606 1.00 54.42  ? 70  GLU A CD  1 
ATOM   390  O OE1 . GLU A 1 53  ? 11.835  24.122  -11.747 1.00 58.12  ? 70  GLU A OE1 1 
ATOM   391  O OE2 . GLU A 1 53  ? 11.504  25.697  -10.241 1.00 55.35  ? 70  GLU A OE2 1 
ATOM   392  N N   . ILE A 1 54  ? 9.892   20.750  -8.334  1.00 39.09  ? 71  ILE A N   1 
ATOM   393  C CA  . ILE A 1 54  ? 9.966   19.573  -9.168  1.00 42.18  ? 71  ILE A CA  1 
ATOM   394  C C   . ILE A 1 54  ? 9.516   19.985  -10.586 1.00 46.24  ? 71  ILE A C   1 
ATOM   395  O O   . ILE A 1 54  ? 8.507   20.709  -10.703 1.00 46.39  ? 71  ILE A O   1 
ATOM   396  C CB  . ILE A 1 54  ? 8.926   18.456  -8.648  1.00 42.71  ? 71  ILE A CB  1 
ATOM   397  C CG1 . ILE A 1 54  ? 9.253   18.012  -7.209  1.00 42.38  ? 71  ILE A CG1 1 
ATOM   398  C CG2 . ILE A 1 54  ? 8.864   17.262  -9.597  1.00 41.31  ? 71  ILE A CG2 1 
ATOM   399  C CD1 . ILE A 1 54  ? 8.208   17.178  -6.632  1.00 44.62  ? 71  ILE A CD1 1 
ATOM   400  N N   . LYS A 1 55  ? 10.194  19.452  -11.607 1.00 51.32  ? 72  LYS A N   1 
ATOM   401  C CA  . LYS A 1 55  ? 9.896   19.703  -13.023 1.00 53.92  ? 72  LYS A CA  1 
ATOM   402  C C   . LYS A 1 55  ? 10.369  18.549  -13.861 1.00 56.36  ? 72  LYS A C   1 
ATOM   403  O O   . LYS A 1 55  ? 11.346  17.851  -13.535 1.00 58.04  ? 72  LYS A O   1 
ATOM   404  C CB  . LYS A 1 55  ? 10.502  21.004  -13.477 1.00 55.75  ? 72  LYS A CB  1 
ATOM   405  C CG  . LYS A 1 55  ? 11.974  20.932  -13.923 1.00 60.99  ? 72  LYS A CG  1 
ATOM   406  C CD  . LYS A 1 55  ? 12.439  22.283  -14.657 1.00 67.00  ? 72  LYS A CD  1 
ATOM   407  C CE  . LYS A 1 55  ? 13.822  22.120  -15.412 1.00 70.06  ? 72  LYS A CE  1 
ATOM   408  N NZ  . LYS A 1 55  ? 14.432  23.434  -15.913 1.00 72.24  ? 72  LYS A NZ  1 
ATOM   409  N N   . ASN A 1 56  ? 9.615   18.265  -14.906 1.00 57.48  ? 73  ASN A N   1 
ATOM   410  C CA  . ASN A 1 56  ? 10.035  17.378  -15.973 1.00 59.45  ? 73  ASN A CA  1 
ATOM   411  C C   . ASN A 1 56  ? 10.048  16.030  -15.455 1.00 60.24  ? 73  ASN A C   1 
ATOM   412  O O   . ASN A 1 56  ? 10.596  15.065  -16.135 1.00 60.29  ? 73  ASN A O   1 
ATOM   413  C CB  . ASN A 1 56  ? 11.471  17.620  -16.565 1.00 61.46  ? 73  ASN A CB  1 
ATOM   414  C CG  . ASN A 1 56  ? 11.664  18.971  -17.250 1.00 63.20  ? 73  ASN A CG  1 
ATOM   415  O OD1 . ASN A 1 56  ? 12.742  19.195  -17.832 1.00 73.43  ? 73  ASN A OD1 1 
ATOM   416  N ND2 . ASN A 1 56  ? 10.669  19.875  -17.202 1.00 67.76  ? 73  ASN A ND2 1 
ATOM   417  N N   . GLU A 1 57  ? 9.500   15.908  -14.235 1.00 59.68  ? 74  GLU A N   1 
ATOM   418  C CA  . GLU A 1 57  ? 9.628   14.634  -13.548 1.00 58.84  ? 74  GLU A CA  1 
ATOM   419  C C   . GLU A 1 57  ? 8.480   13.750  -13.981 1.00 56.58  ? 74  GLU A C   1 
ATOM   420  O O   . GLU A 1 57  ? 7.354   14.120  -13.909 1.00 54.68  ? 74  GLU A O   1 
ATOM   421  C CB  . GLU A 1 57  ? 9.646   14.796  -12.016 1.00 59.72  ? 74  GLU A CB  1 
ATOM   422  C CG  . GLU A 1 57  ? 10.988  15.058  -11.360 1.00 64.51  ? 74  GLU A CG  1 
ATOM   423  C CD  . GLU A 1 57  ? 11.605  13.808  -10.833 1.00 66.71  ? 74  GLU A CD  1 
ATOM   424  O OE1 . GLU A 1 57  ? 11.735  12.872  -11.649 1.00 71.10  ? 74  GLU A OE1 1 
ATOM   425  O OE2 . GLU A 1 57  ? 11.908  13.775  -9.638  1.00 67.59  ? 74  GLU A OE2 1 
ATOM   426  N N   . LYS A 1 58  ? 8.817   12.579  -14.429 1.00 54.80  ? 75  LYS A N   1 
ATOM   427  C CA  . LYS A 1 58  ? 7.890   11.550  -14.659 1.00 55.51  ? 75  LYS A CA  1 
ATOM   428  C C   . LYS A 1 58  ? 7.211   11.164  -13.271 1.00 54.38  ? 75  LYS A C   1 
ATOM   429  O O   . LYS A 1 58  ? 7.920   11.051  -12.248 1.00 51.05  ? 75  LYS A O   1 
ATOM   430  C CB  . LYS A 1 58  ? 8.672   10.396  -15.242 1.00 56.08  ? 75  LYS A CB  1 
ATOM   431  C CG  . LYS A 1 58  ? 7.942   9.062   -15.406 1.00 63.75  ? 75  LYS A CG  1 
ATOM   432  C CD  . LYS A 1 58  ? 8.885   7.983   -16.045 1.00 70.44  ? 75  LYS A CD  1 
ATOM   433  C CE  . LYS A 1 58  ? 8.110   6.877   -16.860 1.00 74.90  ? 75  LYS A CE  1 
ATOM   434  N NZ  . LYS A 1 58  ? 8.494   6.802   -18.366 1.00 75.80  ? 75  LYS A NZ  1 
ATOM   435  N N   . PRO A 1 59  ? 5.887   10.902  -13.279 1.00 51.80  ? 76  PRO A N   1 
ATOM   436  C CA  . PRO A 1 59  ? 5.095   10.714  -12.033 1.00 49.18  ? 76  PRO A CA  1 
ATOM   437  C C   . PRO A 1 59  ? 5.581   9.547   -11.162 1.00 46.41  ? 76  PRO A C   1 
ATOM   438  O O   . PRO A 1 59  ? 5.733   9.652   -9.956  1.00 41.93  ? 76  PRO A O   1 
ATOM   439  C CB  . PRO A 1 59  ? 3.657   10.482  -12.559 1.00 50.24  ? 76  PRO A CB  1 
ATOM   440  C CG  . PRO A 1 59  ? 3.790   10.043  -14.054 1.00 50.15  ? 76  PRO A CG  1 
ATOM   441  C CD  . PRO A 1 59  ? 5.060   10.705  -14.488 1.00 53.16  ? 76  PRO A CD  1 
ATOM   442  N N   . VAL A 1 60  ? 5.836   8.417   -11.769 1.00 45.98  ? 77  VAL A N   1 
ATOM   443  C CA  . VAL A 1 60  ? 6.337   7.295   -10.987 1.00 46.94  ? 77  VAL A CA  1 
ATOM   444  C C   . VAL A 1 60  ? 7.664   7.633   -10.294 1.00 44.54  ? 77  VAL A C   1 
ATOM   445  O O   . VAL A 1 60  ? 7.886   7.181   -9.216  1.00 42.11  ? 77  VAL A O   1 
ATOM   446  C CB  . VAL A 1 60  ? 6.570   5.962   -11.803 1.00 49.43  ? 77  VAL A CB  1 
ATOM   447  C CG1 . VAL A 1 60  ? 5.323   5.164   -11.846 1.00 52.36  ? 77  VAL A CG1 1 
ATOM   448  C CG2 . VAL A 1 60  ? 7.086   6.261   -13.200 1.00 53.21  ? 77  VAL A CG2 1 
ATOM   449  N N   . LYS A 1 61  ? 8.508   8.446   -10.943 1.00 43.49  ? 78  LYS A N   1 
ATOM   450  C CA  . LYS A 1 61  ? 9.789   8.848   -10.392 1.00 42.01  ? 78  LYS A CA  1 
ATOM   451  C C   . LYS A 1 61  ? 9.550   9.853   -9.283  1.00 37.00  ? 78  LYS A C   1 
ATOM   452  O O   . LYS A 1 61  ? 10.301  9.877   -8.303  1.00 35.03  ? 78  LYS A O   1 
ATOM   453  C CB  . LYS A 1 61  ? 10.728  9.472   -11.486 1.00 43.12  ? 78  LYS A CB  1 
ATOM   454  C CG  . LYS A 1 61  ? 12.160  9.979   -10.938 1.00 51.14  ? 78  LYS A CG  1 
ATOM   455  C CD  . LYS A 1 61  ? 13.282  10.454  -11.990 1.00 57.58  ? 78  LYS A CD  1 
ATOM   456  C CE  . LYS A 1 61  ? 14.577  11.051  -11.260 1.00 60.36  ? 78  LYS A CE  1 
ATOM   457  N NZ  . LYS A 1 61  ? 15.557  11.766  -12.188 1.00 61.08  ? 78  LYS A NZ  1 
ATOM   458  N N   . VAL A 1 62  ? 8.559   10.737  -9.452  1.00 35.20  ? 79  VAL A N   1 
ATOM   459  C CA  . VAL A 1 62  ? 8.219   11.650  -8.366  1.00 35.11  ? 79  VAL A CA  1 
ATOM   460  C C   . VAL A 1 62  ? 7.861   10.880  -7.064  1.00 33.74  ? 79  VAL A C   1 
ATOM   461  O O   . VAL A 1 62  ? 8.323   11.168  -5.943  1.00 32.22  ? 79  VAL A O   1 
ATOM   462  C CB  . VAL A 1 62  ? 6.993   12.505  -8.723  1.00 35.42  ? 79  VAL A CB  1 
ATOM   463  C CG1 . VAL A 1 62  ? 6.560   13.256  -7.527  1.00 34.12  ? 79  VAL A CG1 1 
ATOM   464  C CG2 . VAL A 1 62  ? 7.341   13.459  -9.803  1.00 38.11  ? 79  VAL A CG2 1 
ATOM   465  N N   . LEU A 1 63  ? 7.013   9.878   -7.224  1.00 33.25  ? 80  LEU A N   1 
ATOM   466  C CA  . LEU A 1 63  ? 6.539   9.135   -6.072  1.00 33.66  ? 80  LEU A CA  1 
ATOM   467  C C   . LEU A 1 63  ? 7.683   8.318   -5.418  1.00 33.64  ? 80  LEU A C   1 
ATOM   468  O O   . LEU A 1 63  ? 7.849   8.221   -4.192  1.00 32.24  ? 80  LEU A O   1 
ATOM   469  C CB  . LEU A 1 63  ? 5.448   8.192   -6.582  1.00 34.24  ? 80  LEU A CB  1 
ATOM   470  C CG  . LEU A 1 63  ? 4.771   7.367   -5.527  1.00 34.41  ? 80  LEU A CG  1 
ATOM   471  C CD1 . LEU A 1 63  ? 4.124   8.380   -4.553  1.00 37.27  ? 80  LEU A CD1 1 
ATOM   472  C CD2 . LEU A 1 63  ? 3.706   6.477   -6.185  1.00 37.44  ? 80  LEU A CD2 1 
ATOM   473  N N   . GLU A 1 64  ? 8.498   7.667   -6.230  1.00 34.06  ? 81  GLU A N   1 
ATOM   474  C CA  . GLU A 1 64  ? 9.650   6.961   -5.662  1.00 35.61  ? 81  GLU A CA  1 
ATOM   475  C C   . GLU A 1 64  ? 10.690  7.913   -4.944  1.00 31.92  ? 81  GLU A C   1 
ATOM   476  O O   . GLU A 1 64  ? 11.166  7.673   -3.865  1.00 30.58  ? 81  GLU A O   1 
ATOM   477  C CB  . GLU A 1 64  ? 10.245  6.065   -6.753  1.00 39.81  ? 81  GLU A CB  1 
ATOM   478  C CG  . GLU A 1 64  ? 11.554  6.534   -7.279  1.00 48.93  ? 81  GLU A CG  1 
ATOM   479  C CD  . GLU A 1 64  ? 12.249  5.448   -8.154  1.00 59.51  ? 81  GLU A CD  1 
ATOM   480  O OE1 . GLU A 1 64  ? 11.512  4.771   -8.988  1.00 60.46  ? 81  GLU A OE1 1 
ATOM   481  O OE2 . GLU A 1 64  ? 13.515  5.318   -7.942  1.00 61.67  ? 81  GLU A OE2 1 
ATOM   482  N N   . LYS A 1 65  ? 10.870  9.099   -5.448  1.00 33.09  ? 82  LYS A N   1 
ATOM   483  C CA  . LYS A 1 65  ? 11.835  9.994   -4.848  1.00 34.06  ? 82  LYS A CA  1 
ATOM   484  C C   . LYS A 1 65  ? 11.300  10.618  -3.611  1.00 32.54  ? 82  LYS A C   1 
ATOM   485  O O   . LYS A 1 65  ? 12.018  10.741  -2.590  1.00 31.38  ? 82  LYS A O   1 
ATOM   486  C CB  . LYS A 1 65  ? 12.236  11.118  -5.826  1.00 36.96  ? 82  LYS A CB  1 
ATOM   487  C CG  . LYS A 1 65  ? 13.186  10.626  -6.971  1.00 42.20  ? 82  LYS A CG  1 
ATOM   488  C CD  . LYS A 1 65  ? 14.672  10.416  -6.450  1.00 54.00  ? 82  LYS A CD  1 
ATOM   489  C CE  . LYS A 1 65  ? 15.597  9.709   -7.528  1.00 61.23  ? 82  LYS A CE  1 
ATOM   490  N NZ  . LYS A 1 65  ? 16.890  9.151   -6.991  1.00 62.41  ? 82  LYS A NZ  1 
ATOM   491  N N   . LEU A 1 66  ? 9.995   10.981  -3.630  1.00 30.87  ? 83  LEU A N   1 
ATOM   492  C CA  . LEU A 1 66  ? 9.380   11.450  -2.396  1.00 28.30  ? 83  LEU A CA  1 
ATOM   493  C C   . LEU A 1 66  ? 9.397   10.370  -1.356  1.00 27.23  ? 83  LEU A C   1 
ATOM   494  O O   . LEU A 1 66  ? 9.652   10.609  -0.129  1.00 26.79  ? 83  LEU A O   1 
ATOM   495  C CB  . LEU A 1 66  ? 7.945   11.901  -2.668  1.00 26.56  ? 83  LEU A CB  1 
ATOM   496  C CG  . LEU A 1 66  ? 7.727   13.214  -3.453  1.00 32.42  ? 83  LEU A CG  1 
ATOM   497  C CD1 . LEU A 1 66  ? 6.197   13.377  -3.721  1.00 35.57  ? 83  LEU A CD1 1 
ATOM   498  C CD2 . LEU A 1 66  ? 8.222   14.438  -2.766  1.00 31.22  ? 83  LEU A CD2 1 
ATOM   499  N N   . SER A 1 67  ? 9.149   9.152   -1.786  1.00 26.74  ? 84  SER A N   1 
ATOM   500  C CA  . SER A 1 67  ? 9.107   8.058   -0.808  1.00 27.61  ? 84  SER A CA  1 
ATOM   501  C C   . SER A 1 67  ? 10.489  7.712   -0.153  1.00 28.54  ? 84  SER A C   1 
ATOM   502  O O   . SER A 1 67  ? 10.598  7.403   1.049   1.00 29.26  ? 84  SER A O   1 
ATOM   503  C CB  . SER A 1 67  ? 8.506   6.758   -1.449  1.00 29.65  ? 84  SER A CB  1 
ATOM   504  O OG  . SER A 1 67  ? 7.126   7.031   -1.814  1.00 30.82  ? 84  SER A OG  1 
ATOM   505  N N   . LYS A 1 68  ? 11.515  7.764   -0.960  1.00 27.49  ? 85  LYS A N   1 
ATOM   506  C CA  . LYS A 1 68  ? 12.901  7.523   -0.485  1.00 28.74  ? 85  LYS A CA  1 
ATOM   507  C C   . LYS A 1 68  ? 13.388  8.618   0.438   1.00 27.31  ? 85  LYS A C   1 
ATOM   508  O O   . LYS A 1 68  ? 13.878  8.358   1.535   1.00 30.71  ? 85  LYS A O   1 
ATOM   509  C CB  . LYS A 1 68  ? 13.827  7.306   -1.700  1.00 27.99  ? 85  LYS A CB  1 
ATOM   510  C CG  . LYS A 1 68  ? 13.617  5.977   -2.377  1.00 31.34  ? 85  LYS A CG  1 
ATOM   511  C CD  . LYS A 1 68  ? 14.343  5.868   -3.761  1.00 33.63  ? 85  LYS A CD  1 
ATOM   512  C CE  . LYS A 1 68  ? 14.332  4.437   -4.287  1.00 39.62  ? 85  LYS A CE  1 
ATOM   513  N NZ  . LYS A 1 68  ? 14.845  4.377   -5.653  1.00 37.34  ? 85  LYS A NZ  1 
ATOM   514  N N   . LEU A 1 69  ? 13.050  9.848   0.169   1.00 28.27  ? 86  LEU A N   1 
ATOM   515  C CA  . LEU A 1 69  ? 13.581  10.889  1.014   1.00 28.18  ? 86  LEU A CA  1 
ATOM   516  C C   . LEU A 1 69  ? 12.856  10.951  2.302   1.00 28.59  ? 86  LEU A C   1 
ATOM   517  O O   . LEU A 1 69  ? 13.420  11.178  3.356   1.00 28.72  ? 86  LEU A O   1 
ATOM   518  C CB  . LEU A 1 69  ? 13.517  12.232  0.259   1.00 29.25  ? 86  LEU A CB  1 
ATOM   519  C CG  . LEU A 1 69  ? 14.009  13.351  1.151   1.00 33.22  ? 86  LEU A CG  1 
ATOM   520  C CD1 . LEU A 1 69  ? 15.553  13.116  1.368   1.00 33.18  ? 86  LEU A CD1 1 
ATOM   521  C CD2 . LEU A 1 69  ? 13.706  14.675  0.557   1.00 39.80  ? 86  LEU A CD2 1 
ATOM   522  N N   . TYR A 1 70  ? 11.528  10.784  2.233   1.00 29.03  ? 87  TYR A N   1 
ATOM   523  C CA  . TYR A 1 70  ? 10.714  10.929  3.393   1.00 27.77  ? 87  TYR A CA  1 
ATOM   524  C C   . TYR A 1 70  ? 10.389  9.616   4.075   1.00 27.00  ? 87  TYR A C   1 
ATOM   525  O O   . TYR A 1 70  ? 9.679   9.606   5.082   1.00 26.54  ? 87  TYR A O   1 
ATOM   526  C CB  . TYR A 1 70  ? 9.408   11.669  3.000   1.00 28.49  ? 87  TYR A CB  1 
ATOM   527  C CG  . TYR A 1 70  ? 9.672   13.151  2.646   1.00 26.63  ? 87  TYR A CG  1 
ATOM   528  C CD1 . TYR A 1 70  ? 10.122  14.067  3.589   1.00 29.18  ? 87  TYR A CD1 1 
ATOM   529  C CD2 . TYR A 1 70  ? 9.490   13.577  1.372   1.00 28.30  ? 87  TYR A CD2 1 
ATOM   530  C CE1 . TYR A 1 70  ? 10.410  15.390  3.216   1.00 33.01  ? 87  TYR A CE1 1 
ATOM   531  C CE2 . TYR A 1 70  ? 9.724   14.838  1.016   1.00 30.47  ? 87  TYR A CE2 1 
ATOM   532  C CZ  . TYR A 1 70  ? 10.192  15.760  1.907   1.00 29.51  ? 87  TYR A CZ  1 
ATOM   533  O OH  . TYR A 1 70  ? 10.356  17.070  1.413   1.00 35.49  ? 87  TYR A OH  1 
ATOM   534  N N   . HIS A 1 71  ? 10.958  8.552   3.572   1.00 28.11  ? 88  HIS A N   1 
ATOM   535  C CA  . HIS A 1 71  ? 10.858  7.251   4.250   1.00 29.34  ? 88  HIS A CA  1 
ATOM   536  C C   . HIS A 1 71  ? 9.424   6.713   4.248   1.00 25.41  ? 88  HIS A C   1 
ATOM   537  O O   . HIS A 1 71  ? 8.852   6.549   5.315   1.00 26.07  ? 88  HIS A O   1 
ATOM   538  C CB  . HIS A 1 71  ? 11.380  7.352   5.659   1.00 29.18  ? 88  HIS A CB  1 
ATOM   539  C CG  . HIS A 1 71  ? 12.751  7.948   5.710   1.00 43.48  ? 88  HIS A CG  1 
ATOM   540  N ND1 . HIS A 1 71  ? 13.100  8.931   6.625   1.00 50.45  ? 88  HIS A ND1 1 
ATOM   541  C CD2 . HIS A 1 71  ? 13.826  7.774   4.886   1.00 45.06  ? 88  HIS A CD2 1 
ATOM   542  C CE1 . HIS A 1 71  ? 14.361  9.277   6.406   1.00 51.63  ? 88  HIS A CE1 1 
ATOM   543  N NE2 . HIS A 1 71  ? 14.810  8.617   5.339   1.00 53.33  ? 88  HIS A NE2 1 
ATOM   544  N N   . LEU A 1 72  ? 8.843   6.695   3.057   1.00 26.46  ? 89  LEU A N   1 
ATOM   545  C CA  . LEU A 1 72  ? 7.411   6.420   2.873   1.00 26.53  ? 89  LEU A CA  1 
ATOM   546  C C   . LEU A 1 72  ? 7.301   5.073   2.195   1.00 26.93  ? 89  LEU A C   1 
ATOM   547  O O   . LEU A 1 72  ? 8.138   4.701   1.404   1.00 24.15  ? 89  LEU A O   1 
ATOM   548  C CB  . LEU A 1 72  ? 6.714   7.501   2.002   1.00 26.61  ? 89  LEU A CB  1 
ATOM   549  C CG  . LEU A 1 72  ? 6.899   8.958   2.379   1.00 24.82  ? 89  LEU A CG  1 
ATOM   550  C CD1 . LEU A 1 72  ? 6.125   9.800   1.400   1.00 28.41  ? 89  LEU A CD1 1 
ATOM   551  C CD2 . LEU A 1 72  ? 6.438   9.134   3.798   1.00 26.07  ? 89  LEU A CD2 1 
ATOM   552  N N   . THR A 1 73  ? 6.209   4.359   2.465   1.00 27.62  ? 90  THR A N   1 
ATOM   553  C CA  . THR A 1 73  ? 5.876   3.165   1.661   1.00 26.85  ? 90  THR A CA  1 
ATOM   554  C C   . THR A 1 73  ? 4.388   3.343   1.252   1.00 25.52  ? 90  THR A C   1 
ATOM   555  O O   . THR A 1 73  ? 3.560   3.790   2.053   1.00 25.39  ? 90  THR A O   1 
ATOM   556  C CB  . THR A 1 73  ? 5.981   1.944   2.561   1.00 28.56  ? 90  THR A CB  1 
ATOM   557  O OG1 . THR A 1 73  ? 7.320   1.705   2.926   1.00 31.39  ? 90  THR A OG1 1 
ATOM   558  C CG2 . THR A 1 73  ? 5.497   0.634   1.898   1.00 26.91  ? 90  THR A CG2 1 
ATOM   559  N N   . TRP A 1 74  ? 4.075   3.054   0.018   1.00 23.84  ? 91  TRP A N   1 
ATOM   560  C CA  . TRP A 1 74  ? 2.718   3.185   -0.505  1.00 25.03  ? 91  TRP A CA  1 
ATOM   561  C C   . TRP A 1 74  ? 2.145   1.847   -0.871  1.00 24.58  ? 91  TRP A C   1 
ATOM   562  O O   . TRP A 1 74  ? 2.862   0.835   -1.093  1.00 24.40  ? 91  TRP A O   1 
ATOM   563  C CB  . TRP A 1 74  ? 2.645   4.111   -1.726  1.00 25.67  ? 91  TRP A CB  1 
ATOM   564  C CG  . TRP A 1 74  ? 3.579   3.842   -2.798  1.00 31.43  ? 91  TRP A CG  1 
ATOM   565  C CD1 . TRP A 1 74  ? 4.894   4.478   -2.995  1.00 33.90  ? 91  TRP A CD1 1 
ATOM   566  C CD2 . TRP A 1 74  ? 3.386   3.024   -3.915  1.00 33.89  ? 91  TRP A CD2 1 
ATOM   567  N NE1 . TRP A 1 74  ? 5.427   4.030   -4.148  1.00 35.49  ? 91  TRP A NE1 1 
ATOM   568  C CE2 . TRP A 1 74  ? 4.575   3.127   -4.734  1.00 36.20  ? 91  TRP A CE2 1 
ATOM   569  C CE3 . TRP A 1 74  ? 2.414   2.186   -4.288  1.00 36.76  ? 91  TRP A CE3 1 
ATOM   570  C CZ2 . TRP A 1 74  ? 4.740   2.440   -5.869  1.00 44.30  ? 91  TRP A CZ2 1 
ATOM   571  C CZ3 . TRP A 1 74  ? 2.560   1.460   -5.463  1.00 47.10  ? 91  TRP A CZ3 1 
ATOM   572  C CH2 . TRP A 1 74  ? 3.718   1.577   -6.246  1.00 48.29  ? 91  TRP A CH2 1 
ATOM   573  N N   . TYR A 1 75  ? 0.833   1.835   -0.998  1.00 25.48  ? 92  TYR A N   1 
ATOM   574  C CA  . TYR A 1 75  ? 0.114   0.608   -1.222  1.00 24.56  ? 92  TYR A CA  1 
ATOM   575  C C   . TYR A 1 75  ? -1.058  0.966   -2.067  1.00 25.31  ? 92  TYR A C   1 
ATOM   576  O O   . TYR A 1 75  ? -1.843  1.865   -1.693  1.00 25.71  ? 92  TYR A O   1 
ATOM   577  C CB  . TYR A 1 75  ? -0.299  -0.001  0.110   1.00 25.67  ? 92  TYR A CB  1 
ATOM   578  C CG  . TYR A 1 75  ? -1.406  -1.102  0.088   1.00 28.75  ? 92  TYR A CG  1 
ATOM   579  C CD1 . TYR A 1 75  ? -1.089  -2.465  -0.111  1.00 34.19  ? 92  TYR A CD1 1 
ATOM   580  C CD2 . TYR A 1 75  ? -2.714  -0.784  0.166   1.00 34.62  ? 92  TYR A CD2 1 
ATOM   581  C CE1 . TYR A 1 75  ? -2.084  -3.461  -0.132  1.00 39.77  ? 92  TYR A CE1 1 
ATOM   582  C CE2 . TYR A 1 75  ? -3.727  -1.769  0.153   1.00 38.32  ? 92  TYR A CE2 1 
ATOM   583  C CZ  . TYR A 1 75  ? -3.423  -3.094  0.002   1.00 42.40  ? 92  TYR A CZ  1 
ATOM   584  O OH  . TYR A 1 75  ? -4.494  -4.014  0.041   1.00 47.99  ? 92  TYR A OH  1 
ATOM   585  N N   . TYR A 1 76  ? -1.175  0.371   -3.262  1.00 25.33  ? 93  TYR A N   1 
ATOM   586  C CA  . TYR A 1 76  ? -2.277  0.698   -4.177  1.00 25.57  ? 93  TYR A CA  1 
ATOM   587  C C   . TYR A 1 76  ? -3.098  -0.553  -4.446  1.00 28.06  ? 93  TYR A C   1 
ATOM   588  O O   . TYR A 1 76  ? -2.517  -1.601  -4.750  1.00 28.37  ? 93  TYR A O   1 
ATOM   589  C CB  . TYR A 1 76  ? -1.718  1.231   -5.453  1.00 24.82  ? 93  TYR A CB  1 
ATOM   590  C CG  . TYR A 1 76  ? -2.717  1.496   -6.549  1.00 26.66  ? 93  TYR A CG  1 
ATOM   591  C CD1 . TYR A 1 76  ? -3.652  2.492   -6.437  1.00 30.93  ? 93  TYR A CD1 1 
ATOM   592  C CD2 . TYR A 1 76  ? -2.645  0.790   -7.768  1.00 30.58  ? 93  TYR A CD2 1 
ATOM   593  C CE1 . TYR A 1 76  ? -4.561  2.761   -7.430  1.00 30.02  ? 93  TYR A CE1 1 
ATOM   594  C CE2 . TYR A 1 76  ? -3.537  1.077   -8.820  1.00 32.23  ? 93  TYR A CE2 1 
ATOM   595  C CZ  . TYR A 1 76  ? -4.488  2.059   -8.645  1.00 35.73  ? 93  TYR A CZ  1 
ATOM   596  O OH  . TYR A 1 76  ? -5.374  2.377   -9.641  1.00 32.65  ? 93  TYR A OH  1 
ATOM   597  N N   . ASP A 1 77  ? -4.396  -0.473  -4.305  1.00 29.91  ? 94  ASP A N   1 
ATOM   598  C CA  . ASP A 1 77  ? -5.235  -1.642  -4.442  1.00 32.15  ? 94  ASP A CA  1 
ATOM   599  C C   . ASP A 1 77  ? -6.197  -1.512  -5.638  1.00 32.35  ? 94  ASP A C   1 
ATOM   600  O O   . ASP A 1 77  ? -7.283  -2.080  -5.609  1.00 32.98  ? 94  ASP A O   1 
ATOM   601  C CB  . ASP A 1 77  ? -6.037  -1.785  -3.122  1.00 32.43  ? 94  ASP A CB  1 
ATOM   602  C CG  . ASP A 1 77  ? -7.062  -0.671  -2.885  1.00 33.29  ? 94  ASP A CG  1 
ATOM   603  O OD1 . ASP A 1 77  ? -7.133  0.351   -3.627  1.00 31.30  ? 94  ASP A OD1 1 
ATOM   604  O OD2 . ASP A 1 77  ? -7.824  -0.729  -1.884  1.00 33.08  ? 94  ASP A OD2 1 
ATOM   605  N N   . GLU A 1 78  ? -5.844  -0.716  -6.625  1.00 32.65  ? 95  GLU A N   1 
ATOM   606  C CA  . GLU A 1 78  ? -6.714  -0.354  -7.750  1.00 35.58  ? 95  GLU A CA  1 
ATOM   607  C C   . GLU A 1 78  ? -7.778  0.628   -7.494  1.00 34.86  ? 95  GLU A C   1 
ATOM   608  O O   . GLU A 1 78  ? -8.487  0.988   -8.392  1.00 33.93  ? 95  GLU A O   1 
ATOM   609  C CB  . GLU A 1 78  ? -7.354  -1.573  -8.447  1.00 37.27  ? 95  GLU A CB  1 
ATOM   610  C CG  . GLU A 1 78  ? -6.481  -2.806  -8.531  1.00 42.77  ? 95  GLU A CG  1 
ATOM   611  C CD  . GLU A 1 78  ? -5.292  -2.548  -9.387  1.00 49.46  ? 95  GLU A CD  1 
ATOM   612  O OE1 . GLU A 1 78  ? -5.492  -1.934  -10.446 1.00 56.70  ? 95  GLU A OE1 1 
ATOM   613  O OE2 . GLU A 1 78  ? -4.175  -2.943  -8.996  1.00 59.73  ? 95  GLU A OE2 1 
ATOM   614  N N   . ASN A 1 79  ? -7.985  1.034   -6.253  1.00 34.70  ? 96  ASN A N   1 
ATOM   615  C CA  . ASN A 1 79  ? -8.971  2.046   -5.940  1.00 32.83  ? 96  ASN A CA  1 
ATOM   616  C C   . ASN A 1 79  ? -8.289  3.324   -5.337  1.00 30.81  ? 96  ASN A C   1 
ATOM   617  O O   . ASN A 1 79  ? -8.528  4.411   -5.783  1.00 32.23  ? 96  ASN A O   1 
ATOM   618  C CB  . ASN A 1 79  ? -10.021 1.474   -4.959  1.00 33.86  ? 96  ASN A CB  1 
ATOM   619  C CG  . ASN A 1 79  ? -11.044 2.593   -4.360  1.00 40.75  ? 96  ASN A CG  1 
ATOM   620  O OD1 . ASN A 1 79  ? -11.566 3.496   -5.116  1.00 52.92  ? 96  ASN A OD1 1 
ATOM   621  N ND2 . ASN A 1 79  ? -11.326 2.525   -3.010  1.00 49.43  ? 96  ASN A ND2 1 
ATOM   622  N N   . ILE A 1 80  ? -7.562  3.149   -4.237  1.00 27.23  ? 97  ILE A N   1 
ATOM   623  C CA  . ILE A 1 80  ? -6.923  4.246   -3.547  1.00 25.58  ? 97  ILE A CA  1 
ATOM   624  C C   . ILE A 1 80  ? -5.418  3.950   -3.434  1.00 24.08  ? 97  ILE A C   1 
ATOM   625  O O   . ILE A 1 80  ? -4.982  2.853   -3.113  1.00 24.92  ? 97  ILE A O   1 
ATOM   626  C CB  . ILE A 1 80  ? -7.567  4.462   -2.099  1.00 25.18  ? 97  ILE A CB  1 
ATOM   627  C CG1 . ILE A 1 80  ? -9.040  4.948   -2.250  1.00 28.42  ? 97  ILE A CG1 1 
ATOM   628  C CG2 . ILE A 1 80  ? -6.795  5.414   -1.282  1.00 24.59  ? 97  ILE A CG2 1 
ATOM   629  C CD1 . ILE A 1 80  ? -9.849  4.797   -1.015  1.00 28.48  ? 97  ILE A CD1 1 
ATOM   630  N N   . LEU A 1 81  ? -4.650  5.013   -3.555  1.00 24.33  ? 98  LEU A N   1 
ATOM   631  C CA  . LEU A 1 81  ? -3.227  4.957   -3.238  1.00 23.51  ? 98  LEU A CA  1 
ATOM   632  C C   . LEU A 1 81  ? -3.070  5.318   -1.743  1.00 22.65  ? 98  LEU A C   1 
ATOM   633  O O   . LEU A 1 81  ? -3.343  6.458   -1.380  1.00 22.60  ? 98  LEU A O   1 
ATOM   634  C CB  . LEU A 1 81  ? -2.508  5.966   -4.168  1.00 22.61  ? 98  LEU A CB  1 
ATOM   635  C CG  . LEU A 1 81  ? -1.003  6.196   -3.890  1.00 24.05  ? 98  LEU A CG  1 
ATOM   636  C CD1 . LEU A 1 81  ? -0.221  4.862   -4.079  1.00 25.61  ? 98  LEU A CD1 1 
ATOM   637  C CD2 . LEU A 1 81  ? -0.498  7.196   -4.817  1.00 24.88  ? 98  LEU A CD2 1 
ATOM   638  N N   . TYR A 1 82  ? -2.662  4.354   -0.907  1.00 21.74  ? 99  TYR A N   1 
ATOM   639  C CA  . TYR A 1 82  ? -2.462  4.589   0.536   1.00 22.62  ? 99  TYR A CA  1 
ATOM   640  C C   . TYR A 1 82  ? -0.977  4.866   0.792   1.00 24.43  ? 99  TYR A C   1 
ATOM   641  O O   . TYR A 1 82  ? -0.159  4.050   0.377   1.00 24.05  ? 99  TYR A O   1 
ATOM   642  C CB  . TYR A 1 82  ? -2.873  3.393   1.348   1.00 23.22  ? 99  TYR A CB  1 
ATOM   643  C CG  . TYR A 1 82  ? -4.369  3.054   1.277   1.00 22.39  ? 99  TYR A CG  1 
ATOM   644  C CD1 . TYR A 1 82  ? -5.217  3.428   2.306   1.00 22.41  ? 99  TYR A CD1 1 
ATOM   645  C CD2 . TYR A 1 82  ? -4.893  2.354   0.181   1.00 22.67  ? 99  TYR A CD2 1 
ATOM   646  C CE1 . TYR A 1 82  ? -6.579  3.059   2.328   1.00 23.25  ? 99  TYR A CE1 1 
ATOM   647  C CE2 . TYR A 1 82  ? -6.262  1.994   0.162   1.00 22.57  ? 99  TYR A CE2 1 
ATOM   648  C CZ  . TYR A 1 82  ? -7.094  2.372   1.271   1.00 25.43  ? 99  TYR A CZ  1 
ATOM   649  O OH  . TYR A 1 82  ? -8.416  2.142   1.227   1.00 22.00  ? 99  TYR A OH  1 
ATOM   650  N N   . ILE A 1 83  ? -0.676  6.027   1.409   1.00 24.59  ? 100 ILE A N   1 
ATOM   651  C CA  . ILE A 1 83  ? 0.686   6.474   1.707   1.00 22.69  ? 100 ILE A CA  1 
ATOM   652  C C   . ILE A 1 83  ? 0.945   6.483   3.164   1.00 24.16  ? 100 ILE A C   1 
ATOM   653  O O   . ILE A 1 83  ? 0.273   7.186   3.902   1.00 22.48  ? 100 ILE A O   1 
ATOM   654  C CB  . ILE A 1 83  ? 1.018   7.835   1.059   1.00 23.14  ? 100 ILE A CB  1 
ATOM   655  C CG1 . ILE A 1 83  ? 0.735   7.781   -0.452  1.00 24.92  ? 100 ILE A CG1 1 
ATOM   656  C CG2 . ILE A 1 83  ? 2.522   8.135   1.248   1.00 24.21  ? 100 ILE A CG2 1 
ATOM   657  C CD1 . ILE A 1 83  ? 0.862   9.004   -1.232  1.00 29.29  ? 100 ILE A CD1 1 
ATOM   658  N N   . TYR A 1 84  ? 1.930   5.690   3.617   1.00 22.92  ? 101 TYR A N   1 
ATOM   659  C CA  . TYR A 1 84  ? 2.291   5.676   5.038   1.00 24.20  ? 101 TYR A CA  1 
ATOM   660  C C   . TYR A 1 84  ? 3.773   6.008   5.211   1.00 25.00  ? 101 TYR A C   1 
ATOM   661  O O   . TYR A 1 84  ? 4.548   5.939   4.251   1.00 23.78  ? 101 TYR A O   1 
ATOM   662  C CB  . TYR A 1 84  ? 2.054   4.239   5.607   1.00 25.50  ? 101 TYR A CB  1 
ATOM   663  C CG  . TYR A 1 84  ? 0.596   3.789   5.671   1.00 21.37  ? 101 TYR A CG  1 
ATOM   664  C CD1 . TYR A 1 84  ? -0.168  4.034   6.782   1.00 22.02  ? 101 TYR A CD1 1 
ATOM   665  C CD2 . TYR A 1 84  ? 0.014   3.132   4.579   1.00 23.09  ? 101 TYR A CD2 1 
ATOM   666  C CE1 . TYR A 1 84  ? -1.517  3.613   6.865   1.00 26.68  ? 101 TYR A CE1 1 
ATOM   667  C CE2 . TYR A 1 84  ? -1.309  2.689   4.632   1.00 24.44  ? 101 TYR A CE2 1 
ATOM   668  C CZ  . TYR A 1 84  ? -2.078  2.911   5.750   1.00 23.60  ? 101 TYR A CZ  1 
ATOM   669  O OH  . TYR A 1 84  ? -3.394  2.487   5.882   1.00 28.29  ? 101 TYR A OH  1 
ATOM   670  N N   . LYS A 1 85  ? 4.175   6.241   6.436   1.00 23.85  ? 102 LYS A N   1 
ATOM   671  C CA  . LYS A 1 85  ? 5.578   6.102   6.774   1.00 27.37  ? 102 LYS A CA  1 
ATOM   672  C C   . LYS A 1 85  ? 6.000   4.631   6.789   1.00 27.85  ? 102 LYS A C   1 
ATOM   673  O O   . LYS A 1 85  ? 5.211   3.821   7.273   1.00 25.26  ? 102 LYS A O   1 
ATOM   674  C CB  . LYS A 1 85  ? 5.907   6.724   8.153   1.00 27.65  ? 102 LYS A CB  1 
ATOM   675  C CG  . LYS A 1 85  ? 5.942   8.255   8.153   1.00 30.36  ? 102 LYS A CG  1 
ATOM   676  C CD  . LYS A 1 85  ? 7.339   8.774   7.735   1.00 27.80  ? 102 LYS A CD  1 
ATOM   677  C CE  . LYS A 1 85  ? 7.361   10.336  7.700   1.00 33.13  ? 102 LYS A CE  1 
ATOM   678  N NZ  . LYS A 1 85  ? 8.641   10.914  7.201   1.00 30.55  ? 102 LYS A NZ  1 
ATOM   679  N N   . THR A 1 86  ? 7.182   4.322   6.234   1.00 26.65  ? 103 THR A N   1 
ATOM   680  C CA  . THR A 1 86  ? 7.728   2.967   6.203   1.00 30.27  ? 103 THR A CA  1 
ATOM   681  C C   . THR A 1 86  ? 7.762   2.355   7.637   1.00 33.26  ? 103 THR A C   1 
ATOM   682  O O   . THR A 1 86  ? 7.466   1.113   7.835   1.00 32.48  ? 103 THR A O   1 
ATOM   683  C CB  . THR A 1 86  ? 9.088   2.983   5.591   1.00 30.13  ? 103 THR A CB  1 
ATOM   684  O OG1 . THR A 1 86  ? 8.963   3.392   4.242   1.00 31.84  ? 103 THR A OG1 1 
ATOM   685  C CG2 . THR A 1 86  ? 9.812   1.537   5.467   1.00 32.39  ? 103 THR A CG2 1 
ATOM   686  N N   . ASN A 1 87  ? 8.009   3.191   8.641   1.00 32.92  ? 104 ASN A N   1 
ATOM   687  C CA  . ASN A 1 87  ? 7.950   2.712   10.019  1.00 35.76  ? 104 ASN A CA  1 
ATOM   688  C C   . ASN A 1 87  ? 6.572   2.261   10.512  1.00 35.19  ? 104 ASN A C   1 
ATOM   689  O O   . ASN A 1 87  ? 6.456   1.780   11.604  1.00 33.32  ? 104 ASN A O   1 
ATOM   690  C CB  . ASN A 1 87  ? 8.564   3.761   11.006  1.00 37.42  ? 104 ASN A CB  1 
ATOM   691  C CG  . ASN A 1 87  ? 7.760   5.053   11.164  1.00 41.10  ? 104 ASN A CG  1 
ATOM   692  O OD1 . ASN A 1 87  ? 6.550   5.074   11.262  1.00 45.26  ? 104 ASN A OD1 1 
ATOM   693  N ND2 . ASN A 1 87  ? 8.518   6.176   11.348  1.00 48.45  ? 104 ASN A ND2 1 
ATOM   694  N N   . GLU A 1 88  ? 5.529   2.448   9.708   1.00 31.76  ? 105 GLU A N   1 
ATOM   695  C CA  . GLU A 1 88  ? 4.246   1.917   10.072  1.00 32.69  ? 105 GLU A CA  1 
ATOM   696  C C   . GLU A 1 88  ? 3.995   0.455   9.641   1.00 30.81  ? 105 GLU A C   1 
ATOM   697  O O   . GLU A 1 88  ? 2.945   -0.076  9.939   1.00 32.05  ? 105 GLU A O   1 
ATOM   698  C CB  . GLU A 1 88  ? 3.125   2.809   9.537   1.00 31.66  ? 105 GLU A CB  1 
ATOM   699  C CG  . GLU A 1 88  ? 3.201   4.223   10.144  1.00 33.88  ? 105 GLU A CG  1 
ATOM   700  C CD  . GLU A 1 88  ? 2.101   5.109   9.584   1.00 29.91  ? 105 GLU A CD  1 
ATOM   701  O OE1 . GLU A 1 88  ? 0.940   4.998   10.091  1.00 30.94  ? 105 GLU A OE1 1 
ATOM   702  O OE2 . GLU A 1 88  ? 2.412   5.909   8.644   1.00 29.35  ? 105 GLU A OE2 1 
ATOM   703  N N   . ILE A 1 89  ? 4.925   -0.117  8.897   1.00 31.24  ? 106 ILE A N   1 
ATOM   704  C CA  . ILE A 1 89  ? 4.861   -1.491  8.469   1.00 31.91  ? 106 ILE A CA  1 
ATOM   705  C C   . ILE A 1 89  ? 4.964   -2.339  9.746   1.00 33.93  ? 106 ILE A C   1 
ATOM   706  O O   . ILE A 1 89  ? 5.735   -2.017  10.657  1.00 31.08  ? 106 ILE A O   1 
ATOM   707  C CB  . ILE A 1 89  ? 5.968   -1.800  7.548   1.00 31.82  ? 106 ILE A CB  1 
ATOM   708  C CG1 . ILE A 1 89  ? 5.713   -1.193  6.163   1.00 30.75  ? 106 ILE A CG1 1 
ATOM   709  C CG2 . ILE A 1 89  ? 6.142   -3.340  7.336   1.00 35.31  ? 106 ILE A CG2 1 
ATOM   710  C CD1 . ILE A 1 89  ? 6.869   -1.323  5.205   1.00 33.46  ? 106 ILE A CD1 1 
ATOM   711  N N   . SER A 1 90  ? 4.105   -3.343  9.851   1.00 34.18  ? 107 SER A N   1 
ATOM   712  C CA  . SER A 1 90  ? 4.121   -4.297  10.947  1.00 34.79  ? 107 SER A CA  1 
ATOM   713  C C   . SER A 1 90  ? 3.893   -5.733  10.435  1.00 36.47  ? 107 SER A C   1 
ATOM   714  O O   . SER A 1 90  ? 3.658   -5.964  9.265   1.00 34.37  ? 107 SER A O   1 
ATOM   715  C CB  . SER A 1 90  ? 3.162   -3.904  12.059  1.00 35.78  ? 107 SER A CB  1 
ATOM   716  O OG  . SER A 1 90  ? 1.822   -3.977  11.609  1.00 36.34  ? 107 SER A OG  1 
ATOM   717  N N   . ARG A 1 91  ? 4.011   -6.683  11.376  1.00 37.86  ? 108 ARG A N   1 
ATOM   718  C CA  . ARG A 1 91  ? 3.798   -8.105  11.168  1.00 38.53  ? 108 ARG A CA  1 
ATOM   719  C C   . ARG A 1 91  ? 2.596   -8.546  11.974  1.00 36.82  ? 108 ARG A C   1 
ATOM   720  O O   . ARG A 1 91  ? 2.358   -8.086  13.081  1.00 36.37  ? 108 ARG A O   1 
ATOM   721  C CB  . ARG A 1 91  ? 4.971   -8.931  11.666  1.00 40.36  ? 108 ARG A CB  1 
ATOM   722  C CG  . ARG A 1 91  ? 6.187   -8.856  10.733  1.00 46.68  ? 108 ARG A CG  1 
ATOM   723  C CD  . ARG A 1 91  ? 7.518   -9.276  11.449  1.00 53.03  ? 108 ARG A CD  1 
ATOM   724  N NE  . ARG A 1 91  ? 8.537   -9.681  10.465  1.00 59.41  ? 108 ARG A NE  1 
ATOM   725  C CZ  . ARG A 1 91  ? 9.606   -8.945  10.112  1.00 66.31  ? 108 ARG A CZ  1 
ATOM   726  N NH1 . ARG A 1 91  ? 9.803   -7.700  10.631  1.00 69.88  ? 108 ARG A NH1 1 
ATOM   727  N NH2 . ARG A 1 91  ? 10.480  -9.437  9.204   1.00 66.12  ? 108 ARG A NH2 1 
ATOM   728  N N   . SER A 1 92  ? 1.807   -9.430  11.375  1.00 36.30  ? 109 SER A N   1 
ATOM   729  C CA  . SER A 1 92  ? 0.630   -9.965  12.036  1.00 35.12  ? 109 SER A CA  1 
ATOM   730  C C   . SER A 1 92  ? 0.439   -11.401 11.556  1.00 34.55  ? 109 SER A C   1 
ATOM   731  O O   . SER A 1 92  ? 0.603   -11.713 10.352  1.00 31.19  ? 109 SER A O   1 
ATOM   732  C CB  . SER A 1 92  ? -0.591  -9.172  11.635  1.00 36.57  ? 109 SER A CB  1 
ATOM   733  O OG  . SER A 1 92  ? -1.601  -9.404  12.551  1.00 37.50  ? 109 SER A OG  1 
ATOM   734  N N   . ILE A 1 93  ? 0.062   -12.289 12.487  1.00 33.80  ? 110 ILE A N   1 
ATOM   735  C CA  . ILE A 1 93  ? -0.080  -13.720 12.114  1.00 32.95  ? 110 ILE A CA  1 
ATOM   736  C C   . ILE A 1 93  ? -1.572  -14.007 11.989  1.00 29.83  ? 110 ILE A C   1 
ATOM   737  O O   . ILE A 1 93  ? -2.309  -13.642 12.847  1.00 29.88  ? 110 ILE A O   1 
ATOM   738  C CB  . ILE A 1 93  ? 0.578   -14.646 13.230  1.00 34.67  ? 110 ILE A CB  1 
ATOM   739  C CG1 . ILE A 1 93  ? 2.105   -14.337 13.223  1.00 38.74  ? 110 ILE A CG1 1 
ATOM   740  C CG2 . ILE A 1 93  ? 0.304   -16.161 12.857  1.00 33.68  ? 110 ILE A CG2 1 
ATOM   741  C CD1 . ILE A 1 93  ? 2.878   -14.803 14.525  1.00 46.03  ? 110 ILE A CD1 1 
ATOM   742  N N   . ILE A 1 94  ? -1.943  -14.694 10.930  1.00 29.16  ? 111 ILE A N   1 
ATOM   743  C CA  . ILE A 1 94  ? -3.332  -15.062 10.683  1.00 30.23  ? 111 ILE A CA  1 
ATOM   744  C C   . ILE A 1 94  ? -3.347  -16.605 10.730  1.00 29.25  ? 111 ILE A C   1 
ATOM   745  O O   . ILE A 1 94  ? -2.644  -17.235 9.995   1.00 29.03  ? 111 ILE A O   1 
ATOM   746  C CB  . ILE A 1 94  ? -3.849  -14.540 9.346   1.00 30.23  ? 111 ILE A CB  1 
ATOM   747  C CG1 . ILE A 1 94  ? -3.878  -12.970 9.409   1.00 33.92  ? 111 ILE A CG1 1 
ATOM   748  C CG2 . ILE A 1 94  ? -5.316  -15.043 9.040   1.00 32.53  ? 111 ILE A CG2 1 
ATOM   749  C CD1 . ILE A 1 94  ? -4.230  -12.371 8.121   1.00 37.17  ? 111 ILE A CD1 1 
ATOM   750  N N   . THR A 1 95  ? -4.212  -17.113 11.587  1.00 30.27  ? 112 THR A N   1 
ATOM   751  C CA  . THR A 1 95  ? -4.351  -18.578 11.786  1.00 30.91  ? 112 THR A CA  1 
ATOM   752  C C   . THR A 1 95  ? -5.828  -18.935 11.691  1.00 28.33  ? 112 THR A C   1 
ATOM   753  O O   . THR A 1 95  ? -6.535  -18.760 12.665  1.00 29.65  ? 112 THR A O   1 
ATOM   754  C CB  . THR A 1 95  ? -3.841  -18.918 13.168  1.00 32.37  ? 112 THR A CB  1 
ATOM   755  O OG1 . THR A 1 95  ? -2.435  -18.632 13.184  1.00 32.48  ? 112 THR A OG1 1 
ATOM   756  C CG2 . THR A 1 95  ? -3.961  -20.531 13.415  1.00 32.20  ? 112 THR A CG2 1 
ATOM   757  N N   . PRO A 1 96  ? -6.297  -19.284 10.514  1.00 27.91  ? 113 PRO A N   1 
ATOM   758  C CA  . PRO A 1 96  ? -7.717  -19.591 10.336  1.00 29.84  ? 113 PRO A CA  1 
ATOM   759  C C   . PRO A 1 96  ? -8.046  -20.921 11.129  1.00 30.99  ? 113 PRO A C   1 
ATOM   760  O O   . PRO A 1 96  ? -7.121  -21.742 11.321  1.00 29.59  ? 113 PRO A O   1 
ATOM   761  C CB  . PRO A 1 96  ? -7.800  -19.833 8.862   1.00 29.74  ? 113 PRO A CB  1 
ATOM   762  C CG  . PRO A 1 96  ? -6.648  -19.105 8.354   1.00 32.40  ? 113 PRO A CG  1 
ATOM   763  C CD  . PRO A 1 96  ? -5.576  -19.476 9.248   1.00 29.07  ? 113 PRO A CD  1 
ATOM   764  N N   . THR A 1 97  ? -9.271  -21.047 11.582  1.00 30.98  ? 114 THR A N   1 
ATOM   765  C CA  . THR A 1 97  ? -9.733  -22.175 12.385  1.00 31.49  ? 114 THR A CA  1 
ATOM   766  C C   . THR A 1 97  ? -10.357 -23.308 11.562  1.00 31.57  ? 114 THR A C   1 
ATOM   767  O O   . THR A 1 97  ? -10.181 -24.494 11.880  1.00 32.49  ? 114 THR A O   1 
ATOM   768  C CB  . THR A 1 97  ? -10.775 -21.626 13.387  1.00 32.17  ? 114 THR A CB  1 
ATOM   769  O OG1 . THR A 1 97  ? -10.115 -20.711 14.269  1.00 30.89  ? 114 THR A OG1 1 
ATOM   770  C CG2 . THR A 1 97  ? -11.358 -22.763 14.309  1.00 31.11  ? 114 THR A CG2 1 
ATOM   771  N N   . TYR A 1 98  ? -11.053 -22.958 10.490  1.00 30.98  ? 115 TYR A N   1 
ATOM   772  C CA  . TYR A 1 98  ? -11.877 -23.902 9.668   1.00 31.24  ? 115 TYR A CA  1 
ATOM   773  C C   . TYR A 1 98  ? -11.342 -24.077 8.291   1.00 32.04  ? 115 TYR A C   1 
ATOM   774  O O   . TYR A 1 98  ? -11.692 -24.996 7.639   1.00 33.25  ? 115 TYR A O   1 
ATOM   775  C CB  . TYR A 1 98  ? -13.381 -23.458 9.637   1.00 31.80  ? 115 TYR A CB  1 
ATOM   776  C CG  . TYR A 1 98  ? -13.967 -23.394 11.043  1.00 31.13  ? 115 TYR A CG  1 
ATOM   777  C CD1 . TYR A 1 98  ? -14.382 -24.567 11.704  1.00 33.08  ? 115 TYR A CD1 1 
ATOM   778  C CD2 . TYR A 1 98  ? -14.046 -22.222 11.714  1.00 34.36  ? 115 TYR A CD2 1 
ATOM   779  C CE1 . TYR A 1 98  ? -14.931 -24.509 12.952  1.00 33.08  ? 115 TYR A CE1 1 
ATOM   780  C CE2 . TYR A 1 98  ? -14.533 -22.157 13.000  1.00 35.56  ? 115 TYR A CE2 1 
ATOM   781  C CZ  . TYR A 1 98  ? -14.981 -23.311 13.602  1.00 34.68  ? 115 TYR A CZ  1 
ATOM   782  O OH  . TYR A 1 98  ? -15.450 -23.251 14.854  1.00 40.80  ? 115 TYR A OH  1 
ATOM   783  N N   . LEU A 1 99  ? -10.477 -23.179 7.831   1.00 31.68  ? 116 LEU A N   1 
ATOM   784  C CA  . LEU A 1 99  ? -10.048 -23.142 6.453   1.00 32.41  ? 116 LEU A CA  1 
ATOM   785  C C   . LEU A 1 99  ? -8.549  -23.395 6.450   1.00 33.12  ? 116 LEU A C   1 
ATOM   786  O O   . LEU A 1 99  ? -7.787  -22.809 7.244   1.00 31.33  ? 116 LEU A O   1 
ATOM   787  C CB  . LEU A 1 99  ? -10.246 -21.718 5.878   1.00 33.79  ? 116 LEU A CB  1 
ATOM   788  C CG  . LEU A 1 99  ? -9.890  -21.501 4.417   1.00 36.62  ? 116 LEU A CG  1 
ATOM   789  C CD1 . LEU A 1 99  ? -10.665 -22.472 3.439   1.00 39.90  ? 116 LEU A CD1 1 
ATOM   790  C CD2 . LEU A 1 99  ? -10.102 -20.052 3.949   1.00 38.14  ? 116 LEU A CD2 1 
ATOM   791  N N   . ASP A 1 100 ? -8.112  -24.209 5.546   1.00 34.16  ? 117 ASP A N   1 
ATOM   792  C CA  . ASP A 1 100 ? -6.710  -24.519 5.478   1.00 36.32  ? 117 ASP A CA  1 
ATOM   793  C C   . ASP A 1 100 ? -6.007  -23.343 4.821   1.00 35.07  ? 117 ASP A C   1 
ATOM   794  O O   . ASP A 1 100 ? -6.530  -22.708 3.892   1.00 31.16  ? 117 ASP A O   1 
ATOM   795  C CB  . ASP A 1 100 ? -6.422  -25.841 4.672   1.00 37.53  ? 117 ASP A CB  1 
ATOM   796  C CG  . ASP A 1 100 ? -6.861  -25.763 3.216   1.00 43.49  ? 117 ASP A CG  1 
ATOM   797  O OD1 . ASP A 1 100 ? -8.063  -25.692 2.917   1.00 52.30  ? 117 ASP A OD1 1 
ATOM   798  O OD2 . ASP A 1 100 ? -6.048  -25.741 2.269   1.00 51.09  ? 117 ASP A OD2 1 
ATOM   799  N N   . ILE A 1 101 ? -4.776  -23.139 5.266   1.00 36.41  ? 118 ILE A N   1 
ATOM   800  C CA  . ILE A 1 101 ? -4.014  -21.975 4.900   1.00 37.63  ? 118 ILE A CA  1 
ATOM   801  C C   . ILE A 1 101 ? -3.678  -21.934 3.410   1.00 37.37  ? 118 ILE A C   1 
ATOM   802  O O   . ILE A 1 101 ? -3.736  -20.862 2.786   1.00 35.48  ? 118 ILE A O   1 
ATOM   803  C CB  . ILE A 1 101 ? -2.768  -21.896 5.853   1.00 37.88  ? 118 ILE A CB  1 
ATOM   804  C CG1 . ILE A 1 101 ? -2.318  -20.492 5.912   1.00 40.80  ? 118 ILE A CG1 1 
ATOM   805  C CG2 . ILE A 1 101 ? -1.701  -22.793 5.446   1.00 43.74  ? 118 ILE A CG2 1 
ATOM   806  C CD1 . ILE A 1 101 ? -3.278  -19.650 6.650   1.00 44.44  ? 118 ILE A CD1 1 
ATOM   807  N N   . ASP A 1 102 ? -3.440  -23.090 2.792   1.00 38.26  ? 119 ASP A N   1 
ATOM   808  C CA  . ASP A 1 102 ? -3.214  -23.159 1.342   1.00 41.17  ? 119 ASP A CA  1 
ATOM   809  C C   . ASP A 1 102 ? -4.353  -22.706 0.554   1.00 41.58  ? 119 ASP A C   1 
ATOM   810  O O   . ASP A 1 102 ? -4.163  -22.100 -0.456  1.00 42.48  ? 119 ASP A O   1 
ATOM   811  C CB  . ASP A 1 102 ? -2.840  -24.574 0.818   1.00 43.00  ? 119 ASP A CB  1 
ATOM   812  C CG  . ASP A 1 102 ? -1.452  -25.037 1.257   1.00 48.95  ? 119 ASP A CG  1 
ATOM   813  O OD1 . ASP A 1 102 ? -1.127  -26.238 1.040   1.00 58.54  ? 119 ASP A OD1 1 
ATOM   814  O OD2 . ASP A 1 102 ? -0.653  -24.338 1.917   1.00 53.69  ? 119 ASP A OD2 1 
ATOM   815  N N   . SER A 1 103 ? -5.567  -23.012 0.980   1.00 41.84  ? 120 SER A N   1 
ATOM   816  C CA  . SER A 1 103 ? -6.724  -22.545 0.273   1.00 42.24  ? 120 SER A CA  1 
ATOM   817  C C   . SER A 1 103 ? -6.911  -21.007 0.504   1.00 43.23  ? 120 SER A C   1 
ATOM   818  O O   . SER A 1 103 ? -7.232  -20.278 -0.453  1.00 43.48  ? 120 SER A O   1 
ATOM   819  C CB  . SER A 1 103 ? -8.009  -23.322 0.677   1.00 42.04  ? 120 SER A CB  1 
ATOM   820  O OG  . SER A 1 103 ? -7.866  -24.675 0.378   1.00 42.72  ? 120 SER A OG  1 
ATOM   821  N N   . LEU A 1 104 ? -6.724  -20.527 1.731   1.00 42.37  ? 121 LEU A N   1 
ATOM   822  C CA  . LEU A 1 104 ? -6.722  -19.088 2.007   1.00 43.14  ? 121 LEU A CA  1 
ATOM   823  C C   . LEU A 1 104 ? -5.803  -18.319 1.082   1.00 46.52  ? 121 LEU A C   1 
ATOM   824  O O   . LEU A 1 104 ? -6.211  -17.349 0.518   1.00 47.28  ? 121 LEU A O   1 
ATOM   825  C CB  . LEU A 1 104 ? -6.310  -18.776 3.429   1.00 42.44  ? 121 LEU A CB  1 
ATOM   826  C CG  . LEU A 1 104 ? -6.201  -17.301 3.824   1.00 42.11  ? 121 LEU A CG  1 
ATOM   827  C CD1 . LEU A 1 104 ? -7.599  -16.597 3.592   1.00 42.17  ? 121 LEU A CD1 1 
ATOM   828  C CD2 . LEU A 1 104 ? -5.770  -17.176 5.254   1.00 38.33  ? 121 LEU A CD2 1 
ATOM   829  N N   . LEU A 1 105 ? -4.558  -18.730 0.961   1.00 49.57  ? 122 LEU A N   1 
ATOM   830  C CA  . LEU A 1 105 ? -3.664  -18.113 0.000   1.00 53.76  ? 122 LEU A CA  1 
ATOM   831  C C   . LEU A 1 105 ? -4.197  -18.080 -1.399  1.00 57.50  ? 122 LEU A C   1 
ATOM   832  O O   . LEU A 1 105 ? -4.148  -17.056 -2.065  1.00 60.16  ? 122 LEU A O   1 
ATOM   833  C CB  . LEU A 1 105 ? -2.387  -18.830 -0.013  1.00 53.47  ? 122 LEU A CB  1 
ATOM   834  C CG  . LEU A 1 105 ? -1.613  -18.564 1.244   1.00 53.84  ? 122 LEU A CG  1 
ATOM   835  C CD1 . LEU A 1 105 ? -0.378  -19.444 1.253   1.00 56.84  ? 122 LEU A CD1 1 
ATOM   836  C CD2 . LEU A 1 105 ? -1.208  -17.090 1.296   1.00 59.20  ? 122 LEU A CD2 1 
ATOM   837  N N   . LYS A 1 106 ? -4.780  -19.172 -1.841  1.00 60.75  ? 123 LYS A N   1 
ATOM   838  C CA  . LYS A 1 106 ? -5.280  -19.242 -3.192  1.00 62.82  ? 123 LYS A CA  1 
ATOM   839  C C   . LYS A 1 106 ? -6.382  -18.188 -3.356  1.00 63.45  ? 123 LYS A C   1 
ATOM   840  O O   . LYS A 1 106 ? -6.708  -17.801 -4.477  1.00 65.49  ? 123 LYS A O   1 
ATOM   841  C CB  . LYS A 1 106 ? -5.702  -20.714 -3.539  1.00 63.53  ? 123 LYS A CB  1 
ATOM   842  C CG  . LYS A 1 106 ? -6.510  -20.968 -4.863  1.00 67.28  ? 123 LYS A CG  1 
ATOM   843  C CD  . LYS A 1 106 ? -7.264  -22.369 -4.913  1.00 71.85  ? 123 LYS A CD  1 
ATOM   844  C CE  . LYS A 1 106 ? -8.328  -22.460 -6.119  1.00 73.68  ? 123 LYS A CE  1 
ATOM   845  N NZ  . LYS A 1 106 ? -8.818  -23.866 -6.501  1.00 70.11  ? 123 LYS A NZ  1 
ATOM   846  N N   . TYR A 1 107 ? -6.986  -17.704 -2.277  1.00 63.73  ? 124 TYR A N   1 
ATOM   847  C CA  . TYR A 1 107 ? -7.984  -16.623 -2.416  1.00 62.81  ? 124 TYR A CA  1 
ATOM   848  C C   . TYR A 1 107 ? -7.395  -15.197 -2.177  1.00 65.01  ? 124 TYR A C   1 
ATOM   849  O O   . TYR A 1 107 ? -7.761  -14.238 -2.855  1.00 65.63  ? 124 TYR A O   1 
ATOM   850  C CB  . TYR A 1 107 ? -9.191  -16.918 -1.574  1.00 62.34  ? 124 TYR A CB  1 
ATOM   851  C CG  . TYR A 1 107 ? -9.671  -18.394 -1.555  1.00 57.35  ? 124 TYR A CG  1 
ATOM   852  C CD1 . TYR A 1 107 ? -10.026 -19.003 -0.362  1.00 52.22  ? 124 TYR A CD1 1 
ATOM   853  C CD2 . TYR A 1 107 ? -9.825  -19.149 -2.706  1.00 56.66  ? 124 TYR A CD2 1 
ATOM   854  C CE1 . TYR A 1 107 ? -10.519 -20.307 -0.287  1.00 48.85  ? 124 TYR A CE1 1 
ATOM   855  C CE2 . TYR A 1 107 ? -10.330 -20.544 -2.633  1.00 52.17  ? 124 TYR A CE2 1 
ATOM   856  C CZ  . TYR A 1 107 ? -10.656 -21.090 -1.413  1.00 51.34  ? 124 TYR A CZ  1 
ATOM   857  O OH  . TYR A 1 107 ? -11.087 -22.410 -1.229  1.00 47.88  ? 124 TYR A OH  1 
ATOM   858  N N   . LEU A 1 108 ? -6.426  -15.065 -1.270  1.00 66.50  ? 125 LEU A N   1 
ATOM   859  C CA  . LEU A 1 108 ? -5.705  -13.805 -1.114  1.00 68.27  ? 125 LEU A CA  1 
ATOM   860  C C   . LEU A 1 108 ? -4.861  -13.445 -2.354  1.00 71.39  ? 125 LEU A C   1 
ATOM   861  O O   . LEU A 1 108 ? -4.762  -12.279 -2.683  1.00 71.23  ? 125 LEU A O   1 
ATOM   862  C CB  . LEU A 1 108 ? -4.789  -13.822 0.115   1.00 67.14  ? 125 LEU A CB  1 
ATOM   863  C CG  . LEU A 1 108 ? -5.476  -14.166 1.432   1.00 64.03  ? 125 LEU A CG  1 
ATOM   864  C CD1 . LEU A 1 108 ? -4.409  -14.216 2.511   1.00 61.91  ? 125 LEU A CD1 1 
ATOM   865  C CD2 . LEU A 1 108 ? -6.627  -13.202 1.750   1.00 62.50  ? 125 LEU A CD2 1 
ATOM   866  N N   . SER A 1 109 ? -4.282  -14.437 -3.036  1.00 75.14  ? 126 SER A N   1 
ATOM   867  C CA  . SER A 1 109 ? -3.304  -14.169 -4.101  1.00 78.42  ? 126 SER A CA  1 
ATOM   868  C C   . SER A 1 109 ? -3.938  -13.715 -5.407  1.00 80.61  ? 126 SER A C   1 
ATOM   869  O O   . SER A 1 109 ? -3.314  -12.943 -6.125  1.00 80.59  ? 126 SER A O   1 
ATOM   870  C CB  . SER A 1 109 ? -2.344  -15.357 -4.333  1.00 78.91  ? 126 SER A CB  1 
ATOM   871  O OG  . SER A 1 109 ? -1.356  -15.370 -3.288  1.00 80.26  ? 126 SER A OG  1 
ATOM   872  N N   . ASP A 1 110 ? -5.172  -14.125 -5.692  1.00 83.17  ? 127 ASP A N   1 
ATOM   873  C CA  . ASP A 1 110 ? -5.818  -13.678 -6.939  1.00 85.68  ? 127 ASP A CA  1 
ATOM   874  C C   . ASP A 1 110 ? -6.692  -12.405 -6.788  1.00 86.52  ? 127 ASP A C   1 
ATOM   875  O O   . ASP A 1 110 ? -7.576  -12.121 -7.606  1.00 86.27  ? 127 ASP A O   1 
ATOM   876  C CB  . ASP A 1 110 ? -6.594  -14.839 -7.577  1.00 86.64  ? 127 ASP A CB  1 
ATOM   877  C CG  . ASP A 1 110 ? -7.607  -15.450 -6.624  1.00 89.28  ? 127 ASP A CG  1 
ATOM   878  O OD1 . ASP A 1 110 ? -8.154  -14.681 -5.768  1.00 91.11  ? 127 ASP A OD1 1 
ATOM   879  O OD2 . ASP A 1 110 ? -7.893  -16.678 -6.651  1.00 90.96  ? 127 ASP A OD2 1 
ATOM   880  N N   . THR A 1 111 ? -6.401  -11.630 -5.748  1.00 87.61  ? 128 THR A N   1 
ATOM   881  C CA  . THR A 1 111 ? -7.071  -10.365 -5.487  1.00 88.00  ? 128 THR A CA  1 
ATOM   882  C C   . THR A 1 111 ? -6.260  -9.593  -4.461  1.00 88.43  ? 128 THR A C   1 
ATOM   883  O O   . THR A 1 111 ? -6.721  -9.414  -3.317  1.00 88.27  ? 128 THR A O   1 
ATOM   884  C CB  . THR A 1 111 ? -8.491  -10.587 -4.944  1.00 88.13  ? 128 THR A CB  1 
ATOM   885  O OG1 . THR A 1 111 ? -8.996  -9.340  -4.452  1.00 87.67  ? 128 THR A OG1 1 
ATOM   886  C CG2 . THR A 1 111 ? -8.496  -11.510 -3.697  1.00 88.64  ? 128 THR A CG2 1 
ATOM   887  N N   . ILE A 1 112 ? -5.043  -9.215  -4.880  1.00 88.70  ? 129 ILE A N   1 
ATOM   888  C CA  . ILE A 1 112 ? -4.174  -8.212  -4.242  1.00 89.35  ? 129 ILE A CA  1 
ATOM   889  C C   . ILE A 1 112 ? -2.716  -8.693  -4.326  1.00 89.21  ? 129 ILE A C   1 
ATOM   890  O O   . ILE A 1 112 ? -2.505  -9.924  -4.394  1.00 89.17  ? 129 ILE A O   1 
ATOM   891  C CB  . ILE A 1 112 ? -4.599  -7.905  -2.765  1.00 89.86  ? 129 ILE A CB  1 
ATOM   892  C CG1 . ILE A 1 112 ? -3.867  -6.652  -2.222  1.00 91.60  ? 129 ILE A CG1 1 
ATOM   893  C CG2 . ILE A 1 112 ? -4.448  -9.193  -1.832  1.00 90.37  ? 129 ILE A CG2 1 
ATOM   894  C CD1 . ILE A 1 112 ? -4.045  -5.343  -3.102  1.00 92.78  ? 129 ILE A CD1 1 
ATOM   895  N N   . SER A 1 113 ? -1.740  -7.747  -4.330  1.00 88.73  ? 130 SER A N   1 
ATOM   896  C CA  . SER A 1 113 ? -0.280  -8.077  -4.252  1.00 87.87  ? 130 SER A CA  1 
ATOM   897  C C   . SER A 1 113 ? 0.155   -8.576  -2.873  1.00 86.62  ? 130 SER A C   1 
ATOM   898  O O   . SER A 1 113 ? -0.144  -7.980  -1.850  1.00 87.70  ? 130 SER A O   1 
ATOM   899  C CB  . SER A 1 113 ? 0.648   -6.893  -4.579  1.00 87.84  ? 130 SER A CB  1 
ATOM   900  O OG  . SER A 1 113 ? 0.307   -6.192  -5.754  1.00 88.19  ? 130 SER A OG  1 
ATOM   901  N N   . VAL A 1 114 ? 0.948   -9.628  -2.891  1.00 85.03  ? 131 VAL A N   1 
ATOM   902  C CA  . VAL A 1 114 ? 1.279   -10.450 -1.725  1.00 83.85  ? 131 VAL A CA  1 
ATOM   903  C C   . VAL A 1 114 ? 2.831   -10.653 -1.601  1.00 81.24  ? 131 VAL A C   1 
ATOM   904  O O   . VAL A 1 114 ? 3.308   -11.493 -0.805  1.00 79.13  ? 131 VAL A O   1 
ATOM   905  C CB  . VAL A 1 114 ? 0.504   -11.825 -1.937  1.00 84.91  ? 131 VAL A CB  1 
ATOM   906  C CG1 . VAL A 1 114 ? 1.380   -13.170 -1.609  1.00 85.75  ? 131 VAL A CG1 1 
ATOM   907  C CG2 . VAL A 1 114 ? -0.887  -11.754 -1.260  1.00 85.54  ? 131 VAL A CG2 1 
ATOM   908  N N   . ASN A 1 115 ? 3.564   -9.838  -2.401  1.00 78.74  ? 132 ASN A N   1 
ATOM   909  C CA  . ASN A 1 115 ? 5.028   -9.916  -2.675  1.00 76.84  ? 132 ASN A CA  1 
ATOM   910  C C   . ASN A 1 115 ? 5.850   -8.601  -2.360  1.00 73.53  ? 132 ASN A C   1 
ATOM   911  O O   . ASN A 1 115 ? 7.066   -8.634  -2.053  1.00 73.78  ? 132 ASN A O   1 
ATOM   912  C CB  . ASN A 1 115 ? 5.266   -10.271 -4.169  1.00 77.44  ? 132 ASN A CB  1 
ATOM   913  C CG  . ASN A 1 115 ? 4.674   -11.635 -4.575  1.00 80.38  ? 132 ASN A CG  1 
ATOM   914  O OD1 . ASN A 1 115 ? 3.835   -11.702 -5.502  1.00 83.81  ? 132 ASN A OD1 1 
ATOM   915  N ND2 . ASN A 1 115 ? 5.102   -12.727 -3.894  1.00 80.46  ? 132 ASN A ND2 1 
ATOM   916  N N   . LYS A 1 116 ? 5.182   -7.453  -2.452  1.00 68.66  ? 133 LYS A N   1 
ATOM   917  C CA  . LYS A 1 116 ? 5.844   -6.180  -2.293  1.00 64.26  ? 133 LYS A CA  1 
ATOM   918  C C   . LYS A 1 116 ? 6.102   -5.971  -0.780  1.00 58.89  ? 133 LYS A C   1 
ATOM   919  O O   . LYS A 1 116 ? 5.384   -6.575  0.071   1.00 57.58  ? 133 LYS A O   1 
ATOM   920  C CB  . LYS A 1 116 ? 4.982   -5.067  -2.937  1.00 64.99  ? 133 LYS A CB  1 
ATOM   921  C CG  . LYS A 1 116 ? 3.493   -5.390  -2.932  1.00 68.40  ? 133 LYS A CG  1 
ATOM   922  C CD  . LYS A 1 116 ? 2.608   -4.247  -3.511  1.00 72.79  ? 133 LYS A CD  1 
ATOM   923  C CE  . LYS A 1 116 ? 1.191   -4.111  -2.752  1.00 72.63  ? 133 LYS A CE  1 
ATOM   924  N NZ  . LYS A 1 116 ? -0.043  -3.777  -3.636  1.00 70.52  ? 133 LYS A NZ  1 
ATOM   925  N N   . ASN A 1 117 ? 7.105   -5.130  -0.463  1.00 50.81  ? 134 ASN A N   1 
ATOM   926  C CA  . ASN A 1 117 ? 7.334   -4.601  0.870   1.00 47.37  ? 134 ASN A CA  1 
ATOM   927  C C   . ASN A 1 117 ? 6.098   -3.918  1.541   1.00 41.26  ? 134 ASN A C   1 
ATOM   928  O O   . ASN A 1 117 ? 6.076   -3.847  2.778   1.00 37.24  ? 134 ASN A O   1 
ATOM   929  C CB  . ASN A 1 117 ? 8.523   -3.602  0.932   1.00 49.20  ? 134 ASN A CB  1 
ATOM   930  C CG  . ASN A 1 117 ? 9.025   -3.305  2.443   1.00 55.51  ? 134 ASN A CG  1 
ATOM   931  O OD1 . ASN A 1 117 ? 8.967   -2.143  2.928   1.00 65.00  ? 134 ASN A OD1 1 
ATOM   932  N ND2 . ASN A 1 117 ? 9.486   -4.348  3.165   1.00 58.16  ? 134 ASN A ND2 1 
ATOM   933  N N   . SER A 1 118 ? 5.086   -3.468  0.761   1.00 33.73  ? 135 SER A N   1 
ATOM   934  C CA  . SER A 1 118 ? 3.982   -2.801  1.408   1.00 32.88  ? 135 SER A CA  1 
ATOM   935  C C   . SER A 1 118 ? 2.875   -3.752  1.880   1.00 30.88  ? 135 SER A C   1 
ATOM   936  O O   . SER A 1 118 ? 2.017   -3.391  2.724   1.00 28.62  ? 135 SER A O   1 
ATOM   937  C CB  . SER A 1 118 ? 3.370   -1.809  0.451   1.00 30.64  ? 135 SER A CB  1 
ATOM   938  O OG  . SER A 1 118 ? 2.860   -2.483  -0.674  1.00 32.71  ? 135 SER A OG  1 
ATOM   939  N N   . CYS A 1 119 ? 2.870   -4.944  1.285   1.00 31.32  ? 136 CYS A N   1 
ATOM   940  C CA  . CYS A 1 119 ? 1.883   -5.964  1.592   1.00 32.36  ? 136 CYS A CA  1 
ATOM   941  C C   . CYS A 1 119 ? 2.477   -7.352  1.224   1.00 34.09  ? 136 CYS A C   1 
ATOM   942  O O   . CYS A 1 119 ? 2.346   -7.752  0.126   1.00 34.40  ? 136 CYS A O   1 
ATOM   943  C CB  . CYS A 1 119 ? 0.601   -5.708  0.878   1.00 32.20  ? 136 CYS A CB  1 
ATOM   944  S SG  . CYS A 1 119 ? -0.833  -6.626  1.682   1.00 30.91  ? 136 CYS A SG  1 
ATOM   945  N N   . ASN A 1 120 ? 3.104   -8.031  2.180   1.00 34.31  ? 137 ASN A N   1 
ATOM   946  C CA  . ASN A 1 120 ? 3.763   -9.330  1.865   1.00 38.40  ? 137 ASN A CA  1 
ATOM   947  C C   . ASN A 1 120 ? 3.089   -10.450 2.685   1.00 37.51  ? 137 ASN A C   1 
ATOM   948  O O   . ASN A 1 120 ? 2.843   -10.280 3.883   1.00 36.77  ? 137 ASN A O   1 
ATOM   949  C CB  . ASN A 1 120 ? 5.242   -9.250  2.198   1.00 39.25  ? 137 ASN A CB  1 
ATOM   950  C CG  . ASN A 1 120 ? 6.032   -10.528 1.791   1.00 45.35  ? 137 ASN A CG  1 
ATOM   951  O OD1 . ASN A 1 120 ? 6.360   -11.326 2.675   1.00 49.52  ? 137 ASN A OD1 1 
ATOM   952  N ND2 . ASN A 1 120 ? 6.234   -10.753 0.476   1.00 43.55  ? 137 ASN A ND2 1 
ATOM   953  N N   . VAL A 1 121 ? 2.680   -11.506 2.009   1.00 38.51  ? 138 VAL A N   1 
ATOM   954  C CA  . VAL A 1 121 ? 2.070   -12.669 2.701   1.00 39.70  ? 138 VAL A CA  1 
ATOM   955  C C   . VAL A 1 121 ? 2.893   -13.946 2.480   1.00 38.68  ? 138 VAL A C   1 
ATOM   956  O O   . VAL A 1 121 ? 3.279   -14.238 1.366   1.00 35.62  ? 138 VAL A O   1 
ATOM   957  C CB  . VAL A 1 121 ? 0.609   -12.880 2.235   1.00 40.87  ? 138 VAL A CB  1 
ATOM   958  C CG1 . VAL A 1 121 ? 0.018   -14.105 2.838   1.00 43.99  ? 138 VAL A CG1 1 
ATOM   959  C CG2 . VAL A 1 121 ? -0.252  -11.566 2.534   1.00 39.95  ? 138 VAL A CG2 1 
ATOM   960  N N   . ARG A 1 122 ? 3.170   -14.672 3.567   1.00 38.29  ? 139 ARG A N   1 
ATOM   961  C CA  . ARG A 1 122 ? 3.916   -15.955 3.440   1.00 39.44  ? 139 ARG A CA  1 
ATOM   962  C C   . ARG A 1 122 ? 3.511   -16.964 4.538   1.00 37.42  ? 139 ARG A C   1 
ATOM   963  O O   . ARG A 1 122 ? 3.100   -16.571 5.634   1.00 34.01  ? 139 ARG A O   1 
ATOM   964  C CB  . ARG A 1 122 ? 5.426   -15.686 3.519   1.00 38.30  ? 139 ARG A CB  1 
ATOM   965  C CG  . ARG A 1 122 ? 5.815   -15.321 4.932   1.00 39.77  ? 139 ARG A CG  1 
ATOM   966  C CD  . ARG A 1 122 ? 7.217   -14.654 5.036   1.00 46.63  ? 139 ARG A CD  1 
ATOM   967  N NE  . ARG A 1 122 ? 7.583   -14.428 6.429   1.00 50.59  ? 139 ARG A NE  1 
ATOM   968  C CZ  . ARG A 1 122 ? 8.127   -15.370 7.266   1.00 53.77  ? 139 ARG A CZ  1 
ATOM   969  N NH1 . ARG A 1 122 ? 8.410   -16.611 6.868   1.00 52.42  ? 139 ARG A NH1 1 
ATOM   970  N NH2 . ARG A 1 122 ? 8.330   -15.062 8.526   1.00 52.70  ? 139 ARG A NH2 1 
ATOM   971  N N   . LYS A 1 123 ? 3.596   -18.248 4.199   1.00 39.17  ? 140 LYS A N   1 
ATOM   972  C CA  . LYS A 1 123 ? 3.298   -19.308 5.195   1.00 41.45  ? 140 LYS A CA  1 
ATOM   973  C C   . LYS A 1 123 ? 4.405   -19.324 6.165   1.00 40.75  ? 140 LYS A C   1 
ATOM   974  O O   . LYS A 1 123 ? 5.508   -19.091 5.753   1.00 43.46  ? 140 LYS A O   1 
ATOM   975  C CB  . LYS A 1 123 ? 3.199   -20.677 4.523   1.00 42.16  ? 140 LYS A CB  1 
ATOM   976  C CG  . LYS A 1 123 ? 2.343   -20.641 3.317   1.00 48.60  ? 140 LYS A CG  1 
ATOM   977  C CD  . LYS A 1 123 ? 1.606   -22.027 3.074   1.00 54.53  ? 140 LYS A CD  1 
ATOM   978  C CE  . LYS A 1 123 ? 2.453   -23.066 2.514   1.00 53.98  ? 140 LYS A CE  1 
ATOM   979  N NZ  . LYS A 1 123 ? 1.735   -24.293 2.196   1.00 54.71  ? 140 LYS A NZ  1 
ATOM   980  N N   . ILE A 1 124 ? 4.131   -19.467 7.438   1.00 41.13  ? 141 ILE A N   1 
ATOM   981  C CA  . ILE A 1 124 ? 5.134   -19.595 8.444   1.00 42.26  ? 141 ILE A CA  1 
ATOM   982  C C   . ILE A 1 124 ? 5.020   -21.038 9.011   1.00 45.41  ? 141 ILE A C   1 
ATOM   983  O O   . ILE A 1 124 ? 4.183   -21.841 8.588   1.00 44.32  ? 141 ILE A O   1 
ATOM   984  C CB  . ILE A 1 124 ? 5.022   -18.589 9.552   1.00 42.30  ? 141 ILE A CB  1 
ATOM   985  C CG1 . ILE A 1 124 ? 3.650   -18.586 10.154  1.00 39.41  ? 141 ILE A CG1 1 
ATOM   986  C CG2 . ILE A 1 124 ? 5.295   -17.178 8.964   1.00 42.38  ? 141 ILE A CG2 1 
ATOM   987  C CD1 . ILE A 1 124 ? 3.549   -17.997 11.509  1.00 38.13  ? 141 ILE A CD1 1 
ATOM   988  N N   . THR A 1 125 ? 5.906   -21.352 9.934   1.00 45.51  ? 142 THR A N   1 
ATOM   989  C CA  . THR A 1 125 ? 5.995   -22.712 10.484  1.00 46.49  ? 142 THR A CA  1 
ATOM   990  C C   . THR A 1 125 ? 4.807   -23.030 11.384  1.00 44.65  ? 142 THR A C   1 
ATOM   991  O O   . THR A 1 125 ? 4.342   -24.155 11.331  1.00 46.07  ? 142 THR A O   1 
ATOM   992  C CB  . THR A 1 125 ? 7.410   -22.936 11.248  1.00 46.91  ? 142 THR A CB  1 
ATOM   993  O OG1 . THR A 1 125 ? 8.459   -22.624 10.317  1.00 46.88  ? 142 THR A OG1 1 
ATOM   994  C CG2 . THR A 1 125 ? 7.676   -24.412 11.478  1.00 48.71  ? 142 THR A CG2 1 
ATOM   995  N N   . THR A 1 126 ? 4.376   -22.086 12.207  1.00 41.82  ? 143 THR A N   1 
ATOM   996  C CA  . THR A 1 126 ? 3.213   -22.254 12.991  1.00 42.95  ? 143 THR A CA  1 
ATOM   997  C C   . THR A 1 126 ? 2.049   -22.881 12.118  1.00 41.29  ? 143 THR A C   1 
ATOM   998  O O   . THR A 1 126 ? 1.760   -22.499 10.973  1.00 38.62  ? 143 THR A O   1 
ATOM   999  C CB  . THR A 1 126 ? 2.793   -20.970 13.604  1.00 43.70  ? 143 THR A CB  1 
ATOM   1000 O OG1 . THR A 1 126 ? 3.864   -20.408 14.386  1.00 47.04  ? 143 THR A OG1 1 
ATOM   1001 C CG2 . THR A 1 126 ? 1.697   -21.195 14.621  1.00 44.92  ? 143 THR A CG2 1 
ATOM   1002 N N   . PHE A 1 127 ? 1.509   -23.966 12.654  1.00 40.09  ? 144 PHE A N   1 
ATOM   1003 C CA  . PHE A 1 127 ? 0.493   -24.743 11.945  1.00 37.45  ? 144 PHE A CA  1 
ATOM   1004 C C   . PHE A 1 127 ? -0.608  -23.819 11.424  1.00 31.89  ? 144 PHE A C   1 
ATOM   1005 O O   . PHE A 1 127 ? -1.162  -23.065 12.183  1.00 33.32  ? 144 PHE A O   1 
ATOM   1006 C CB  . PHE A 1 127 ? -0.151  -25.654 12.988  1.00 38.90  ? 144 PHE A CB  1 
ATOM   1007 C CG  . PHE A 1 127 ? -1.361  -26.382 12.494  1.00 41.06  ? 144 PHE A CG  1 
ATOM   1008 C CD1 . PHE A 1 127 ? -1.289  -27.165 11.357  1.00 44.77  ? 144 PHE A CD1 1 
ATOM   1009 C CD2 . PHE A 1 127 ? -2.551  -26.292 13.199  1.00 44.87  ? 144 PHE A CD2 1 
ATOM   1010 C CE1 . PHE A 1 127 ? -2.440  -27.854 10.894  1.00 45.72  ? 144 PHE A CE1 1 
ATOM   1011 C CE2 . PHE A 1 127 ? -3.690  -26.964 12.704  1.00 45.22  ? 144 PHE A CE2 1 
ATOM   1012 C CZ  . PHE A 1 127 ? -3.591  -27.735 11.575  1.00 41.51  ? 144 PHE A CZ  1 
ATOM   1013 N N   . ASN A 1 128 ? -0.955  -24.034 10.204  1.00 31.18  ? 145 ASN A N   1 
ATOM   1014 C CA  . ASN A 1 128 ? -2.086  -23.438 9.473   1.00 32.98  ? 145 ASN A CA  1 
ATOM   1015 C C   . ASN A 1 128 ? -2.055  -21.902 9.560   1.00 34.32  ? 145 ASN A C   1 
ATOM   1016 O O   . ASN A 1 128 ? -3.042  -21.287 9.925   1.00 33.28  ? 145 ASN A O   1 
ATOM   1017 C CB  . ASN A 1 128 ? -3.463  -23.940 9.991   1.00 32.00  ? 145 ASN A CB  1 
ATOM   1018 C CG  . ASN A 1 128 ? -4.501  -23.792 8.963   1.00 28.66  ? 145 ASN A CG  1 
ATOM   1019 O OD1 . ASN A 1 128 ? -5.550  -23.143 9.221   1.00 33.24  ? 145 ASN A OD1 1 
ATOM   1020 N ND2 . ASN A 1 128 ? -4.237  -24.320 7.789   1.00 27.19  ? 145 ASN A ND2 1 
ATOM   1021 N N   . SER A 1 129 ? -0.862  -21.333 9.341   1.00 35.24  ? 146 SER A N   1 
ATOM   1022 C CA  . SER A 1 129 ? -0.620  -19.939 9.704   1.00 35.92  ? 146 SER A CA  1 
ATOM   1023 C C   . SER A 1 129 ? 0.132   -19.233 8.597   1.00 35.81  ? 146 SER A C   1 
ATOM   1024 O O   . SER A 1 129 ? 0.898   -19.842 7.840   1.00 35.74  ? 146 SER A O   1 
ATOM   1025 C CB  . SER A 1 129 ? 0.083   -19.791 11.006  1.00 35.42  ? 146 SER A CB  1 
ATOM   1026 O OG  . SER A 1 129 ? -0.717  -19.924 12.133  1.00 34.96  ? 146 SER A OG  1 
ATOM   1027 N N   . ILE A 1 130 ? -0.189  -17.930 8.423   1.00 36.37  ? 147 ILE A N   1 
ATOM   1028 C CA  . ILE A 1 130 ? 0.564   -17.083 7.509   1.00 33.82  ? 147 ILE A CA  1 
ATOM   1029 C C   . ILE A 1 130 ? 0.960   -15.838 8.292   1.00 33.42  ? 147 ILE A C   1 
ATOM   1030 O O   . ILE A 1 130 ? 0.368   -15.527 9.298   1.00 31.88  ? 147 ILE A O   1 
ATOM   1031 C CB  . ILE A 1 130 ? -0.253  -16.578 6.300   1.00 35.57  ? 147 ILE A CB  1 
ATOM   1032 C CG1 . ILE A 1 130 ? -1.565  -15.793 6.778   1.00 34.96  ? 147 ILE A CG1 1 
ATOM   1033 C CG2 . ILE A 1 130 ? -0.445  -17.678 5.295   1.00 35.74  ? 147 ILE A CG2 1 
ATOM   1034 C CD1 . ILE A 1 130 ? -2.307  -15.260 5.548   1.00 37.88  ? 147 ILE A CD1 1 
ATOM   1035 N N   . GLU A 1 131 ? 2.034   -15.172 7.855   1.00 34.81  ? 148 GLU A N   1 
ATOM   1036 C CA  . GLU A 1 131 ? 2.411   -13.870 8.414   1.00 34.99  ? 148 GLU A CA  1 
ATOM   1037 C C   . GLU A 1 131 ? 2.156   -12.861 7.305   1.00 33.79  ? 148 GLU A C   1 
ATOM   1038 O O   . GLU A 1 131 ? 2.563   -13.085 6.166   1.00 32.35  ? 148 GLU A O   1 
ATOM   1039 C CB  . GLU A 1 131 ? 3.901   -13.830 8.735   1.00 38.64  ? 148 GLU A CB  1 
ATOM   1040 C CG  . GLU A 1 131 ? 4.345   -12.604 9.531   1.00 40.75  ? 148 GLU A CG  1 
ATOM   1041 C CD  . GLU A 1 131 ? 5.861   -12.433 9.418   1.00 48.89  ? 148 GLU A CD  1 
ATOM   1042 O OE1 . GLU A 1 131 ? 6.434   -12.214 8.274   1.00 45.87  ? 148 GLU A OE1 1 
ATOM   1043 O OE2 . GLU A 1 131 ? 6.412   -12.548 10.519  1.00 52.20  ? 148 GLU A OE2 1 
ATOM   1044 N N   . VAL A 1 132 ? 1.419   -11.815 7.649   1.00 33.11  ? 149 VAL A N   1 
ATOM   1045 C CA  . VAL A 1 132 ? 1.229   -10.672 6.764   1.00 34.10  ? 149 VAL A CA  1 
ATOM   1046 C C   . VAL A 1 132 ? 2.141   -9.563  7.298   1.00 32.63  ? 149 VAL A C   1 
ATOM   1047 O O   . VAL A 1 132 ? 2.122   -9.239  8.486   1.00 30.18  ? 149 VAL A O   1 
ATOM   1048 C CB  . VAL A 1 132 ? -0.208  -10.150 6.820   1.00 34.73  ? 149 VAL A CB  1 
ATOM   1049 C CG1 . VAL A 1 132 ? -0.412  -9.112  5.742   1.00 34.60  ? 149 VAL A CG1 1 
ATOM   1050 C CG2 . VAL A 1 132 ? -1.103  -11.292 6.582   1.00 40.28  ? 149 VAL A CG2 1 
ATOM   1051 N N   . ARG A 1 133 ? 3.010   -9.098  6.419   1.00 33.49  ? 150 ARG A N   1 
ATOM   1052 C CA  . ARG A 1 133 ? 3.922   -7.979  6.729   1.00 33.64  ? 150 ARG A CA  1 
ATOM   1053 C C   . ARG A 1 133 ? 3.664   -6.824  5.733   1.00 31.07  ? 150 ARG A C   1 
ATOM   1054 O O   . ARG A 1 133 ? 3.798   -6.992  4.517   1.00 33.10  ? 150 ARG A O   1 
ATOM   1055 C CB  . ARG A 1 133 ? 5.362   -8.403  6.584   1.00 34.31  ? 150 ARG A CB  1 
ATOM   1056 C CG  . ARG A 1 133 ? 6.305   -7.374  7.307   1.00 39.26  ? 150 ARG A CG  1 
ATOM   1057 C CD  . ARG A 1 133 ? 7.792   -7.625  6.978   1.00 45.72  ? 150 ARG A CD  1 
ATOM   1058 N NE  . ARG A 1 133 ? 8.652   -6.632  7.667   1.00 50.76  ? 150 ARG A NE  1 
ATOM   1059 C CZ  . ARG A 1 133 ? 9.171   -5.527  7.062   1.00 53.12  ? 150 ARG A CZ  1 
ATOM   1060 N NH1 . ARG A 1 133 ? 8.901   -5.243  5.787   1.00 54.52  ? 150 ARG A NH1 1 
ATOM   1061 N NH2 . ARG A 1 133 ? 9.925   -4.685  7.749   1.00 53.15  ? 150 ARG A NH2 1 
ATOM   1062 N N   . GLY A 1 134 ? 3.237   -5.713  6.266   1.00 31.53  ? 151 GLY A N   1 
ATOM   1063 C CA  . GLY A 1 134 ? 2.800   -4.607  5.425   1.00 30.13  ? 151 GLY A CA  1 
ATOM   1064 C C   . GLY A 1 134 ? 2.301   -3.423  6.155   1.00 28.66  ? 151 GLY A C   1 
ATOM   1065 O O   . GLY A 1 134 ? 2.277   -3.393  7.393   1.00 28.43  ? 151 GLY A O   1 
ATOM   1066 N N   . VAL A 1 135 ? 1.811   -2.446  5.381   1.00 28.93  ? 152 VAL A N   1 
ATOM   1067 C CA  . VAL A 1 135 ? 1.234   -1.252  5.948   1.00 28.90  ? 152 VAL A CA  1 
ATOM   1068 C C   . VAL A 1 135 ? -0.111  -1.512  6.563   1.00 28.78  ? 152 VAL A C   1 
ATOM   1069 O O   . VAL A 1 135 ? -0.706  -2.593  6.345   1.00 29.53  ? 152 VAL A O   1 
ATOM   1070 C CB  . VAL A 1 135 ? 1.138   -0.113  4.878   1.00 28.43  ? 152 VAL A CB  1 
ATOM   1071 C CG1 . VAL A 1 135 ? 2.507   0.210   4.390   1.00 29.58  ? 152 VAL A CG1 1 
ATOM   1072 C CG2 . VAL A 1 135 ? 0.184   -0.465  3.755   1.00 31.04  ? 152 VAL A CG2 1 
ATOM   1073 N N   . PRO A 1 136 ? -0.603  -0.633  7.417   1.00 29.09  ? 153 PRO A N   1 
ATOM   1074 C CA  . PRO A 1 136 ? -1.826  -0.969  8.132   1.00 29.27  ? 153 PRO A CA  1 
ATOM   1075 C C   . PRO A 1 136 ? -3.036  -1.348  7.244   1.00 29.64  ? 153 PRO A C   1 
ATOM   1076 O O   . PRO A 1 136 ? -3.759  -2.331  7.590   1.00 28.46  ? 153 PRO A O   1 
ATOM   1077 C CB  . PRO A 1 136 ? -2.130  0.310   8.908   1.00 30.28  ? 153 PRO A CB  1 
ATOM   1078 C CG  . PRO A 1 136 ? -0.798  0.849   9.250   1.00 30.22  ? 153 PRO A CG  1 
ATOM   1079 C CD  . PRO A 1 136 ? 0.057   0.559   8.016   1.00 28.31  ? 153 PRO A CD  1 
ATOM   1080 N N   . GLU A 1 137 ? -3.251  -0.641  6.143   1.00 27.37  ? 154 GLU A N   1 
ATOM   1081 C CA  . GLU A 1 137 ? -4.379  -0.958  5.299   1.00 26.68  ? 154 GLU A CA  1 
ATOM   1082 C C   . GLU A 1 137 ? -4.230  -2.394  4.791   1.00 25.73  ? 154 GLU A C   1 
ATOM   1083 O O   . GLU A 1 137 ? -5.231  -3.099  4.673   1.00 25.56  ? 154 GLU A O   1 
ATOM   1084 C CB  . GLU A 1 137 ? -4.474  -0.013  4.108   1.00 26.67  ? 154 GLU A CB  1 
ATOM   1085 C CG  . GLU A 1 137 ? -5.499  -0.357  3.044   1.00 26.96  ? 154 GLU A CG  1 
ATOM   1086 C CD  . GLU A 1 137 ? -6.932  -0.418  3.512   1.00 32.49  ? 154 GLU A CD  1 
ATOM   1087 O OE1 . GLU A 1 137 ? -7.212  0.167   4.542   1.00 32.75  ? 154 GLU A OE1 1 
ATOM   1088 O OE2 . GLU A 1 137 ? -7.761  -1.073  2.800   1.00 34.90  ? 154 GLU A OE2 1 
ATOM   1089 N N   . CYS A 1 138 ? -3.014  -2.813  4.452   1.00 26.70  ? 155 CYS A N   1 
ATOM   1090 C CA  . CYS A 1 138 ? -2.769  -4.195  4.005   1.00 27.92  ? 155 CYS A CA  1 
ATOM   1091 C C   . CYS A 1 138 ? -3.204  -5.210  5.108   1.00 28.89  ? 155 CYS A C   1 
ATOM   1092 O O   . CYS A 1 138 ? -3.982  -6.106  4.871   1.00 27.37  ? 155 CYS A O   1 
ATOM   1093 C CB  . CYS A 1 138 ? -1.326  -4.364  3.689   1.00 28.30  ? 155 CYS A CB  1 
ATOM   1094 S SG  . CYS A 1 138 ? -0.690  -6.082  3.666   1.00 31.82  ? 155 CYS A SG  1 
ATOM   1095 N N   . ILE A 1 139 ? -2.695  -5.025  6.307   1.00 28.54  ? 156 ILE A N   1 
ATOM   1096 C CA  . ILE A 1 139 ? -3.024  -5.974  7.428   1.00 30.42  ? 156 ILE A CA  1 
ATOM   1097 C C   . ILE A 1 139 ? -4.494  -6.007  7.646   1.00 30.66  ? 156 ILE A C   1 
ATOM   1098 O O   . ILE A 1 139 ? -5.066  -7.055  7.793   1.00 29.30  ? 156 ILE A O   1 
ATOM   1099 C CB  . ILE A 1 139 ? -2.288  -5.544  8.675   1.00 32.36  ? 156 ILE A CB  1 
ATOM   1100 C CG1 . ILE A 1 139 ? -0.794  -5.873  8.411   1.00 37.72  ? 156 ILE A CG1 1 
ATOM   1101 C CG2 . ILE A 1 139 ? -2.724  -6.285  9.938   1.00 32.45  ? 156 ILE A CG2 1 
ATOM   1102 C CD1 . ILE A 1 139 ? -0.001  -5.363  9.420   1.00 42.91  ? 156 ILE A CD1 1 
ATOM   1103 N N   . LYS A 1 140 ? -5.136  -4.850  7.668   1.00 29.53  ? 157 LYS A N   1 
ATOM   1104 C CA  . LYS A 1 140 ? -6.550  -4.834  7.944   1.00 32.08  ? 157 LYS A CA  1 
ATOM   1105 C C   . LYS A 1 140 ? -7.384  -5.539  6.870   1.00 29.36  ? 157 LYS A C   1 
ATOM   1106 O O   . LYS A 1 140 ? -8.326  -6.239  7.175   1.00 27.73  ? 157 LYS A O   1 
ATOM   1107 C CB  . LYS A 1 140 ? -7.064  -3.396  8.127   1.00 34.16  ? 157 LYS A CB  1 
ATOM   1108 C CG  . LYS A 1 140 ? -6.391  -2.797  9.459   1.00 45.61  ? 157 LYS A CG  1 
ATOM   1109 C CD  . LYS A 1 140 ? -6.986  -3.346  10.861  1.00 54.78  ? 157 LYS A CD  1 
ATOM   1110 C CE  . LYS A 1 140 ? -6.037  -3.099  12.090  1.00 58.32  ? 157 LYS A CE  1 
ATOM   1111 N NZ  . LYS A 1 140 ? -6.023  -1.660  12.489  1.00 62.80  ? 157 LYS A NZ  1 
ATOM   1112 N N   . TYR A 1 141 ? -7.062  -5.276  5.640   1.00 27.71  ? 158 TYR A N   1 
ATOM   1113 C CA  . TYR A 1 141 ? -7.825  -5.852  4.565   1.00 29.36  ? 158 TYR A CA  1 
ATOM   1114 C C   . TYR A 1 141 ? -7.617  -7.395  4.517   1.00 28.40  ? 158 TYR A C   1 
ATOM   1115 O O   . TYR A 1 141 ? -8.570  -8.140  4.409   1.00 25.94  ? 158 TYR A O   1 
ATOM   1116 C CB  . TYR A 1 141 ? -7.410  -5.231  3.248   1.00 30.63  ? 158 TYR A CB  1 
ATOM   1117 C CG  . TYR A 1 141 ? -8.059  -5.884  2.067   1.00 34.93  ? 158 TYR A CG  1 
ATOM   1118 C CD1 . TYR A 1 141 ? -9.442  -5.735  1.877   1.00 42.72  ? 158 TYR A CD1 1 
ATOM   1119 C CD2 . TYR A 1 141 ? -7.312  -6.608  1.140   1.00 46.05  ? 158 TYR A CD2 1 
ATOM   1120 C CE1 . TYR A 1 141 ? -10.086 -6.272  0.790   1.00 50.21  ? 158 TYR A CE1 1 
ATOM   1121 C CE2 . TYR A 1 141 ? -7.951  -7.176  0.011   1.00 53.84  ? 158 TYR A CE2 1 
ATOM   1122 C CZ  . TYR A 1 141 ? -9.362  -6.986  -0.157  1.00 54.59  ? 158 TYR A CZ  1 
ATOM   1123 O OH  . TYR A 1 141 ? -10.068 -7.505  -1.238  1.00 65.07  ? 158 TYR A OH  1 
ATOM   1124 N N   . ILE A 1 142 ? -6.405  -7.840  4.680   1.00 28.44  ? 159 ILE A N   1 
ATOM   1125 C CA  . ILE A 1 142 ? -6.129  -9.293  4.580   1.00 30.49  ? 159 ILE A CA  1 
ATOM   1126 C C   . ILE A 1 142 ? -6.725  -9.989  5.796   1.00 28.49  ? 159 ILE A C   1 
ATOM   1127 O O   . ILE A 1 142 ? -7.285  -11.041 5.657   1.00 28.60  ? 159 ILE A O   1 
ATOM   1128 C CB  . ILE A 1 142 ? -4.596  -9.579  4.532   1.00 30.14  ? 159 ILE A CB  1 
ATOM   1129 C CG1 . ILE A 1 142 ? -3.930  -9.127  3.277   1.00 35.61  ? 159 ILE A CG1 1 
ATOM   1130 C CG2 . ILE A 1 142 ? -4.281  -11.090 4.673   1.00 35.46  ? 159 ILE A CG2 1 
ATOM   1131 C CD1 . ILE A 1 142 ? -4.685  -9.358  2.119   1.00 40.44  ? 159 ILE A CD1 1 
ATOM   1132 N N   . THR A 1 143 ? -6.686  -9.365  6.954   1.00 28.18  ? 160 THR A N   1 
ATOM   1133 C CA  . THR A 1 143 ? -7.252  -9.933  8.174   1.00 29.46  ? 160 THR A CA  1 
ATOM   1134 C C   . THR A 1 143 ? -8.786  -10.060 8.088   1.00 30.09  ? 160 THR A C   1 
ATOM   1135 O O   . THR A 1 143 ? -9.312  -11.122 8.401   1.00 27.88  ? 160 THR A O   1 
ATOM   1136 C CB  . THR A 1 143 ? -6.890  -9.063  9.395   1.00 30.06  ? 160 THR A CB  1 
ATOM   1137 O OG1 . THR A 1 143 ? -5.487  -9.076  9.584   1.00 31.54  ? 160 THR A OG1 1 
ATOM   1138 C CG2 . THR A 1 143 ? -7.539  -9.578  10.758  1.00 37.08  ? 160 THR A CG2 1 
ATOM   1139 N N   . SER A 1 144 ? -9.482  -8.997  7.628   1.00 29.02  ? 161 SER A N   1 
ATOM   1140 C CA  . SER A 1 144 ? -10.945 -9.012  7.383   1.00 30.41  ? 161 SER A CA  1 
ATOM   1141 C C   . SER A 1 144 ? -11.332 -10.026 6.338   1.00 29.08  ? 161 SER A C   1 
ATOM   1142 O O   . SER A 1 144 ? -12.259 -10.750 6.573   1.00 30.62  ? 161 SER A O   1 
ATOM   1143 C CB  . SER A 1 144 ? -11.531 -7.654  6.897   1.00 30.29  ? 161 SER A CB  1 
ATOM   1144 O OG  . SER A 1 144 ? -11.274 -6.764  7.939   1.00 39.48  ? 161 SER A OG  1 
ATOM   1145 N N   . LEU A 1 145 ? -10.632 -10.105 5.211   1.00 30.44  ? 162 LEU A N   1 
ATOM   1146 C CA  . LEU A 1 145 ? -10.964 -11.066 4.199   1.00 32.02  ? 162 LEU A CA  1 
ATOM   1147 C C   . LEU A 1 145 ? -10.823 -12.512 4.758   1.00 30.74  ? 162 LEU A C   1 
ATOM   1148 O O   . LEU A 1 145 ? -11.674 -13.378 4.486   1.00 30.31  ? 162 LEU A O   1 
ATOM   1149 C CB  . LEU A 1 145 ? -10.023 -11.020 3.013   1.00 33.43  ? 162 LEU A CB  1 
ATOM   1150 C CG  . LEU A 1 145 ? -10.162 -10.006 1.869   1.00 43.46  ? 162 LEU A CG  1 
ATOM   1151 C CD1 . LEU A 1 145 ? -9.016  -10.244 0.767   1.00 46.50  ? 162 LEU A CD1 1 
ATOM   1152 C CD2 . LEU A 1 145 ? -11.556 -10.051 1.216   1.00 51.51  ? 162 LEU A CD2 1 
ATOM   1153 N N   . SER A 1 146 ? -9.744  -12.748 5.507   1.00 29.53  ? 163 SER A N   1 
ATOM   1154 C CA  . SER A 1 146 ? -9.437  -14.091 6.073   1.00 30.08  ? 163 SER A CA  1 
ATOM   1155 C C   . SER A 1 146 ? -10.494 -14.495 7.053   1.00 29.78  ? 163 SER A C   1 
ATOM   1156 O O   . SER A 1 146 ? -10.894 -15.640 7.047   1.00 30.81  ? 163 SER A O   1 
ATOM   1157 C CB  . SER A 1 146 ? -8.056  -14.083 6.717   1.00 30.77  ? 163 SER A CB  1 
ATOM   1158 O OG  . SER A 1 146 ? -7.079  -13.832 5.675   1.00 33.21  ? 163 SER A OG  1 
ATOM   1159 N N   . GLU A 1 147 ? -10.934 -13.573 7.906   1.00 29.99  ? 164 GLU A N   1 
ATOM   1160 C CA  . GLU A 1 147 ? -11.979 -13.854 8.872   1.00 31.31  ? 164 GLU A CA  1 
ATOM   1161 C C   . GLU A 1 147 ? -13.249 -14.256 8.157   1.00 31.37  ? 164 GLU A C   1 
ATOM   1162 O O   . GLU A 1 147 ? -13.885 -15.162 8.559   1.00 29.73  ? 164 GLU A O   1 
ATOM   1163 C CB  . GLU A 1 147 ? -12.317 -12.667 9.771   1.00 31.47  ? 164 GLU A CB  1 
ATOM   1164 C CG  . GLU A 1 147 ? -11.260 -12.278 10.764  1.00 41.78  ? 164 GLU A CG  1 
ATOM   1165 C CD  . GLU A 1 147 ? -11.513 -10.920 11.481  1.00 49.56  ? 164 GLU A CD  1 
ATOM   1166 O OE1 . GLU A 1 147 ? -12.655 -10.389 11.380  1.00 57.51  ? 164 GLU A OE1 1 
ATOM   1167 O OE2 . GLU A 1 147 ? -10.566 -10.417 12.182  1.00 52.55  ? 164 GLU A OE2 1 
ATOM   1168 N N   . SER A 1 148 ? -13.626 -13.535 7.091   1.00 31.58  ? 165 SER A N   1 
ATOM   1169 C CA  . SER A 1 148 ? -14.820 -13.913 6.329   1.00 32.48  ? 165 SER A CA  1 
ATOM   1170 C C   . SER A 1 148 ? -14.707 -15.263 5.616   1.00 32.22  ? 165 SER A C   1 
ATOM   1171 O O   . SER A 1 148 ? -15.650 -16.050 5.642   1.00 29.48  ? 165 SER A O   1 
ATOM   1172 C CB  . SER A 1 148 ? -15.202 -12.829 5.314   1.00 34.47  ? 165 SER A CB  1 
ATOM   1173 O OG  . SER A 1 148 ? -15.493 -11.602 6.008   1.00 37.42  ? 165 SER A OG  1 
ATOM   1174 N N   . LEU A 1 149 ? -13.576 -15.514 4.980   1.00 31.51  ? 166 LEU A N   1 
ATOM   1175 C CA  . LEU A 1 149 ? -13.299 -16.767 4.347   1.00 31.85  ? 166 LEU A CA  1 
ATOM   1176 C C   . LEU A 1 149 ? -13.308 -17.907 5.323   1.00 31.55  ? 166 LEU A C   1 
ATOM   1177 O O   . LEU A 1 149 ? -13.801 -19.056 4.986   1.00 30.92  ? 166 LEU A O   1 
ATOM   1178 C CB  . LEU A 1 149 ? -12.012 -16.764 3.559   1.00 32.37  ? 166 LEU A CB  1 
ATOM   1179 C CG  . LEU A 1 149 ? -12.026 -15.829 2.375   1.00 35.27  ? 166 LEU A CG  1 
ATOM   1180 C CD1 . LEU A 1 149 ? -10.552 -15.636 1.856   1.00 35.97  ? 166 LEU A CD1 1 
ATOM   1181 C CD2 . LEU A 1 149 ? -12.928 -16.354 1.221   1.00 34.82  ? 166 LEU A CD2 1 
ATOM   1182 N N   . ASP A 1 150 ? -12.914 -17.617 6.534   1.00 30.57  ? 167 ASP A N   1 
ATOM   1183 C CA  . ASP A 1 150 ? -12.879 -18.644 7.551   1.00 31.87  ? 167 ASP A CA  1 
ATOM   1184 C C   . ASP A 1 150 ? -14.334 -18.900 8.039   1.00 33.62  ? 167 ASP A C   1 
ATOM   1185 O O   . ASP A 1 150 ? -14.717 -20.027 8.342   1.00 29.69  ? 167 ASP A O   1 
ATOM   1186 C CB  . ASP A 1 150 ? -12.013 -18.197 8.707   1.00 31.35  ? 167 ASP A CB  1 
ATOM   1187 C CG  . ASP A 1 150 ? -11.590 -19.341 9.667   1.00 29.98  ? 167 ASP A CG  1 
ATOM   1188 O OD1 . ASP A 1 150 ? -11.439 -20.489 9.224   1.00 27.39  ? 167 ASP A OD1 1 
ATOM   1189 O OD2 . ASP A 1 150 ? -11.290 -19.078 10.856  1.00 27.21  ? 167 ASP A OD2 1 
ATOM   1190 N N   . LYS A 1 151 ? -15.115 -17.845 8.148   1.00 33.72  ? 168 LYS A N   1 
ATOM   1191 C CA  . LYS A 1 151 ? -16.494 -17.975 8.523   1.00 36.83  ? 168 LYS A CA  1 
ATOM   1192 C C   . LYS A 1 151 ? -17.298 -18.800 7.467   1.00 37.67  ? 168 LYS A C   1 
ATOM   1193 O O   . LYS A 1 151 ? -18.100 -19.680 7.863   1.00 37.40  ? 168 LYS A O   1 
ATOM   1194 C CB  . LYS A 1 151 ? -17.086 -16.615 8.865   1.00 38.75  ? 168 LYS A CB  1 
ATOM   1195 C CG  . LYS A 1 151 ? -18.407 -16.767 9.462   1.00 48.70  ? 168 LYS A CG  1 
ATOM   1196 C CD  . LYS A 1 151 ? -18.879 -15.627 10.369  1.00 61.24  ? 168 LYS A CD  1 
ATOM   1197 C CE  . LYS A 1 151 ? -20.276 -16.040 11.131  1.00 66.34  ? 168 LYS A CE  1 
ATOM   1198 N NZ  . LYS A 1 151 ? -20.900 -14.911 11.979  1.00 70.47  ? 168 LYS A NZ  1 
ATOM   1199 N N   . GLU A 1 152 ? -16.963 -18.658 6.185   1.00 36.86  ? 169 GLU A N   1 
ATOM   1200 C CA  . GLU A 1 152 ? -17.621 -19.404 5.145   1.00 39.00  ? 169 GLU A CA  1 
ATOM   1201 C C   . GLU A 1 152 ? -17.206 -20.899 5.266   1.00 40.43  ? 169 GLU A C   1 
ATOM   1202 O O   . GLU A 1 152 ? -18.076 -21.787 5.195   1.00 39.42  ? 169 GLU A O   1 
ATOM   1203 C CB  . GLU A 1 152 ? -17.341 -18.918 3.729   1.00 38.21  ? 169 GLU A CB  1 
ATOM   1204 C CG  . GLU A 1 152 ? -17.984 -19.832 2.672   1.00 40.45  ? 169 GLU A CG  1 
ATOM   1205 C CD  . GLU A 1 152 ? -17.673 -19.449 1.241   1.00 40.81  ? 169 GLU A CD  1 
ATOM   1206 O OE1 . GLU A 1 152 ? -17.312 -18.307 1.000   1.00 40.03  ? 169 GLU A OE1 1 
ATOM   1207 O OE2 . GLU A 1 152 ? -17.743 -20.290 0.311   1.00 43.35  ? 169 GLU A OE2 1 
ATOM   1208 N N   . ALA A 1 153 ? -15.920 -21.190 5.432   1.00 39.91  ? 170 ALA A N   1 
ATOM   1209 C CA  . ALA A 1 153 ? -15.488 -22.570 5.695   1.00 41.36  ? 170 ALA A CA  1 
ATOM   1210 C C   . ALA A 1 153 ? -16.151 -23.178 6.947   1.00 41.87  ? 170 ALA A C   1 
ATOM   1211 O O   . ALA A 1 153 ? -16.425 -24.366 6.983   1.00 44.88  ? 170 ALA A O   1 
ATOM   1212 C CB  . ALA A 1 153 ? -13.979 -22.641 5.773   1.00 41.05  ? 170 ALA A CB  1 
ATOM   1213 N N   . GLN A 1 154 ? -16.430 -22.414 7.956   1.00 43.81  ? 171 GLN A N   1 
ATOM   1214 C CA  . GLN A 1 154 ? -17.079 -22.981 9.123   1.00 48.81  ? 171 GLN A CA  1 
ATOM   1215 C C   . GLN A 1 154 ? -18.536 -23.447 8.857   1.00 54.60  ? 171 GLN A C   1 
ATOM   1216 O O   . GLN A 1 154 ? -19.026 -24.357 9.505   1.00 53.91  ? 171 GLN A O   1 
ATOM   1217 C CB  . GLN A 1 154 ? -17.157 -21.952 10.216  1.00 48.16  ? 171 GLN A CB  1 
ATOM   1218 C CG  . GLN A 1 154 ? -17.877 -22.389 11.501  1.00 49.19  ? 171 GLN A CG  1 
ATOM   1219 C CD  . GLN A 1 154 ? -17.923 -21.267 12.516  1.00 53.20  ? 171 GLN A CD  1 
ATOM   1220 O OE1 . GLN A 1 154 ? -17.895 -20.089 12.176  1.00 59.28  ? 171 GLN A OE1 1 
ATOM   1221 N NE2 . GLN A 1 154 ? -18.020 -21.618 13.757  1.00 57.72  ? 171 GLN A NE2 1 
ATOM   1222 N N   . SER A 1 155 ? -19.245 -22.726 7.983   1.00 60.48  ? 172 SER A N   1 
ATOM   1223 C CA  . SER A 1 155 ? -20.614 -23.060 7.564   1.00 65.11  ? 172 SER A CA  1 
ATOM   1224 C C   . SER A 1 155 ? -20.711 -24.443 6.901   1.00 68.38  ? 172 SER A C   1 
ATOM   1225 O O   . SER A 1 155 ? -21.591 -25.216 7.257   1.00 70.53  ? 172 SER A O   1 
ATOM   1226 C CB  . SER A 1 155 ? -21.132 -21.954 6.672   1.00 65.77  ? 172 SER A CB  1 
ATOM   1227 O OG  . SER A 1 155 ? -22.429 -22.242 6.234   1.00 71.40  ? 172 SER A OG  1 
ATOM   1228 N N   . LYS A 1 156 ? -19.799 -24.807 6.014   1.00 71.77  ? 173 LYS A N   1 
ATOM   1229 C CA  . LYS A 1 156 ? -19.752 -26.182 5.507   1.00 74.44  ? 173 LYS A CA  1 
ATOM   1230 C C   . LYS A 1 156 ? -19.172 -27.326 6.455   1.00 75.63  ? 173 LYS A C   1 
ATOM   1231 O O   . LYS A 1 156 ? -19.743 -28.399 6.775   1.00 75.22  ? 173 LYS A O   1 
ATOM   1232 C CB  . LYS A 1 156 ? -19.021 -26.202 4.155   1.00 75.66  ? 173 LYS A CB  1 
ATOM   1233 C CG  . LYS A 1 156 ? -19.339 -27.468 3.284   1.00 79.68  ? 173 LYS A CG  1 
ATOM   1234 C CD  . LYS A 1 156 ? -20.912 -27.639 2.945   1.00 83.06  ? 173 LYS A CD  1 
ATOM   1235 C CE  . LYS A 1 156 ? -21.182 -28.803 1.945   1.00 84.11  ? 173 LYS A CE  1 
ATOM   1236 N NZ  . LYS A 1 156 ? -20.232 -29.949 2.179   1.00 86.20  ? 173 LYS A NZ  1 
ATOM   1237 O OXT . LYS A 1 156 ? -18.068 -27.440 7.023   1.00 76.60  ? 173 LYS A OXT 1 
HETATM 1238 S S   . SO4 B 2 .   ? 6.360   -5.747  14.082  1.00 75.44  ? 1   SO4 A S   1 
HETATM 1239 O O1  . SO4 B 2 .   ? 5.064   -6.332  13.812  1.00 73.78  ? 1   SO4 A O1  1 
HETATM 1240 O O2  . SO4 B 2 .   ? 5.922   -4.359  14.339  1.00 80.12  ? 1   SO4 A O2  1 
HETATM 1241 O O3  . SO4 B 2 .   ? 6.891   -6.339  15.322  1.00 76.76  ? 1   SO4 A O3  1 
HETATM 1242 O O4  . SO4 B 2 .   ? 7.311   -5.896  12.955  1.00 70.93  ? 1   SO4 A O4  1 
HETATM 1243 S S   . SO4 C 2 .   ? 8.868   -18.779 10.217  1.00 74.80  ? 2   SO4 A S   1 
HETATM 1244 O O1  . SO4 C 2 .   ? 10.138  -18.756 10.908  1.00 80.35  ? 2   SO4 A O1  1 
HETATM 1245 O O2  . SO4 C 2 .   ? 8.988   -19.498 8.951   1.00 67.61  ? 2   SO4 A O2  1 
HETATM 1246 O O3  . SO4 C 2 .   ? 7.936   -19.437 11.128  1.00 76.95  ? 2   SO4 A O3  1 
HETATM 1247 O O4  . SO4 C 2 .   ? 8.538   -17.362 10.104  1.00 77.41  ? 2   SO4 A O4  1 
HETATM 1248 S S   . SO4 D 2 .   ? 4.114   28.924  -2.380  1.00 103.71 ? 3   SO4 A S   1 
HETATM 1249 O O1  . SO4 D 2 .   ? 3.805   28.257  -3.662  1.00 103.36 ? 3   SO4 A O1  1 
HETATM 1250 O O2  . SO4 D 2 .   ? 3.352   30.167  -2.222  1.00 104.46 ? 3   SO4 A O2  1 
HETATM 1251 O O3  . SO4 D 2 .   ? 3.770   28.046  -1.249  1.00 102.85 ? 3   SO4 A O3  1 
HETATM 1252 O O4  . SO4 D 2 .   ? 5.507   29.315  -2.404  1.00 100.04 ? 3   SO4 A O4  1 
HETATM 1253 O O   . HOH E 3 .   ? 1.228   -2.236  9.633   1.00 31.63  ? 4   HOH A O   1 
HETATM 1254 O O   . HOH E 3 .   ? -7.253  11.732  1.525   1.00 24.57  ? 5   HOH A O   1 
HETATM 1255 O O   . HOH E 3 .   ? -3.275  8.077   9.753   1.00 29.56  ? 6   HOH A O   1 
HETATM 1256 O O   . HOH E 3 .   ? -9.757  4.618   -8.172  1.00 34.38  ? 7   HOH A O   1 
HETATM 1257 O O   . HOH E 3 .   ? 6.362   1.737   -1.454  1.00 30.68  ? 8   HOH A O   1 
HETATM 1258 O O   . HOH E 3 .   ? -9.362  0.740   -1.011  1.00 37.44  ? 9   HOH A O   1 
HETATM 1259 O O   . HOH E 3 .   ? 9.346   5.801   8.173   1.00 31.87  ? 10  HOH A O   1 
HETATM 1260 O O   . HOH E 3 .   ? -4.547  3.144   8.184   1.00 32.72  ? 11  HOH A O   1 
HETATM 1261 O O   . HOH E 3 .   ? 11.499  4.030   3.464   1.00 32.04  ? 12  HOH A O   1 
HETATM 1262 O O   . HOH E 3 .   ? -0.027  11.204  -17.106 1.00 39.01  ? 13  HOH A O   1 
HETATM 1263 O O   . HOH E 3 .   ? -6.956  -2.770  0.081   1.00 41.30  ? 14  HOH A O   1 
HETATM 1264 O O   . HOH E 3 .   ? -6.596  14.334  0.745   1.00 28.58  ? 16  HOH A O   1 
HETATM 1265 O O   . HOH E 3 .   ? -9.060  -18.436 13.584  1.00 41.73  ? 17  HOH A O   1 
HETATM 1266 O O   . HOH E 3 .   ? 3.153   16.628  5.690   1.00 24.62  ? 174 HOH A O   1 
HETATM 1267 O O   . HOH E 3 .   ? -4.857  10.071  7.872   1.00 24.41  ? 175 HOH A O   1 
HETATM 1268 O O   . HOH E 3 .   ? -8.344  -25.118 13.777  1.00 23.73  ? 176 HOH A O   1 
HETATM 1269 O O   . HOH E 3 .   ? -2.670  -26.372 6.892   1.00 47.10  ? 177 HOH A O   1 
HETATM 1270 O O   . HOH E 3 .   ? 11.264  -5.805  10.970  1.00 51.83  ? 178 HOH A O   1 
HETATM 1271 O O   . HOH E 3 .   ? -6.259  -15.435 12.994  1.00 41.51  ? 179 HOH A O   1 
HETATM 1272 O O   . HOH E 3 .   ? 13.800  5.851   2.607   1.00 49.77  ? 180 HOH A O   1 
HETATM 1273 O O   . HOH E 3 .   ? 8.876   0.009   1.633   1.00 39.05  ? 181 HOH A O   1 
HETATM 1274 O O   . HOH E 3 .   ? 3.416   -1.127  -2.938  1.00 39.98  ? 182 HOH A O   1 
HETATM 1275 O O   . HOH E 3 .   ? 12.080  20.173  1.558   1.00 44.73  ? 183 HOH A O   1 
HETATM 1276 O O   . HOH E 3 .   ? 5.160   -11.828 5.138   1.00 39.18  ? 184 HOH A O   1 
HETATM 1277 O O   . HOH E 3 .   ? -10.641 -16.682 11.621  1.00 35.26  ? 185 HOH A O   1 
HETATM 1278 O O   . HOH E 3 .   ? -1.532  -22.882 14.535  1.00 42.94  ? 186 HOH A O   1 
HETATM 1279 O O   . HOH E 3 .   ? -6.812  12.364  -5.723  1.00 35.39  ? 187 HOH A O   1 
HETATM 1280 O O   . HOH E 3 .   ? 4.650   6.430   12.531  1.00 44.32  ? 188 HOH A O   1 
HETATM 1281 O O   . HOH E 3 .   ? -6.328  -23.399 13.399  1.00 33.35  ? 189 HOH A O   1 
HETATM 1282 O O   . HOH E 3 .   ? -5.557  0.625   -11.515 1.00 46.68  ? 190 HOH A O   1 
HETATM 1283 O O   . HOH E 3 .   ? -13.632 -18.573 12.643  1.00 54.25  ? 191 HOH A O   1 
HETATM 1284 O O   . HOH E 3 .   ? 11.559  12.084  6.930   1.00 44.20  ? 192 HOH A O   1 
HETATM 1285 O O   . HOH E 3 .   ? -4.221  9.078   12.323  1.00 39.09  ? 193 HOH A O   1 
HETATM 1286 O O   . HOH E 3 .   ? 14.397  20.940  -0.692  1.00 44.88  ? 194 HOH A O   1 
HETATM 1287 O O   . HOH E 3 .   ? 9.986   10.069  9.785   1.00 46.58  ? 195 HOH A O   1 
HETATM 1288 O O   . HOH E 3 .   ? 0.680   -1.081  -8.728  1.00 44.93  ? 196 HOH A O   1 
HETATM 1289 O O   . HOH E 3 .   ? 10.158  18.542  7.414   1.00 38.83  ? 197 HOH A O   1 
HETATM 1290 O O   . HOH E 3 .   ? -4.090  -9.411  11.810  1.00 42.52  ? 198 HOH A O   1 
HETATM 1291 O O   . HOH E 3 .   ? -8.417  -13.081 10.286  1.00 53.74  ? 199 HOH A O   1 
HETATM 1292 O O   . HOH E 3 .   ? 0.450   -5.861  13.075  1.00 46.56  ? 200 HOH A O   1 
HETATM 1293 O O   . HOH E 3 .   ? -2.834  -25.887 3.992   1.00 48.15  ? 201 HOH A O   1 
HETATM 1294 O O   . HOH E 3 .   ? 9.573   -0.724  8.522   1.00 39.06  ? 202 HOH A O   1 
HETATM 1295 O O   . HOH E 3 .   ? -9.174  -6.498  10.028  1.00 45.78  ? 203 HOH A O   1 
HETATM 1296 O O   . HOH E 3 .   ? -1.888  -21.783 -2.136  1.00 53.11  ? 204 HOH A O   1 
HETATM 1297 O O   . HOH E 3 .   ? -7.456  16.848  -3.736  1.00 41.30  ? 205 HOH A O   1 
HETATM 1298 O O   . HOH E 3 .   ? 11.357  16.143  7.235   1.00 42.97  ? 206 HOH A O   1 
HETATM 1299 O O   . HOH E 3 .   ? -1.781  -18.089 15.674  1.00 47.28  ? 207 HOH A O   1 
HETATM 1300 O O   . HOH E 3 .   ? 0.427   8.778   -20.528 1.00 49.74  ? 208 HOH A O   1 
HETATM 1301 O O   . HOH E 3 .   ? 0.398   -11.462 15.311  1.00 53.82  ? 209 HOH A O   1 
HETATM 1302 O O   . HOH E 3 .   ? -8.422  14.662  -9.181  1.00 43.63  ? 210 HOH A O   1 
HETATM 1303 O O   . HOH E 3 .   ? 13.772  12.912  5.280   1.00 56.06  ? 211 HOH A O   1 
HETATM 1304 O O   . HOH E 3 .   ? -11.459 -10.750 -4.613  1.00 56.45  ? 212 HOH A O   1 
HETATM 1305 O O   . HOH E 3 .   ? 0.586   3.227   12.082  1.00 49.78  ? 213 HOH A O   1 
HETATM 1306 O O   . HOH E 3 .   ? 5.899   11.125  11.756  1.00 48.74  ? 214 HOH A O   1 
HETATM 1307 O O   . HOH E 3 .   ? -4.570  -11.931 12.980  1.00 47.83  ? 215 HOH A O   1 
HETATM 1308 O O   . HOH E 3 .   ? 9.926   23.572  4.174   1.00 56.13  ? 216 HOH A O   1 
HETATM 1309 O O   . HOH E 3 .   ? 0.898   16.519  -15.070 1.00 48.99  ? 217 HOH A O   1 
HETATM 1310 O O   . HOH E 3 .   ? 4.178   20.249  8.142   1.00 57.97  ? 218 HOH A O   1 
HETATM 1311 O O   . HOH E 3 .   ? 1.637   0.769   12.452  1.00 46.37  ? 219 HOH A O   1 
HETATM 1312 O O   . HOH E 3 .   ? 0.084   7.262   11.121  1.00 49.67  ? 220 HOH A O   1 
HETATM 1313 O O   . HOH E 3 .   ? 3.295   24.918  -8.464  1.00 48.80  ? 221 HOH A O   1 
HETATM 1314 O O   . HOH E 3 .   ? -3.663  0.653   -13.866 1.00 46.29  ? 222 HOH A O   1 
HETATM 1315 O O   . HOH E 3 .   ? -7.330  13.683  -3.781  1.00 34.54  ? 223 HOH A O   1 
HETATM 1316 O O   . HOH E 3 .   ? -5.203  15.682  2.755   0.50 34.13  ? 224 HOH A O   1 
HETATM 1317 O O   . HOH E 3 .   ? 1.030   -1.552  -3.838  1.00 32.76  ? 225 HOH A O   1 
HETATM 1318 O O   . HOH E 3 .   ? -2.861  5.502   9.677   1.00 42.80  ? 226 HOH A O   1 
HETATM 1319 O O   . HOH E 3 .   ? 0.097   19.306  -7.732  1.00 53.10  ? 227 HOH A O   1 
HETATM 1320 O O   . HOH E 3 .   ? 10.435  18.509  -19.109 1.00 44.74  ? 228 HOH A O   1 
HETATM 1321 O O   . HOH E 3 .   ? 10.929  7.871   9.688   1.00 49.19  ? 229 HOH A O   1 
HETATM 1322 O O   . HOH E 3 .   ? -1.655  13.258  -16.676 1.00 45.07  ? 230 HOH A O   1 
HETATM 1323 O O   . HOH E 3 .   ? -7.075  -12.955 12.573  1.00 46.12  ? 231 HOH A O   1 
HETATM 1324 O O   . HOH E 3 .   ? -5.662  19.703  -5.438  1.00 54.19  ? 232 HOH A O   1 
HETATM 1325 O O   . HOH E 3 .   ? -10.200 -1.734  3.338   1.00 55.39  ? 233 HOH A O   1 
HETATM 1326 O O   . HOH E 3 .   ? 0.803   17.081  7.690   1.00 50.67  ? 234 HOH A O   1 
HETATM 1327 O O   . HOH E 3 .   ? 4.760   28.657  1.618   1.00 54.49  ? 235 HOH A O   1 
HETATM 1328 O O   . HOH E 3 .   ? -8.686  -15.829 9.975   1.00 47.59  ? 236 HOH A O   1 
HETATM 1329 O O   . HOH E 3 .   ? 8.842   -3.929  -2.868  1.00 54.34  ? 237 HOH A O   1 
# 
